data_6DBU
#
_entry.id   6DBU
#
_cell.length_a   1
_cell.length_b   1
_cell.length_c   1
_cell.angle_alpha   90.00
_cell.angle_beta   90.00
_cell.angle_gamma   90.00
#
_symmetry.space_group_name_H-M   'P 1'
#
loop_
_entity.id
_entity.type
_entity.pdbx_description
1 polymer 'Recombination activating gene 1 - MBP chimera'
2 polymer 'Recombination activating gene 2'
3 polymer 'Forward strand RSS substrate DNA'
4 polymer 'Reverse strand RSS substrate DNA'
5 non-polymer 'ZINC ION'
6 non-polymer 'CALCIUM ION'
#
loop_
_entity_poly.entity_id
_entity_poly.type
_entity_poly.pdbx_seq_one_letter_code
_entity_poly.pdbx_strand_id
1 'polypeptide(L)'
;MGSSHHHHHHGTKTEEGKLVIWINGDKGYNGLAEVGKKFEKDTGIKVTVEHPDKLEEKFPQVAATGDGPDIIFWAHDRFG
GYAQSGLLAEITPDKAFQDKLYPFTWDAVRYNGKLIAYPIAVEALSLIYNKDLLPNPPKTWEEIPALDKELKAKGKSALM
FNLQEPYFTWPLIAADGGYAFKYENGKYDIKDVGVDNAGAKAGLTFLVDLIKNKHMNADTDYSIAEAAFNKGETAMTING
PWAWSNIDTSKVNYGVTVLPTFKGQPSKPFVGVLSAGINAASPNKELAKEFLENYLLTDEGLEAVNKDKPLGAVALKSYE
EELAKDPRIAATMENAQKGEIMPNIPQMSAFWYAVRTAVINAASGRQTVDEALKDAQTGTDYDIPTTLEVLFQGPLGSRC
QRDHLSTKLIPTEVPADLIRAVTCQVCDHLLSDPVQSPCRHLFCRLCIIRYTHALGPNCPTCNQHLNPSHLIKPAKFFLA
TLSSLPLLCPSEECSDWVRLDSFREHCLNHYREKESQEEQTPSEQNLDGYLPVNKGGRPRQHLLSLTRRAQKHRLRDLKN
QVKTFAEKEEGGDVKSVCLTLFLLALRAGNEHKQADELEAMMQGRGFGLHPAVCLAIRVNTFLSCSQYHKMYRTVKATSG
RQIFQPLHTLRNAEKELLPGFHQFEWQPALKNVSTSWDVGIIDGLSGWTVSVDDVPADTISRRFRYDVALVSALKDLEED
IMEGLRERALDDSMCTSGFTVVVKESCDGMGDVSEKHGSGPAVPEKAVRFSFTIMSISIRLEGEDDGITIFQEQKPNSEL
SCRPLCLMFVDESDHETLTAILGPVVAERKAMMESRLIISVGGLLRSFRFFFRGTGYDEKMVREMEGLEASGSTYICTLC
DSTRAEASQNMVLHSITRSHDENLERYEIWRKNPFSESADELRDRVKGVSAKPFMETQPTLDALHCDIGNATEFYKIFQD
EIGEVYQKPNPSREERRRWRSTLDKQLRKKMKLKPVMRMNGNYARRLMTREAVEAVCELVPSEERREALLKLMDLYLQMK
PVWRSTCPSRDCPDQLCQYSYNSQQFADLLSSMFKYRYDGKITNYLHKTLAHVPEIVERDGSIGAWASEGNESGNKLFRR
FRKMNARQSKTFELEDILKHHWLYTSKYLQKFMEAHKNS
;
A,C
2 'polypeptide(L)'
;GGSMSLQPLTAVNCGSLVQPGFSLLDLEGDVYLFGQKGWPKRSCPTGIFGVRIKKGELKLRAISFSNNSSYLPPLRCPAI
AHFEAQDGKPECYLIHGGRTPNNELSSSLYMLSVDSRGCNRKVTLRCEEKELVGDVPSARYGHTLSVINSRGKTACVLFG
GRSYMPPTERTTQNWNSVVDCPPQVYLIDLEFGCCTAHTLPELTDGQSFHVALARQDCVYFLGGHILSSDCRPSRLIRLH
VELLLGSPVLTCTILHEGLTITSAIASPIGYHEYIIFGGYQSETQKRMECTYVGLDDVGVHMESREPPQWTSEISHSRTW
FGGSLGKGTALVAIPSEGNPTPPEAYHFYQVSFQKEQDGEATAQGGSQESTDFEDSAPLEDSEELYFGREPHELEYSSDV
EGDTYNEEDEEDESQTGYWIKCCLSCQVDPNIWEPYYSTELTRPAMIFCSRGEGGHWVHAQCMELPESLLLQLSQDNSKY
FCLDHGGLPKQEMTPPKQMLPVKRVPMKMTHRKAPVSLKMTPAKKTFLRRLFD
;
B,D
3 'polydeoxyribonucleotide'
;(DG)(DA)(DT)(DC)(DT)(DG)(DG)(DC)(DC)(DT)(DG)(DT)(DC)(DT)(DT)(DA)(DC)(DA)(DC)(DA)
(DG)(DT)(DG)(DC)(DT)(DA)(DC)(DA)(DG)(DA)(DC)(DT)(DG)(DG)
;
E,G
4 'polydeoxyribonucleotide'
;(DC)(DC)(DA)(DG)(DT)(DC)(DT)(DG)(DT)(DA)(DG)(DC)(DA)(DC)(DT)(DG)(DT)(DG)(DT)(DA)
(DA)(DG)(DA)(DC)(DA)(DG)(DG)(DC)(DC)(DA)(DG)(DA)(DT)(DC)
;
F,H
#
loop_
_chem_comp.id
_chem_comp.type
_chem_comp.name
_chem_comp.formula
CA non-polymer 'CALCIUM ION' 'Ca 2'
DA DNA linking 2'-DEOXYADENOSINE-5'-MONOPHOSPHATE 'C10 H14 N5 O6 P'
DC DNA linking 2'-DEOXYCYTIDINE-5'-MONOPHOSPHATE 'C9 H14 N3 O7 P'
DG DNA linking 2'-DEOXYGUANOSINE-5'-MONOPHOSPHATE 'C10 H14 N5 O7 P'
DT DNA linking THYMIDINE-5'-MONOPHOSPHATE 'C10 H15 N2 O8 P'
ZN non-polymer 'ZINC ION' 'Zn 2'
#
# COMPACT_ATOMS: atom_id res chain seq x y z
N PHE A 607 26.54 -11.13 -36.92
CA PHE A 607 27.55 -10.34 -36.24
C PHE A 607 27.10 -9.99 -34.83
N GLY A 608 27.65 -10.71 -33.86
CA GLY A 608 27.29 -10.53 -32.47
C GLY A 608 27.52 -9.11 -31.98
N LEU A 609 26.95 -8.83 -30.82
CA LEU A 609 26.99 -7.49 -30.24
C LEU A 609 27.95 -7.43 -29.06
N HIS A 610 28.54 -6.27 -28.87
CA HIS A 610 29.52 -6.03 -27.81
C HIS A 610 28.91 -6.34 -26.44
N PRO A 611 29.53 -7.21 -25.63
CA PRO A 611 28.92 -7.56 -24.33
C PRO A 611 28.68 -6.36 -23.43
N ALA A 612 29.53 -5.34 -23.50
CA ALA A 612 29.31 -4.14 -22.71
C ALA A 612 28.00 -3.45 -23.12
N VAL A 613 27.72 -3.41 -24.43
CA VAL A 613 26.46 -2.83 -24.90
C VAL A 613 25.27 -3.61 -24.35
N CYS A 614 25.41 -4.93 -24.27
CA CYS A 614 24.31 -5.75 -23.76
C CYS A 614 24.09 -5.49 -22.27
N LEU A 615 25.18 -5.39 -21.50
CA LEU A 615 25.01 -5.00 -20.10
C LEU A 615 24.31 -3.65 -19.98
N ALA A 616 24.74 -2.68 -20.79
CA ALA A 616 24.12 -1.36 -20.72
C ALA A 616 22.65 -1.43 -21.08
N ILE A 617 22.30 -2.21 -22.11
CA ILE A 617 20.90 -2.34 -22.49
C ILE A 617 20.10 -3.17 -21.51
N ARG A 618 20.75 -3.87 -20.60
CA ARG A 618 20.00 -4.47 -19.50
C ARG A 618 19.79 -3.48 -18.36
N VAL A 619 20.76 -2.60 -18.12
CA VAL A 619 20.67 -1.68 -17.00
C VAL A 619 20.09 -0.33 -17.41
N ASN A 620 20.53 0.22 -18.54
CA ASN A 620 20.11 1.57 -18.91
C ASN A 620 18.62 1.68 -19.20
N THR A 621 17.89 0.56 -19.20
CA THR A 621 16.45 0.60 -19.38
C THR A 621 15.74 -0.31 -18.39
N PHE A 622 16.31 -0.46 -17.19
CA PHE A 622 15.64 -1.09 -16.06
C PHE A 622 15.14 -2.51 -16.36
N LEU A 623 15.65 -3.12 -17.43
CA LEU A 623 15.26 -4.47 -17.75
C LEU A 623 15.55 -5.41 -16.58
N SER A 624 14.73 -6.45 -16.45
CA SER A 624 14.90 -7.41 -15.37
C SER A 624 16.08 -8.32 -15.69
N CYS A 625 16.20 -9.42 -14.96
CA CYS A 625 17.19 -10.44 -15.25
C CYS A 625 16.57 -11.68 -15.90
N SER A 626 15.49 -12.22 -15.33
CA SER A 626 14.78 -13.31 -15.98
C SER A 626 14.26 -12.87 -17.36
N GLN A 627 13.64 -11.69 -17.43
CA GLN A 627 13.10 -11.18 -18.69
C GLN A 627 14.19 -11.12 -19.75
N TYR A 628 15.35 -10.60 -19.39
CA TYR A 628 16.46 -10.51 -20.33
C TYR A 628 16.82 -11.88 -20.87
N HIS A 629 16.92 -12.88 -19.98
CA HIS A 629 17.26 -14.24 -20.44
C HIS A 629 16.21 -14.78 -21.39
N LYS A 630 14.93 -14.57 -21.08
CA LYS A 630 13.87 -15.10 -21.93
C LYS A 630 13.92 -14.46 -23.31
N MET A 631 14.09 -13.13 -23.36
CA MET A 631 14.13 -12.46 -24.64
C MET A 631 15.38 -12.84 -25.43
N TYR A 632 16.49 -13.08 -24.72
CA TYR A 632 17.72 -13.51 -25.39
C TYR A 632 17.54 -14.88 -26.02
N ARG A 633 16.97 -15.83 -25.26
CA ARG A 633 16.69 -17.15 -25.82
C ARG A 633 15.77 -17.04 -27.04
N THR A 634 14.78 -16.15 -26.97
CA THR A 634 13.87 -15.97 -28.10
C THR A 634 14.64 -15.52 -29.35
N VAL A 635 15.39 -14.42 -29.24
CA VAL A 635 16.05 -13.88 -30.42
C VAL A 635 17.17 -14.81 -30.90
N LYS A 636 17.74 -15.60 -30.00
CA LYS A 636 18.68 -16.64 -30.41
C LYS A 636 18.00 -17.67 -31.28
N ALA A 637 16.97 -18.33 -30.74
CA ALA A 637 16.34 -19.45 -31.43
C ALA A 637 15.66 -19.01 -32.72
N THR A 638 15.19 -17.76 -32.79
CA THR A 638 14.45 -17.35 -33.97
C THR A 638 15.37 -17.20 -35.18
N SER A 639 16.35 -16.30 -35.10
CA SER A 639 17.10 -15.92 -36.29
C SER A 639 18.59 -16.19 -36.11
N GLY A 640 18.99 -17.44 -36.30
CA GLY A 640 20.29 -17.80 -36.84
C GLY A 640 21.54 -17.15 -36.26
N ARG A 641 21.44 -16.39 -35.18
CA ARG A 641 22.60 -15.66 -34.72
C ARG A 641 22.51 -15.38 -33.24
N GLN A 642 23.67 -15.08 -32.65
CA GLN A 642 23.80 -14.81 -31.22
C GLN A 642 23.88 -13.29 -31.06
N ILE A 643 22.69 -12.66 -31.05
CA ILE A 643 22.65 -11.20 -31.08
C ILE A 643 22.95 -10.61 -29.70
N PHE A 644 22.47 -11.25 -28.64
CA PHE A 644 22.76 -10.83 -27.27
C PHE A 644 23.59 -11.92 -26.60
N GLN A 645 24.64 -11.49 -25.88
CA GLN A 645 25.45 -12.46 -25.17
C GLN A 645 24.63 -13.14 -24.08
N PRO A 646 24.95 -14.38 -23.74
CA PRO A 646 24.23 -15.06 -22.65
C PRO A 646 24.49 -14.43 -21.29
N LEU A 647 23.84 -14.99 -20.28
CA LEU A 647 23.77 -14.35 -18.97
C LEU A 647 25.13 -14.33 -18.29
N HIS A 648 25.68 -15.52 -18.03
CA HIS A 648 26.86 -15.61 -17.17
C HIS A 648 28.03 -14.83 -17.77
N THR A 649 28.17 -14.83 -19.10
CA THR A 649 29.26 -14.08 -19.71
C THR A 649 29.00 -12.58 -19.64
N LEU A 650 27.74 -12.14 -19.65
CA LEU A 650 27.44 -10.72 -19.46
C LEU A 650 27.84 -10.27 -18.05
N ARG A 651 27.42 -11.04 -17.04
CA ARG A 651 27.82 -10.69 -15.68
C ARG A 651 29.33 -10.70 -15.53
N ASN A 652 30.00 -11.71 -16.10
CA ASN A 652 31.46 -11.75 -16.07
C ASN A 652 32.06 -10.52 -16.74
N ALA A 653 31.48 -10.08 -17.87
CA ALA A 653 31.95 -8.88 -18.55
C ALA A 653 31.69 -7.63 -17.74
N GLU A 654 30.70 -7.66 -16.84
CA GLU A 654 30.42 -6.51 -16.00
C GLU A 654 31.41 -6.38 -14.84
N LYS A 655 31.95 -7.51 -14.36
CA LYS A 655 32.70 -7.54 -13.11
C LYS A 655 33.80 -6.50 -13.01
N GLU A 656 34.32 -6.02 -14.14
CA GLU A 656 35.38 -5.01 -14.11
C GLU A 656 34.83 -3.58 -14.11
N LEU A 657 33.52 -3.40 -14.23
CA LEU A 657 32.97 -2.05 -14.18
C LEU A 657 32.73 -1.59 -12.75
N LEU A 658 32.20 -2.48 -11.90
CA LEU A 658 32.04 -2.20 -10.47
C LEU A 658 33.35 -1.77 -9.85
N PRO A 659 33.32 -1.10 -8.70
CA PRO A 659 34.57 -0.84 -7.99
C PRO A 659 35.19 -2.12 -7.48
N GLY A 660 36.51 -2.09 -7.32
CA GLY A 660 37.25 -3.20 -6.75
C GLY A 660 37.86 -4.11 -7.79
N PHE A 661 38.34 -3.55 -8.89
CA PHE A 661 38.93 -4.38 -9.93
C PHE A 661 40.33 -3.94 -10.34
N HIS A 662 40.58 -2.64 -10.39
CA HIS A 662 41.83 -2.13 -10.91
C HIS A 662 42.82 -1.92 -9.77
N GLN A 663 43.94 -2.63 -9.82
CA GLN A 663 44.98 -2.44 -8.84
C GLN A 663 45.56 -1.03 -8.92
N PHE A 664 45.72 -0.39 -7.77
CA PHE A 664 46.20 0.99 -7.71
C PHE A 664 47.19 1.12 -6.56
N GLU A 665 47.81 2.30 -6.50
CA GLU A 665 48.79 2.59 -5.46
C GLU A 665 48.49 3.95 -4.85
N TRP A 666 48.95 4.13 -3.62
CA TRP A 666 48.71 5.36 -2.88
C TRP A 666 50.02 5.85 -2.27
N GLN A 667 50.38 7.10 -2.54
CA GLN A 667 51.66 7.64 -2.09
C GLN A 667 51.44 8.85 -1.19
N PRO A 668 51.70 8.75 0.12
CA PRO A 668 52.11 7.54 0.82
C PRO A 668 50.94 6.63 1.14
N ALA A 669 51.16 5.61 1.96
CA ALA A 669 50.05 4.80 2.46
C ALA A 669 49.05 5.70 3.18
N LEU A 670 47.78 5.38 3.03
CA LEU A 670 46.73 6.25 3.56
C LEU A 670 46.68 6.17 5.08
N LYS A 671 46.04 7.17 5.67
CA LYS A 671 45.93 7.26 7.12
C LYS A 671 44.82 6.32 7.58
N ASN A 672 45.21 5.28 8.32
CA ASN A 672 44.30 4.29 8.92
C ASN A 672 43.26 3.79 7.92
N VAL A 673 43.75 3.26 6.80
CA VAL A 673 42.94 2.71 5.73
C VAL A 673 43.66 1.49 5.19
N SER A 674 43.03 0.31 5.29
CA SER A 674 43.68 -0.91 4.84
C SER A 674 43.94 -0.84 3.34
N THR A 675 45.12 -1.31 2.95
CA THR A 675 45.62 -1.11 1.58
C THR A 675 44.96 -2.01 0.55
N SER A 676 44.22 -3.04 0.98
CA SER A 676 43.59 -3.95 0.05
C SER A 676 42.74 -3.18 -0.95
N TRP A 677 42.79 -3.61 -2.21
CA TRP A 677 42.20 -2.85 -3.31
C TRP A 677 41.09 -3.61 -4.05
N ASP A 678 40.69 -4.78 -3.57
CA ASP A 678 39.72 -5.59 -4.31
C ASP A 678 38.39 -5.77 -3.60
N VAL A 679 38.19 -5.14 -2.44
CA VAL A 679 36.94 -5.31 -1.71
C VAL A 679 35.79 -4.71 -2.52
N GLY A 680 34.64 -5.39 -2.48
CA GLY A 680 33.48 -4.96 -3.24
C GLY A 680 32.53 -4.12 -2.41
N ILE A 681 31.37 -4.67 -2.07
CA ILE A 681 30.36 -3.95 -1.31
C ILE A 681 30.57 -4.27 0.17
N ILE A 682 31.06 -3.31 0.92
CA ILE A 682 31.31 -3.46 2.35
C ILE A 682 29.98 -3.34 3.10
N ASP A 683 29.78 -4.23 4.08
CA ASP A 683 28.67 -4.06 5.00
C ASP A 683 28.86 -2.75 5.77
N GLY A 684 27.84 -1.89 5.74
CA GLY A 684 28.03 -0.50 6.12
C GLY A 684 28.29 -0.28 7.60
N LEU A 685 27.75 -1.14 8.46
CA LEU A 685 27.90 -0.96 9.90
C LEU A 685 29.35 -0.95 10.35
N SER A 686 30.27 -1.46 9.52
CA SER A 686 31.68 -1.55 9.86
C SER A 686 31.89 -2.27 11.19
N GLY A 687 31.23 -3.42 11.33
CA GLY A 687 31.43 -4.28 12.48
C GLY A 687 30.96 -3.70 13.81
N TRP A 688 29.66 -3.52 13.96
CA TRP A 688 29.09 -3.14 15.24
C TRP A 688 29.02 -4.36 16.15
N THR A 689 29.59 -4.25 17.35
CA THR A 689 29.50 -5.37 18.27
C THR A 689 28.04 -5.61 18.61
N VAL A 690 27.50 -6.73 18.13
CA VAL A 690 26.06 -6.98 18.11
C VAL A 690 25.49 -7.17 19.52
N SER A 691 26.37 -7.19 20.53
CA SER A 691 25.97 -7.38 21.92
C SER A 691 24.79 -6.49 22.31
N VAL A 692 23.70 -7.11 22.75
CA VAL A 692 22.41 -6.43 22.86
C VAL A 692 22.45 -5.29 23.88
N ASP A 693 23.31 -5.39 24.89
CA ASP A 693 23.34 -4.38 25.95
C ASP A 693 23.80 -3.02 25.45
N ASP A 694 24.51 -2.94 24.33
CA ASP A 694 24.97 -1.67 23.79
C ASP A 694 23.86 -1.08 22.90
N VAL A 695 24.15 0.07 22.28
CA VAL A 695 23.19 0.63 21.31
C VAL A 695 23.00 -0.38 20.20
N PRO A 696 21.76 -0.67 19.79
CA PRO A 696 21.52 -1.82 18.92
C PRO A 696 22.29 -1.77 17.60
N ALA A 697 22.60 -2.96 17.08
CA ALA A 697 23.26 -3.12 15.78
C ALA A 697 22.26 -3.26 14.63
N ASP A 698 21.09 -2.65 14.77
CA ASP A 698 19.99 -2.86 13.83
C ASP A 698 20.27 -2.24 12.47
N THR A 699 20.55 -0.95 12.45
CA THR A 699 20.66 -0.13 11.23
C THR A 699 21.35 -0.87 10.09
N ILE A 700 20.68 -0.88 8.93
CA ILE A 700 21.16 -1.61 7.75
C ILE A 700 21.70 -0.61 6.74
N SER A 701 22.92 -0.87 6.24
CA SER A 701 23.53 0.03 5.27
C SER A 701 24.57 -0.73 4.47
N ARG A 702 24.79 -0.26 3.24
CA ARG A 702 25.78 -0.86 2.35
C ARG A 702 26.47 0.25 1.57
N ARG A 703 27.75 0.03 1.26
CA ARG A 703 28.52 1.07 0.60
C ARG A 703 29.82 0.49 0.07
N PHE A 704 30.45 1.24 -0.82
CA PHE A 704 31.81 0.99 -1.26
C PHE A 704 32.77 1.70 -0.32
N ARG A 705 34.06 1.50 -0.55
CA ARG A 705 35.07 2.33 0.07
C ARG A 705 35.32 3.54 -0.80
N TYR A 706 35.54 4.69 -0.16
CA TYR A 706 35.67 5.94 -0.89
C TYR A 706 36.76 5.86 -1.95
N ASP A 707 37.96 5.46 -1.54
CA ASP A 707 39.10 5.38 -2.45
C ASP A 707 38.83 4.49 -3.65
N VAL A 708 38.29 3.29 -3.42
CA VAL A 708 38.13 2.34 -4.51
C VAL A 708 37.05 2.82 -5.48
N ALA A 709 35.97 3.40 -4.95
CA ALA A 709 34.95 3.95 -5.84
C ALA A 709 35.52 5.08 -6.69
N LEU A 710 36.33 5.94 -6.09
CA LEU A 710 36.94 7.04 -6.82
C LEU A 710 37.84 6.51 -7.94
N VAL A 711 38.69 5.52 -7.64
CA VAL A 711 39.58 5.00 -8.67
C VAL A 711 38.78 4.32 -9.76
N SER A 712 37.66 3.67 -9.41
CA SER A 712 36.81 3.07 -10.43
C SER A 712 36.26 4.12 -11.38
N ALA A 713 35.72 5.21 -10.82
CA ALA A 713 35.18 6.28 -11.67
C ALA A 713 36.28 6.92 -12.52
N LEU A 714 37.46 7.09 -11.95
CA LEU A 714 38.56 7.68 -12.70
C LEU A 714 38.95 6.80 -13.89
N LYS A 715 39.12 5.49 -13.65
CA LYS A 715 39.46 4.60 -14.75
C LYS A 715 38.35 4.53 -15.78
N ASP A 716 37.10 4.68 -15.35
CA ASP A 716 36.02 4.89 -16.30
C ASP A 716 36.31 6.09 -17.20
N LEU A 717 36.62 7.23 -16.59
CA LEU A 717 36.82 8.46 -17.33
C LEU A 717 38.13 8.53 -18.09
N GLU A 718 38.96 7.49 -17.96
CA GLU A 718 40.20 7.37 -18.71
C GLU A 718 40.05 7.76 -20.18
N GLU A 719 38.91 7.40 -20.79
CA GLU A 719 38.69 7.74 -22.19
C GLU A 719 38.76 9.24 -22.41
N ASP A 720 37.94 10.00 -21.66
CA ASP A 720 37.91 11.44 -21.86
C ASP A 720 39.20 12.11 -21.41
N ILE A 721 39.88 11.56 -20.40
CA ILE A 721 41.14 12.19 -20.00
C ILE A 721 42.18 12.02 -21.10
N MET A 722 42.21 10.86 -21.76
CA MET A 722 43.16 10.67 -22.86
C MET A 722 42.76 11.50 -24.07
N GLU A 723 41.46 11.64 -24.32
CA GLU A 723 41.01 12.52 -25.39
C GLU A 723 41.43 13.96 -25.14
N GLY A 724 41.30 14.43 -23.91
CA GLY A 724 41.70 15.79 -23.58
C GLY A 724 43.20 16.00 -23.67
N LEU A 725 43.98 14.99 -23.30
CA LEU A 725 45.43 15.06 -23.50
C LEU A 725 45.77 15.12 -24.99
N ARG A 726 44.98 14.43 -25.82
CA ARG A 726 45.16 14.56 -27.28
C ARG A 726 44.85 15.97 -27.75
N GLU A 727 43.71 16.51 -27.34
CA GLU A 727 43.25 17.81 -27.84
C GLU A 727 44.22 18.91 -27.43
N ARG A 728 44.50 19.03 -26.13
CA ARG A 728 45.40 20.07 -25.62
C ARG A 728 46.79 19.93 -26.20
N ALA A 729 47.05 18.87 -26.95
CA ALA A 729 48.32 18.60 -27.61
C ALA A 729 49.47 18.46 -26.61
N LEU A 730 49.15 18.11 -25.37
CA LEU A 730 50.20 17.91 -24.38
C LEU A 730 50.92 16.59 -24.64
N ASP A 731 52.20 16.58 -24.31
CA ASP A 731 53.01 15.38 -24.41
C ASP A 731 52.48 14.30 -23.46
N ASP A 732 53.05 13.12 -23.57
CA ASP A 732 52.67 11.99 -22.72
C ASP A 732 53.74 11.60 -21.72
N SER A 733 55.01 11.62 -22.10
CA SER A 733 56.08 11.39 -21.15
C SER A 733 56.28 12.56 -20.19
N MET A 734 55.48 13.61 -20.30
CA MET A 734 55.63 14.80 -19.47
C MET A 734 54.34 15.18 -18.74
N CYS A 735 53.39 14.25 -18.63
CA CYS A 735 52.12 14.49 -17.94
C CYS A 735 51.81 13.33 -17.00
N THR A 736 52.81 12.90 -16.24
CA THR A 736 52.65 11.79 -15.31
C THR A 736 52.40 12.22 -13.87
N SER A 737 52.58 13.50 -13.54
CA SER A 737 52.47 13.96 -12.16
C SER A 737 51.37 14.97 -11.92
N GLY A 738 51.33 16.05 -12.70
CA GLY A 738 50.51 17.19 -12.36
C GLY A 738 49.03 17.10 -12.68
N PHE A 739 48.29 16.29 -11.94
CA PHE A 739 46.85 16.16 -12.13
C PHE A 739 46.10 16.74 -10.92
N THR A 740 44.90 17.25 -11.18
CA THR A 740 44.11 17.95 -10.16
C THR A 740 42.63 17.65 -10.40
N VAL A 741 42.03 16.84 -9.52
CA VAL A 741 40.63 16.43 -9.63
C VAL A 741 39.82 17.12 -8.55
N VAL A 742 38.72 17.77 -8.96
CA VAL A 742 37.75 18.36 -8.05
C VAL A 742 36.58 17.40 -7.91
N VAL A 743 36.18 17.12 -6.67
CA VAL A 743 35.11 16.18 -6.37
C VAL A 743 34.00 16.91 -5.65
N LYS A 744 32.80 16.89 -6.21
CA LYS A 744 31.63 17.49 -5.58
C LYS A 744 30.81 16.38 -4.96
N GLU A 745 30.70 16.39 -3.63
CA GLU A 745 29.88 15.40 -2.96
C GLU A 745 28.51 15.98 -2.66
N SER A 746 27.59 15.09 -2.27
CA SER A 746 26.21 15.47 -2.00
C SER A 746 25.52 14.37 -1.21
N CYS A 747 25.01 14.71 -0.04
CA CYS A 747 24.23 13.78 0.76
C CYS A 747 22.84 14.35 0.96
N ASP A 748 21.86 13.46 1.06
CA ASP A 748 20.50 13.90 1.34
C ASP A 748 19.70 12.73 1.88
N GLY A 749 18.54 13.07 2.43
CA GLY A 749 17.56 12.09 2.85
C GLY A 749 16.47 11.96 1.79
N MET A 750 16.11 10.72 1.50
CA MET A 750 15.01 10.39 0.63
C MET A 750 13.94 9.71 1.47
N GLY A 751 12.72 10.20 1.38
CA GLY A 751 11.64 9.77 2.25
C GLY A 751 10.77 8.71 1.62
N ASP A 752 10.17 7.89 2.49
CA ASP A 752 9.04 7.02 2.16
C ASP A 752 9.27 6.22 0.88
N VAL A 753 10.24 5.30 0.93
CA VAL A 753 10.37 4.31 -0.13
C VAL A 753 9.01 3.66 -0.30
N SER A 754 8.47 3.71 -1.52
CA SER A 754 7.09 3.31 -1.79
C SER A 754 7.03 1.82 -2.06
N GLU A 755 6.54 1.06 -1.09
CA GLU A 755 6.35 -0.37 -1.26
C GLU A 755 5.18 -0.83 -0.39
N LYS A 756 4.83 -2.10 -0.51
CA LYS A 756 3.74 -2.70 0.24
C LYS A 756 4.02 -2.69 1.74
N PRO A 764 11.94 0.52 7.28
CA PRO A 764 12.08 0.76 5.85
C PRO A 764 11.13 1.84 5.33
N GLU A 765 11.21 3.04 5.93
CA GLU A 765 10.47 4.19 5.44
C GLU A 765 11.40 5.28 4.93
N LYS A 766 12.34 5.75 5.75
CA LYS A 766 13.29 6.76 5.33
C LYS A 766 14.52 6.10 4.71
N ALA A 767 15.42 6.94 4.19
CA ALA A 767 16.69 6.47 3.63
C ALA A 767 17.59 7.68 3.44
N VAL A 768 18.90 7.44 3.43
CA VAL A 768 19.89 8.49 3.17
C VAL A 768 20.81 7.98 2.06
N ARG A 769 21.21 8.89 1.16
CA ARG A 769 22.01 8.48 0.01
C ARG A 769 23.16 9.44 -0.22
N PHE A 770 24.39 8.96 0.00
CA PHE A 770 25.61 9.75 -0.18
C PHE A 770 26.15 9.51 -1.58
N SER A 771 26.32 10.57 -2.36
CA SER A 771 26.75 10.45 -3.76
C SER A 771 27.76 11.53 -4.10
N PHE A 772 28.82 11.15 -4.80
CA PHE A 772 29.83 12.10 -5.25
C PHE A 772 29.88 12.13 -6.77
N THR A 773 30.52 13.17 -7.31
CA THR A 773 30.60 13.38 -8.75
C THR A 773 31.91 14.07 -9.09
N ILE A 774 32.61 13.55 -10.10
CA ILE A 774 33.82 14.19 -10.59
C ILE A 774 33.41 15.47 -11.31
N MET A 775 33.82 16.62 -10.77
CA MET A 775 33.40 17.88 -11.35
C MET A 775 34.31 18.33 -12.49
N SER A 776 35.60 18.50 -12.21
CA SER A 776 36.53 18.98 -13.22
C SER A 776 37.94 18.46 -12.92
N ILE A 777 38.62 18.02 -13.97
CA ILE A 777 40.00 17.55 -13.90
C ILE A 777 40.88 18.45 -14.78
N SER A 778 41.96 18.96 -14.18
CA SER A 778 42.88 19.89 -14.82
C SER A 778 44.32 19.41 -14.61
N ILE A 779 45.24 20.04 -15.32
CA ILE A 779 46.64 19.62 -15.30
C ILE A 779 47.48 20.67 -14.57
N ARG A 780 48.63 20.22 -14.06
CA ARG A 780 49.51 21.04 -13.25
C ARG A 780 50.92 21.17 -13.80
N LEU A 781 51.40 20.21 -14.60
CA LEU A 781 52.77 20.28 -15.12
C LEU A 781 52.86 21.29 -16.27
N GLU A 782 53.82 22.20 -16.17
CA GLU A 782 54.74 22.26 -15.04
C GLU A 782 54.98 23.71 -14.60
N GLY A 783 54.34 24.65 -15.28
CA GLY A 783 54.51 26.06 -14.98
C GLY A 783 53.63 26.53 -13.84
N GLU A 784 53.03 27.72 -13.99
CA GLU A 784 52.13 28.22 -12.96
C GLU A 784 50.76 27.56 -13.07
N ASP A 785 50.24 27.46 -14.29
CA ASP A 785 48.99 26.75 -14.64
C ASP A 785 47.89 26.99 -13.60
N ASP A 786 47.50 28.26 -13.48
CA ASP A 786 46.34 28.59 -12.65
C ASP A 786 45.13 27.76 -13.04
N GLY A 787 45.03 27.37 -14.31
CA GLY A 787 44.07 26.36 -14.73
C GLY A 787 44.32 25.87 -16.14
N ILE A 788 44.38 24.56 -16.31
CA ILE A 788 44.42 23.93 -17.63
C ILE A 788 43.30 22.90 -17.64
N THR A 789 42.11 23.30 -18.08
CA THR A 789 40.94 22.44 -17.99
C THR A 789 41.09 21.28 -18.95
N ILE A 790 41.35 20.09 -18.41
CA ILE A 790 41.42 18.90 -19.26
C ILE A 790 40.01 18.38 -19.55
N PHE A 791 39.19 18.27 -18.51
CA PHE A 791 37.82 17.82 -18.68
C PHE A 791 36.93 18.54 -17.68
N GLN A 792 35.97 19.31 -18.19
CA GLN A 792 34.95 19.94 -17.38
C GLN A 792 33.62 19.29 -17.72
N GLU A 793 33.09 18.52 -16.77
CA GLU A 793 31.78 17.91 -16.93
C GLU A 793 30.76 18.97 -17.36
N GLN A 794 29.93 18.61 -18.35
CA GLN A 794 29.00 19.56 -18.95
C GLN A 794 27.59 19.49 -18.36
N LYS A 795 27.28 18.45 -17.59
CA LYS A 795 25.98 18.29 -16.96
C LYS A 795 26.15 18.00 -15.48
N PRO A 796 26.77 18.92 -14.72
CA PRO A 796 27.10 18.62 -13.32
C PRO A 796 25.90 18.43 -12.42
N ASN A 797 24.69 18.68 -12.92
CA ASN A 797 23.47 18.43 -12.15
C ASN A 797 22.67 17.24 -12.65
N SER A 798 22.77 16.90 -13.93
CA SER A 798 22.00 15.79 -14.45
C SER A 798 22.39 14.50 -13.74
N GLU A 799 21.39 13.79 -13.23
CA GLU A 799 21.62 12.59 -12.43
C GLU A 799 22.41 11.52 -13.17
N LEU A 800 22.50 11.62 -14.50
CA LEU A 800 23.32 10.68 -15.26
C LEU A 800 24.75 10.62 -14.78
N SER A 801 25.25 11.67 -14.13
CA SER A 801 26.57 11.65 -13.49
C SER A 801 26.40 12.13 -12.06
N CYS A 802 25.96 11.20 -11.20
CA CYS A 802 25.94 11.42 -9.75
C CYS A 802 26.10 10.04 -9.11
N ARG A 803 27.32 9.70 -8.78
CA ARG A 803 27.67 8.32 -8.44
C ARG A 803 27.37 8.04 -6.98
N PRO A 804 26.48 7.11 -6.67
CA PRO A 804 26.25 6.74 -5.28
C PRO A 804 27.45 6.01 -4.71
N LEU A 805 27.67 6.20 -3.43
CA LEU A 805 28.81 5.62 -2.74
C LEU A 805 28.43 4.99 -1.42
N CYS A 806 27.30 5.38 -0.83
CA CYS A 806 26.86 4.84 0.44
C CYS A 806 25.34 4.98 0.56
N LEU A 807 24.70 3.93 1.06
CA LEU A 807 23.27 3.96 1.32
C LEU A 807 22.98 3.40 2.71
N MET A 808 22.06 4.06 3.41
CA MET A 808 21.76 3.76 4.81
C MET A 808 20.27 3.89 5.05
N PHE A 809 19.67 2.85 5.64
CA PHE A 809 18.24 2.84 5.97
C PHE A 809 18.02 3.52 7.33
N VAL A 810 18.29 4.82 7.37
CA VAL A 810 18.11 5.60 8.59
C VAL A 810 17.24 6.80 8.23
N ASP A 811 17.02 7.66 9.21
CA ASP A 811 16.27 8.89 9.02
C ASP A 811 17.21 10.08 9.03
N GLU A 812 16.86 11.10 8.23
CA GLU A 812 17.71 12.27 8.07
C GLU A 812 17.92 13.03 9.37
N SER A 813 16.94 12.94 10.29
CA SER A 813 16.91 13.83 11.44
C SER A 813 17.96 13.43 12.47
N ASP A 814 17.84 12.22 13.03
CA ASP A 814 18.62 11.83 14.21
C ASP A 814 20.11 11.89 13.93
N HIS A 815 20.80 12.80 14.62
CA HIS A 815 22.23 12.97 14.38
C HIS A 815 23.02 11.71 14.73
N GLU A 816 22.52 10.92 15.68
CA GLU A 816 23.29 9.82 16.24
C GLU A 816 23.67 8.77 15.19
N THR A 817 22.68 8.07 14.64
CA THR A 817 22.99 6.98 13.72
C THR A 817 23.62 7.50 12.43
N LEU A 818 23.20 8.69 11.99
CA LEU A 818 23.79 9.28 10.79
C LEU A 818 25.29 9.46 10.95
N THR A 819 25.73 10.09 12.04
CA THR A 819 27.16 10.21 12.28
C THR A 819 27.81 8.84 12.45
N ALA A 820 27.14 7.96 13.20
CA ALA A 820 27.70 6.63 13.46
C ALA A 820 28.07 5.90 12.18
N ILE A 821 27.21 5.98 11.16
CA ILE A 821 27.50 5.24 9.92
C ILE A 821 28.38 6.06 8.99
N LEU A 822 28.20 7.39 8.92
CA LEU A 822 28.96 8.18 7.97
C LEU A 822 30.42 8.34 8.39
N GLY A 823 30.72 8.20 9.68
CA GLY A 823 32.05 8.40 10.22
C GLY A 823 33.20 7.89 9.38
N PRO A 824 33.19 6.58 9.06
CA PRO A 824 34.27 6.03 8.22
C PRO A 824 34.50 6.79 6.92
N VAL A 825 33.43 7.15 6.21
CA VAL A 825 33.58 7.92 4.98
C VAL A 825 34.27 9.25 5.25
N VAL A 826 33.88 9.91 6.34
CA VAL A 826 34.48 11.21 6.68
C VAL A 826 35.96 11.04 6.98
N ALA A 827 36.31 10.02 7.76
CA ALA A 827 37.72 9.76 8.07
C ALA A 827 38.50 9.47 6.80
N GLU A 828 37.90 8.73 5.87
CA GLU A 828 38.52 8.47 4.58
C GLU A 828 38.85 9.77 3.86
N ARG A 829 37.84 10.62 3.70
CA ARG A 829 38.06 11.87 2.98
C ARG A 829 39.09 12.74 3.68
N LYS A 830 39.04 12.81 5.02
CA LYS A 830 39.97 13.65 5.76
C LYS A 830 41.39 13.10 5.67
N ALA A 831 41.53 11.79 5.44
CA ALA A 831 42.85 11.21 5.18
C ALA A 831 43.29 11.37 3.74
N MET A 832 42.37 11.57 2.81
CA MET A 832 42.69 11.48 1.39
C MET A 832 43.24 12.79 0.81
N MET A 833 42.85 13.93 1.36
CA MET A 833 43.36 15.21 0.86
C MET A 833 44.85 15.38 1.09
N GLU A 834 45.47 14.50 1.87
CA GLU A 834 46.89 14.63 2.20
C GLU A 834 47.77 13.98 1.14
N SER A 835 47.58 12.69 0.90
CA SER A 835 48.43 11.93 0.00
C SER A 835 48.04 12.21 -1.46
N ARG A 836 48.64 11.45 -2.37
CA ARG A 836 48.28 11.47 -3.78
C ARG A 836 48.12 10.05 -4.27
N LEU A 837 47.54 9.91 -5.46
CA LEU A 837 47.09 8.63 -5.98
C LEU A 837 47.89 8.24 -7.21
N ILE A 838 48.22 6.96 -7.35
CA ILE A 838 48.98 6.44 -8.49
C ILE A 838 48.10 5.43 -9.20
N ILE A 839 47.69 5.76 -10.43
CA ILE A 839 46.81 4.92 -11.24
C ILE A 839 47.38 4.79 -12.64
N SER A 840 47.27 3.59 -13.21
CA SER A 840 47.80 3.31 -14.55
C SER A 840 46.68 3.53 -15.56
N VAL A 841 46.80 4.58 -16.36
CA VAL A 841 45.83 4.93 -17.39
C VAL A 841 46.59 5.17 -18.70
N GLY A 842 46.01 4.73 -19.81
CA GLY A 842 46.67 4.87 -21.09
C GLY A 842 48.08 4.35 -21.13
N GLY A 843 48.32 3.22 -20.45
CA GLY A 843 49.64 2.63 -20.37
C GLY A 843 50.60 3.30 -19.41
N LEU A 844 50.36 4.56 -19.06
CA LEU A 844 51.27 5.32 -18.19
C LEU A 844 50.67 5.38 -16.79
N LEU A 845 51.49 5.11 -15.79
CA LEU A 845 51.06 5.32 -14.42
C LEU A 845 51.27 6.78 -14.05
N ARG A 846 50.26 7.39 -13.46
CA ARG A 846 50.24 8.82 -13.23
C ARG A 846 49.69 9.13 -11.85
N SER A 847 50.08 10.30 -11.34
CA SER A 847 49.74 10.73 -10.00
C SER A 847 48.64 11.78 -10.06
N PHE A 848 47.68 11.65 -9.15
CA PHE A 848 46.56 12.56 -9.02
C PHE A 848 46.55 13.19 -7.64
N ARG A 849 46.11 14.44 -7.59
CA ARG A 849 45.75 15.13 -6.37
C ARG A 849 44.23 15.18 -6.27
N PHE A 850 43.72 15.80 -5.22
CA PHE A 850 42.27 15.82 -5.01
C PHE A 850 41.89 17.03 -4.18
N PHE A 851 40.84 17.72 -4.60
CA PHE A 851 40.16 18.70 -3.77
C PHE A 851 38.70 18.26 -3.62
N PHE A 852 38.13 18.54 -2.46
CA PHE A 852 36.78 18.10 -2.11
C PHE A 852 35.95 19.34 -1.74
N ARG A 853 35.28 19.90 -2.75
CA ARG A 853 34.41 21.06 -2.54
C ARG A 853 33.00 20.53 -2.22
N GLY A 854 32.83 20.09 -0.98
CA GLY A 854 31.54 19.58 -0.54
C GLY A 854 30.51 20.68 -0.56
N THR A 855 29.45 20.49 -1.34
CA THR A 855 28.40 21.49 -1.48
C THR A 855 27.01 20.89 -1.36
N GLY A 856 26.90 19.60 -1.70
CA GLY A 856 25.61 19.00 -1.93
C GLY A 856 24.83 18.79 -0.66
N TYR A 857 24.43 19.90 -0.03
CA TYR A 857 23.62 19.83 1.17
C TYR A 857 22.58 20.95 1.11
N ASP A 858 21.37 20.63 1.55
CA ASP A 858 20.40 21.67 1.82
C ASP A 858 20.74 22.35 3.14
N GLU A 859 20.15 23.53 3.34
CA GLU A 859 20.49 24.38 4.48
C GLU A 859 20.43 23.61 5.80
N LYS A 860 19.37 22.84 5.99
CA LYS A 860 19.19 22.13 7.27
C LYS A 860 20.36 21.19 7.57
N MET A 861 20.74 20.38 6.58
CA MET A 861 21.88 19.50 6.79
C MET A 861 23.18 20.27 6.90
N VAL A 862 23.30 21.38 6.17
CA VAL A 862 24.46 22.25 6.33
C VAL A 862 24.62 22.65 7.78
N ARG A 863 23.52 23.02 8.43
CA ARG A 863 23.58 23.41 9.84
C ARG A 863 23.92 22.22 10.72
N GLU A 864 23.21 21.11 10.52
CA GLU A 864 23.41 19.94 11.39
C GLU A 864 24.85 19.46 11.34
N MET A 865 25.48 19.50 10.16
CA MET A 865 26.88 19.13 10.06
C MET A 865 27.79 20.24 10.55
N GLU A 866 27.38 21.49 10.38
CA GLU A 866 28.20 22.64 10.74
C GLU A 866 28.12 22.97 12.22
N GLY A 867 27.05 22.55 12.90
CA GLY A 867 26.91 22.68 14.33
C GLY A 867 25.92 23.75 14.74
N LEU A 868 25.73 24.77 13.92
CA LEU A 868 24.79 25.84 14.24
C LEU A 868 23.39 25.27 14.42
N GLU A 869 22.60 25.97 15.24
CA GLU A 869 21.22 25.59 15.46
C GLU A 869 20.44 25.67 14.15
N ALA A 870 19.22 25.13 14.17
CA ALA A 870 18.41 25.04 12.97
C ALA A 870 16.95 24.99 13.37
N SER A 871 16.09 25.59 12.56
CA SER A 871 16.49 26.27 11.33
C SER A 871 16.17 27.76 11.38
N GLY A 872 14.99 28.10 11.88
CA GLY A 872 14.56 29.48 11.95
C GLY A 872 15.27 30.24 13.06
N SER A 873 16.60 30.15 13.06
CA SER A 873 17.41 30.73 14.11
C SER A 873 17.42 32.25 13.99
N THR A 874 18.18 32.89 14.88
CA THR A 874 18.44 34.32 14.79
C THR A 874 19.80 34.62 14.20
N TYR A 875 20.62 33.59 13.95
CA TYR A 875 21.88 33.74 13.22
C TYR A 875 21.68 33.21 11.81
N ILE A 876 21.16 34.10 10.96
CA ILE A 876 20.68 33.68 9.64
C ILE A 876 21.83 33.19 8.77
N CYS A 877 22.82 34.05 8.53
CA CYS A 877 23.83 33.76 7.53
C CYS A 877 24.64 32.51 7.89
N THR A 878 25.09 31.81 6.86
CA THR A 878 26.02 30.71 7.00
C THR A 878 27.45 31.12 6.68
N LEU A 879 27.66 32.35 6.23
CA LEU A 879 28.97 32.88 5.85
C LEU A 879 29.45 33.98 6.77
N CYS A 880 28.63 35.00 6.99
CA CYS A 880 28.99 36.10 7.88
C CYS A 880 28.61 35.72 9.30
N ASP A 881 28.65 36.70 10.21
CA ASP A 881 28.22 36.49 11.58
C ASP A 881 26.98 37.33 11.92
N SER A 882 26.33 37.90 10.91
CA SER A 882 25.22 38.81 11.16
C SER A 882 23.99 38.06 11.66
N THR A 883 23.26 38.74 12.54
CA THR A 883 21.95 38.28 13.00
C THR A 883 20.88 38.85 12.08
N ARG A 884 19.62 38.79 12.51
CA ARG A 884 18.54 39.36 11.72
C ARG A 884 18.72 40.86 11.55
N ALA A 885 18.95 41.58 12.65
CA ALA A 885 18.92 43.03 12.62
C ALA A 885 20.12 43.61 11.86
N GLU A 886 21.33 43.33 12.35
CA GLU A 886 22.54 43.96 11.81
C GLU A 886 22.68 43.75 10.31
N ALA A 887 22.09 42.70 9.75
CA ALA A 887 21.99 42.56 8.31
C ALA A 887 20.73 43.20 7.75
N SER A 888 19.70 43.41 8.58
CA SER A 888 18.48 44.04 8.10
C SER A 888 18.66 45.52 7.84
N GLN A 889 19.37 46.20 8.74
CA GLN A 889 19.62 47.62 8.57
C GLN A 889 20.43 47.88 7.30
N ASN A 890 21.66 47.36 7.27
CA ASN A 890 22.51 47.43 6.09
C ASN A 890 22.62 46.02 5.51
N MET A 891 22.29 45.88 4.23
CA MET A 891 22.17 44.56 3.63
C MET A 891 23.46 44.10 2.95
N VAL A 892 23.94 44.87 1.97
CA VAL A 892 24.89 44.35 0.99
C VAL A 892 26.34 44.62 1.38
N LEU A 893 26.60 45.02 2.62
CA LEU A 893 27.96 45.29 3.08
C LEU A 893 28.33 44.24 4.12
N HIS A 894 28.88 43.13 3.65
CA HIS A 894 29.40 42.08 4.52
C HIS A 894 30.49 41.32 3.79
N SER A 895 31.29 40.59 4.56
CA SER A 895 32.37 39.78 4.02
C SER A 895 32.21 38.34 4.52
N ILE A 896 32.57 37.39 3.66
CA ILE A 896 32.49 35.98 4.05
C ILE A 896 33.50 35.71 5.15
N THR A 897 33.02 35.17 6.27
CA THR A 897 33.87 34.84 7.41
C THR A 897 33.85 33.36 7.73
N ARG A 898 32.67 32.76 7.88
CA ARG A 898 32.51 31.42 8.43
C ARG A 898 33.43 30.40 7.75
N SER A 899 34.11 29.61 8.58
CA SER A 899 34.92 28.51 8.10
C SER A 899 34.73 27.31 9.03
N HIS A 900 35.14 26.15 8.54
CA HIS A 900 35.00 24.92 9.33
C HIS A 900 35.93 24.93 10.54
N ASP A 901 37.21 25.24 10.32
CA ASP A 901 38.18 25.18 11.41
C ASP A 901 37.87 26.21 12.49
N GLU A 902 37.53 27.44 12.09
CA GLU A 902 37.14 28.43 13.09
C GLU A 902 35.82 28.09 13.74
N ASN A 903 34.97 27.29 13.08
CA ASN A 903 33.75 26.83 13.75
C ASN A 903 34.08 25.80 14.83
N LEU A 904 35.04 24.92 14.55
CA LEU A 904 35.58 24.07 15.62
C LEU A 904 36.09 24.92 16.77
N GLU A 905 36.89 25.95 16.45
CA GLU A 905 37.43 26.82 17.49
C GLU A 905 36.31 27.47 18.31
N ARG A 906 35.29 28.01 17.65
CA ARG A 906 34.17 28.63 18.34
C ARG A 906 33.43 27.62 19.21
N TYR A 907 33.27 26.39 18.73
CA TYR A 907 32.62 25.38 19.56
C TYR A 907 33.44 25.13 20.81
N GLU A 908 34.78 25.12 20.68
CA GLU A 908 35.62 24.99 21.86
C GLU A 908 35.39 26.14 22.83
N ILE A 909 35.30 27.36 22.28
CA ILE A 909 35.07 28.55 23.11
C ILE A 909 33.70 28.48 23.80
N TRP A 910 32.73 27.83 23.17
CA TRP A 910 31.44 27.63 23.83
C TRP A 910 31.54 26.60 24.95
N ARG A 911 32.12 25.43 24.64
CA ARG A 911 32.13 24.32 25.59
C ARG A 911 32.89 24.70 26.85
N LYS A 912 34.12 25.21 26.70
CA LYS A 912 34.89 25.57 27.88
C LYS A 912 34.35 26.82 28.56
N ASN A 913 33.68 27.69 27.81
CA ASN A 913 33.19 28.97 28.30
C ASN A 913 34.29 29.69 29.09
N PRO A 914 35.42 30.02 28.45
CA PRO A 914 36.58 30.51 29.20
C PRO A 914 36.43 31.94 29.71
N PHE A 915 35.23 32.50 29.64
CA PHE A 915 34.97 33.84 30.13
C PHE A 915 33.77 33.92 31.06
N SER A 916 33.22 32.76 31.47
CA SER A 916 32.20 32.68 32.51
C SER A 916 30.98 33.55 32.21
N GLU A 917 30.72 33.79 30.92
CA GLU A 917 29.58 34.58 30.50
C GLU A 917 28.29 33.77 30.67
N SER A 918 27.16 34.49 30.64
CA SER A 918 25.87 33.84 30.81
C SER A 918 25.53 32.97 29.60
N ALA A 919 24.37 32.32 29.66
CA ALA A 919 23.93 31.47 28.56
C ALA A 919 23.77 32.27 27.28
N ASP A 920 22.82 33.22 27.28
CA ASP A 920 22.58 34.02 26.08
C ASP A 920 23.80 34.88 25.76
N GLU A 921 24.56 35.28 26.78
CA GLU A 921 25.70 36.15 26.51
C GLU A 921 26.78 35.39 25.73
N LEU A 922 27.06 34.14 26.10
CA LEU A 922 27.99 33.34 25.31
C LEU A 922 27.40 32.96 23.95
N ARG A 923 26.13 32.56 23.94
CA ARG A 923 25.44 32.26 22.68
C ARG A 923 25.60 33.41 21.68
N ASP A 924 25.62 34.65 22.17
CA ASP A 924 25.89 35.78 21.30
C ASP A 924 27.38 35.92 21.00
N ARG A 925 28.24 35.68 21.99
CA ARG A 925 29.67 35.86 21.77
C ARG A 925 30.22 34.89 20.74
N VAL A 926 29.64 33.69 20.66
CA VAL A 926 30.15 32.64 19.79
C VAL A 926 29.39 32.54 18.47
N LYS A 927 28.34 33.34 18.30
CA LYS A 927 27.52 33.31 17.10
C LYS A 927 26.86 31.94 16.88
N GLY A 928 26.06 31.54 17.88
CA GLY A 928 25.20 30.37 17.75
C GLY A 928 25.91 29.03 17.67
N VAL A 929 27.24 29.01 17.66
CA VAL A 929 27.95 27.73 17.62
C VAL A 929 27.65 26.97 18.91
N SER A 930 27.04 25.79 18.77
CA SER A 930 26.65 25.01 19.94
C SER A 930 26.98 23.53 19.86
N ALA A 931 27.30 22.99 18.70
CA ALA A 931 27.55 21.56 18.55
C ALA A 931 28.80 21.36 17.71
N LYS A 932 29.62 20.41 18.11
CA LYS A 932 30.90 20.16 17.45
C LYS A 932 30.67 19.75 16.01
N PRO A 933 30.99 20.60 15.04
CA PRO A 933 30.86 20.20 13.64
C PRO A 933 31.84 19.08 13.35
N PHE A 934 31.48 18.25 12.38
CA PHE A 934 32.35 17.13 12.05
C PHE A 934 32.53 16.85 10.57
N MET A 935 31.86 17.59 9.68
CA MET A 935 32.03 17.40 8.23
C MET A 935 32.28 18.75 7.59
N GLU A 936 33.54 19.03 7.29
CA GLU A 936 33.92 20.24 6.56
C GLU A 936 33.03 20.42 5.34
N THR A 937 32.29 21.52 5.30
CA THR A 937 31.38 21.80 4.21
C THR A 937 31.68 23.18 3.66
N GLN A 938 31.82 23.28 2.35
CA GLN A 938 31.91 24.59 1.74
C GLN A 938 30.58 25.31 1.95
N PRO A 939 30.58 26.46 2.55
CA PRO A 939 29.33 27.18 2.77
C PRO A 939 28.90 27.89 1.50
N THR A 940 28.17 27.21 0.63
CA THR A 940 27.79 27.77 -0.66
C THR A 940 26.29 27.90 -0.76
N LEU A 941 25.86 29.00 -1.38
CA LEU A 941 24.45 29.20 -1.68
C LEU A 941 23.95 28.08 -2.57
N ASP A 942 22.69 27.69 -2.37
CA ASP A 942 22.03 26.73 -3.23
C ASP A 942 21.20 27.50 -4.25
N ALA A 943 21.56 27.36 -5.53
CA ALA A 943 20.84 28.06 -6.58
C ALA A 943 19.50 27.40 -6.91
N LEU A 944 19.24 26.21 -6.38
CA LEU A 944 18.02 25.49 -6.76
C LEU A 944 16.77 26.28 -6.40
N HIS A 945 16.54 26.50 -5.11
CA HIS A 945 15.38 27.33 -4.75
C HIS A 945 15.73 28.80 -4.95
N CYS A 946 16.57 29.35 -4.08
CA CYS A 946 17.32 30.60 -4.27
C CYS A 946 16.43 31.78 -4.65
N ASP A 947 15.16 31.52 -4.90
CA ASP A 947 14.21 32.53 -5.35
C ASP A 947 12.83 32.42 -4.71
N ILE A 948 12.45 31.24 -4.21
CA ILE A 948 11.16 31.09 -3.54
C ILE A 948 11.02 32.14 -2.45
N GLY A 949 12.10 32.39 -1.72
CA GLY A 949 12.11 33.50 -0.78
C GLY A 949 11.97 34.84 -1.48
N ASN A 950 12.81 35.08 -2.49
CA ASN A 950 12.72 36.32 -3.25
C ASN A 950 11.36 36.46 -3.92
N ALA A 951 10.83 35.36 -4.45
CA ALA A 951 9.52 35.39 -5.11
C ALA A 951 8.43 35.78 -4.13
N THR A 952 8.26 35.01 -3.05
CA THR A 952 7.25 35.33 -2.05
C THR A 952 7.50 36.68 -1.40
N GLU A 953 8.74 37.18 -1.44
CA GLU A 953 9.01 38.50 -0.88
C GLU A 953 8.50 39.61 -1.78
N PHE A 954 8.72 39.51 -3.09
CA PHE A 954 8.08 40.44 -4.01
C PHE A 954 6.57 40.29 -3.97
N TYR A 955 6.08 39.07 -3.71
CA TYR A 955 4.65 38.83 -3.54
C TYR A 955 4.11 39.62 -2.35
N LYS A 956 4.82 39.60 -1.22
CA LYS A 956 4.42 40.40 -0.08
C LYS A 956 4.54 41.89 -0.37
N ILE A 957 5.60 42.29 -1.08
CA ILE A 957 5.74 43.68 -1.49
C ILE A 957 4.49 44.14 -2.23
N PHE A 958 4.01 43.32 -3.16
CA PHE A 958 2.85 43.72 -3.96
C PHE A 958 1.55 43.63 -3.17
N GLN A 959 1.40 42.59 -2.34
CA GLN A 959 0.24 42.46 -1.46
C GLN A 959 0.18 43.60 -0.44
N ASP A 960 1.29 44.28 -0.21
CA ASP A 960 1.31 45.48 0.62
C ASP A 960 1.39 46.76 -0.20
N GLU A 961 1.52 46.67 -1.52
CA GLU A 961 1.36 47.83 -2.39
C GLU A 961 -0.08 48.06 -2.82
N ILE A 962 -0.86 46.99 -2.98
CA ILE A 962 -2.27 47.17 -3.31
C ILE A 962 -2.97 47.97 -2.22
N GLY A 963 -2.79 47.57 -0.97
CA GLY A 963 -3.04 48.47 0.13
C GLY A 963 -1.88 49.42 0.32
N GLU A 964 -2.15 50.55 0.95
CA GLU A 964 -1.08 51.50 1.27
C GLU A 964 -0.54 51.14 2.65
N VAL A 965 0.64 50.53 2.68
CA VAL A 965 1.12 49.91 3.91
C VAL A 965 1.88 50.90 4.81
N TYR A 966 2.62 51.85 4.22
CA TYR A 966 3.29 52.85 5.04
C TYR A 966 2.33 53.93 5.55
N GLN A 967 1.07 53.93 5.08
CA GLN A 967 0.02 54.77 5.63
C GLN A 967 -0.99 53.98 6.44
N LYS A 968 -0.97 52.65 6.35
CA LYS A 968 -1.85 51.77 7.12
C LYS A 968 -1.02 50.60 7.62
N PRO A 969 -0.11 50.84 8.57
CA PRO A 969 0.84 49.80 8.98
C PRO A 969 0.21 48.70 9.84
N ASN A 970 -1.09 48.75 10.07
CA ASN A 970 -1.80 47.76 10.87
C ASN A 970 -3.01 47.25 10.09
N PRO A 971 -2.79 46.34 9.15
CA PRO A 971 -3.93 45.70 8.48
C PRO A 971 -4.63 44.73 9.41
N SER A 972 -5.84 44.35 9.02
CA SER A 972 -6.61 43.39 9.79
C SER A 972 -6.25 41.98 9.37
N ARG A 973 -6.92 40.99 9.98
CA ARG A 973 -6.81 39.62 9.51
C ARG A 973 -7.37 39.46 8.10
N GLU A 974 -8.14 40.44 7.62
CA GLU A 974 -8.90 40.33 6.39
C GLU A 974 -8.46 41.30 5.30
N GLU A 975 -8.03 42.51 5.66
CA GLU A 975 -7.65 43.49 4.65
C GLU A 975 -6.51 42.98 3.78
N ARG A 976 -5.56 42.25 4.38
CA ARG A 976 -4.52 41.60 3.58
C ARG A 976 -5.10 40.50 2.71
N ARG A 977 -6.11 39.78 3.22
CA ARG A 977 -6.81 38.80 2.39
C ARG A 977 -7.45 39.47 1.19
N ARG A 978 -8.11 40.62 1.42
CA ARG A 978 -8.69 41.39 0.33
C ARG A 978 -7.63 41.78 -0.70
N TRP A 979 -6.50 42.31 -0.23
CA TRP A 979 -5.48 42.81 -1.15
C TRP A 979 -4.85 41.68 -1.95
N ARG A 980 -4.56 40.56 -1.30
CA ARG A 980 -4.01 39.41 -2.01
C ARG A 980 -5.02 38.84 -3.00
N SER A 981 -6.30 38.81 -2.64
CA SER A 981 -7.30 38.23 -3.54
C SER A 981 -7.51 39.12 -4.76
N THR A 982 -7.55 40.45 -4.57
CA THR A 982 -7.67 41.32 -5.74
C THR A 982 -6.41 41.28 -6.59
N LEU A 983 -5.23 41.14 -5.96
CA LEU A 983 -4.00 40.94 -6.73
C LEU A 983 -4.04 39.65 -7.52
N ASP A 984 -4.65 38.60 -6.95
CA ASP A 984 -4.71 37.32 -7.61
C ASP A 984 -5.63 37.37 -8.83
N LYS A 985 -6.82 37.97 -8.67
CA LYS A 985 -7.68 38.16 -9.82
C LYS A 985 -7.04 39.08 -10.85
N GLN A 986 -6.30 40.08 -10.40
CA GLN A 986 -5.55 40.96 -11.28
C GLN A 986 -4.59 40.17 -12.16
N LEU A 987 -3.66 39.44 -11.55
CA LEU A 987 -2.67 38.70 -12.32
C LEU A 987 -3.27 37.51 -13.06
N ARG A 988 -4.47 37.06 -12.67
CA ARG A 988 -5.21 36.14 -13.53
C ARG A 988 -5.69 36.84 -14.79
N LYS A 989 -6.06 38.12 -14.67
CA LYS A 989 -6.55 38.86 -15.83
C LYS A 989 -5.47 39.02 -16.89
N LYS A 990 -4.25 39.40 -16.48
CA LYS A 990 -3.19 39.73 -17.42
C LYS A 990 -2.20 38.59 -17.65
N MET A 991 -1.62 38.06 -16.59
CA MET A 991 -0.59 37.03 -16.73
C MET A 991 -1.14 35.61 -16.64
N LYS A 992 -2.43 35.44 -16.37
CA LYS A 992 -3.08 34.12 -16.36
C LYS A 992 -2.37 33.17 -15.39
N LEU A 993 -2.41 33.54 -14.11
CA LEU A 993 -1.76 32.79 -13.05
C LEU A 993 -2.78 32.44 -11.97
N LYS A 994 -3.20 31.18 -11.95
CA LYS A 994 -4.12 30.70 -10.95
C LYS A 994 -3.55 30.92 -9.55
N PRO A 995 -4.40 31.16 -8.55
CA PRO A 995 -3.91 31.24 -7.17
C PRO A 995 -3.22 29.94 -6.76
N VAL A 996 -2.09 30.09 -6.06
CA VAL A 996 -1.28 28.96 -5.60
C VAL A 996 -1.12 29.07 -4.08
N MET A 997 -0.50 28.04 -3.48
CA MET A 997 -0.24 28.09 -2.05
C MET A 997 1.24 28.21 -1.71
N ARG A 998 2.14 27.87 -2.64
CA ARG A 998 3.57 28.05 -2.43
C ARG A 998 4.25 28.44 -3.73
N MET A 999 5.32 29.22 -3.59
CA MET A 999 6.07 29.75 -4.73
C MET A 999 6.98 28.65 -5.25
N ASN A 1000 6.41 27.76 -6.03
CA ASN A 1000 7.18 26.70 -6.67
C ASN A 1000 8.06 27.31 -7.77
N GLY A 1001 8.73 26.45 -8.53
CA GLY A 1001 9.65 26.93 -9.55
C GLY A 1001 8.96 27.68 -10.68
N ASN A 1002 7.91 27.09 -11.24
CA ASN A 1002 7.28 27.68 -12.42
C ASN A 1002 6.66 29.04 -12.11
N TYR A 1003 5.84 29.11 -11.05
CA TYR A 1003 5.24 30.38 -10.65
C TYR A 1003 6.31 31.42 -10.36
N ALA A 1004 7.42 31.01 -9.74
CA ALA A 1004 8.49 31.95 -9.44
C ALA A 1004 9.10 32.52 -10.71
N ARG A 1005 9.33 31.66 -11.72
CA ARG A 1005 9.84 32.15 -13.00
C ARG A 1005 8.87 33.13 -13.64
N ARG A 1006 7.62 32.72 -13.81
CA ARG A 1006 6.70 33.54 -14.61
C ARG A 1006 6.32 34.83 -13.90
N LEU A 1007 6.18 34.79 -12.57
CA LEU A 1007 5.72 35.98 -11.86
C LEU A 1007 6.81 37.05 -11.81
N MET A 1008 8.05 36.66 -11.52
CA MET A 1008 9.13 37.61 -11.37
C MET A 1008 9.54 38.17 -12.73
N THR A 1009 8.63 38.93 -13.33
CA THR A 1009 8.81 39.47 -14.68
C THR A 1009 8.34 40.91 -14.70
N ARG A 1010 9.01 41.73 -15.52
CA ARG A 1010 8.63 43.14 -15.64
C ARG A 1010 7.19 43.29 -16.12
N GLU A 1011 6.69 42.30 -16.87
CA GLU A 1011 5.29 42.34 -17.32
C GLU A 1011 4.34 42.29 -16.13
N ALA A 1012 4.52 41.31 -15.24
CA ALA A 1012 3.71 41.23 -14.04
C ALA A 1012 3.92 42.43 -13.13
N VAL A 1013 5.07 43.09 -13.25
CA VAL A 1013 5.33 44.27 -12.43
C VAL A 1013 4.52 45.46 -12.92
N GLU A 1014 4.49 45.67 -14.24
CA GLU A 1014 3.58 46.68 -14.77
C GLU A 1014 2.12 46.26 -14.62
N ALA A 1015 1.88 44.96 -14.43
CA ALA A 1015 0.52 44.48 -14.17
C ALA A 1015 0.09 44.81 -12.75
N VAL A 1016 1.00 44.69 -11.79
CA VAL A 1016 0.70 45.11 -10.41
C VAL A 1016 0.71 46.62 -10.29
N CYS A 1017 1.32 47.33 -11.25
CA CYS A 1017 1.14 48.77 -11.32
C CYS A 1017 -0.34 49.14 -11.49
N GLU A 1018 -1.12 48.28 -12.15
CA GLU A 1018 -2.48 48.63 -12.54
C GLU A 1018 -3.35 48.98 -11.35
N LEU A 1019 -3.14 48.33 -10.20
CA LEU A 1019 -3.99 48.56 -9.04
C LEU A 1019 -3.40 49.49 -7.99
N VAL A 1020 -2.11 49.75 -8.02
CA VAL A 1020 -1.51 50.66 -7.03
C VAL A 1020 -1.83 52.10 -7.42
N PRO A 1021 -2.38 52.92 -6.51
CA PRO A 1021 -2.84 54.26 -6.89
C PRO A 1021 -1.71 55.22 -7.28
N SER A 1022 -0.68 55.33 -6.45
CA SER A 1022 0.38 56.28 -6.72
C SER A 1022 1.22 55.84 -7.91
N GLU A 1023 1.90 56.81 -8.54
CA GLU A 1023 2.72 56.56 -9.71
C GLU A 1023 4.21 56.62 -9.44
N GLU A 1024 4.62 56.88 -8.20
CA GLU A 1024 6.03 56.80 -7.83
C GLU A 1024 6.41 55.42 -7.33
N ARG A 1025 5.52 54.79 -6.56
CA ARG A 1025 5.73 53.40 -6.16
C ARG A 1025 5.83 52.48 -7.37
N ARG A 1026 5.07 52.79 -8.44
CA ARG A 1026 5.16 52.04 -9.67
C ARG A 1026 6.58 52.05 -10.23
N GLU A 1027 7.16 53.24 -10.36
CA GLU A 1027 8.51 53.34 -10.90
C GLU A 1027 9.52 52.70 -9.97
N ALA A 1028 9.31 52.82 -8.66
CA ALA A 1028 10.20 52.16 -7.70
C ALA A 1028 10.23 50.66 -7.90
N LEU A 1029 9.05 50.02 -7.89
CA LEU A 1029 8.99 48.57 -8.08
C LEU A 1029 9.45 48.17 -9.48
N LEU A 1030 9.26 49.04 -10.48
CA LEU A 1030 9.78 48.77 -11.81
C LEU A 1030 11.31 48.66 -11.80
N LYS A 1031 11.98 49.67 -11.25
CA LYS A 1031 13.43 49.63 -11.15
C LYS A 1031 13.89 48.43 -10.32
N LEU A 1032 13.16 48.13 -9.24
CA LEU A 1032 13.52 46.99 -8.39
C LEU A 1032 13.53 45.70 -9.19
N MET A 1033 12.40 45.38 -9.83
CA MET A 1033 12.31 44.17 -10.65
C MET A 1033 13.33 44.19 -11.79
N ASP A 1034 13.62 45.37 -12.34
CA ASP A 1034 14.58 45.45 -13.43
C ASP A 1034 15.97 45.02 -12.95
N LEU A 1035 16.42 45.59 -11.82
CA LEU A 1035 17.71 45.20 -11.26
C LEU A 1035 17.71 43.73 -10.86
N TYR A 1036 16.58 43.24 -10.35
CA TYR A 1036 16.52 41.84 -9.94
C TYR A 1036 16.67 40.89 -11.12
N LEU A 1037 16.03 41.21 -12.24
CA LEU A 1037 16.24 40.41 -13.45
C LEU A 1037 17.66 40.61 -14.00
N GLN A 1038 18.21 41.80 -13.84
CA GLN A 1038 19.60 42.04 -14.22
C GLN A 1038 20.55 41.16 -13.43
N MET A 1039 20.15 40.78 -12.21
CA MET A 1039 21.05 40.07 -11.31
C MET A 1039 20.74 38.57 -11.16
N LYS A 1040 19.56 38.11 -11.59
CA LYS A 1040 19.23 36.69 -11.41
C LYS A 1040 20.09 35.75 -12.24
N PRO A 1041 20.21 35.89 -13.57
CA PRO A 1041 21.04 34.95 -14.32
C PRO A 1041 22.52 35.06 -13.99
N VAL A 1042 22.93 36.12 -13.29
CA VAL A 1042 24.31 36.20 -12.80
C VAL A 1042 24.62 35.01 -11.92
N TRP A 1043 23.64 34.52 -11.15
CA TRP A 1043 23.85 33.34 -10.33
C TRP A 1043 23.24 32.07 -10.92
N ARG A 1044 22.11 32.16 -11.63
CA ARG A 1044 21.54 30.93 -12.15
C ARG A 1044 22.27 30.39 -13.38
N SER A 1045 23.27 31.09 -13.88
CA SER A 1045 24.00 30.64 -15.06
C SER A 1045 24.74 29.33 -14.77
N THR A 1046 25.07 28.61 -15.85
CA THR A 1046 25.91 27.44 -15.71
C THR A 1046 27.36 27.83 -15.48
N CYS A 1047 27.80 28.92 -16.12
CA CYS A 1047 29.11 29.50 -15.89
C CYS A 1047 29.09 30.97 -16.28
N PRO A 1048 28.84 31.89 -15.33
CA PRO A 1048 28.76 33.30 -15.68
C PRO A 1048 30.08 33.88 -16.18
N SER A 1049 31.20 33.23 -15.88
CA SER A 1049 32.48 33.64 -16.45
C SER A 1049 32.46 33.55 -17.99
N ARG A 1050 31.55 32.77 -18.55
CA ARG A 1050 31.40 32.60 -19.99
C ARG A 1050 30.04 33.00 -20.51
N ASP A 1051 28.96 32.68 -19.80
CA ASP A 1051 27.62 32.92 -20.32
C ASP A 1051 27.30 34.41 -20.38
N CYS A 1052 27.44 35.10 -19.24
CA CYS A 1052 27.13 36.53 -19.17
C CYS A 1052 27.92 37.16 -18.04
N PRO A 1053 29.21 37.43 -18.26
CA PRO A 1053 30.01 38.15 -17.25
C PRO A 1053 29.69 39.64 -17.18
N ASP A 1054 28.96 40.17 -18.16
CA ASP A 1054 28.60 41.59 -18.15
C ASP A 1054 27.84 41.95 -16.89
N GLN A 1055 26.71 41.26 -16.63
CA GLN A 1055 25.95 41.51 -15.43
C GLN A 1055 26.72 41.13 -14.17
N LEU A 1056 27.71 40.23 -14.28
CA LEU A 1056 28.53 39.90 -13.12
C LEU A 1056 29.37 41.11 -12.70
N CYS A 1057 30.02 41.78 -13.66
CA CYS A 1057 30.80 42.95 -13.31
C CYS A 1057 29.92 44.08 -12.79
N GLN A 1058 28.66 44.12 -13.21
CA GLN A 1058 27.70 45.10 -12.72
C GLN A 1058 26.98 44.66 -11.45
N TYR A 1059 27.16 43.40 -11.03
CA TYR A 1059 26.33 42.83 -9.98
C TYR A 1059 26.50 43.57 -8.65
N SER A 1060 27.73 43.97 -8.33
CA SER A 1060 27.94 44.73 -7.10
C SER A 1060 27.11 46.02 -7.11
N TYR A 1061 27.20 46.78 -8.20
CA TYR A 1061 26.46 48.04 -8.29
C TYR A 1061 24.95 47.80 -8.40
N ASN A 1062 24.56 46.79 -9.17
CA ASN A 1062 23.14 46.46 -9.31
C ASN A 1062 22.54 46.10 -7.95
N SER A 1063 23.23 45.23 -7.21
CA SER A 1063 22.79 44.87 -5.87
C SER A 1063 22.75 46.06 -4.91
N GLN A 1064 23.66 47.02 -5.05
CA GLN A 1064 23.65 48.16 -4.11
C GLN A 1064 22.51 49.08 -4.42
N GLN A 1065 22.25 49.30 -5.69
CA GLN A 1065 21.05 50.05 -6.02
C GLN A 1065 19.82 49.32 -5.49
N PHE A 1066 19.78 47.99 -5.61
CA PHE A 1066 18.64 47.23 -5.08
C PHE A 1066 18.50 47.44 -3.58
N ALA A 1067 19.61 47.36 -2.85
CA ALA A 1067 19.60 47.54 -1.41
C ALA A 1067 19.17 48.96 -1.04
N ASP A 1068 19.70 49.95 -1.75
CA ASP A 1068 19.32 51.34 -1.49
C ASP A 1068 17.83 51.55 -1.75
N LEU A 1069 17.29 50.91 -2.79
CA LEU A 1069 15.87 51.07 -3.10
C LEU A 1069 15.01 50.40 -2.05
N LEU A 1070 15.43 49.23 -1.55
CA LEU A 1070 14.67 48.59 -0.48
C LEU A 1070 14.72 49.40 0.81
N SER A 1071 15.88 49.99 1.12
CA SER A 1071 16.02 50.75 2.35
C SER A 1071 15.37 52.12 2.29
N SER A 1072 15.19 52.69 1.09
CA SER A 1072 14.54 53.98 0.97
C SER A 1072 13.04 53.87 0.71
N MET A 1073 12.60 52.82 0.03
CA MET A 1073 11.19 52.65 -0.34
C MET A 1073 10.45 51.71 0.59
N PHE A 1074 10.94 50.47 0.74
CA PHE A 1074 10.20 49.42 1.43
C PHE A 1074 10.76 49.10 2.80
N LYS A 1075 11.56 49.99 3.40
CA LYS A 1075 12.09 49.68 4.73
C LYS A 1075 11.04 49.66 5.81
N TYR A 1076 9.77 49.94 5.47
CA TYR A 1076 8.67 49.77 6.42
C TYR A 1076 8.62 48.37 6.99
N ARG A 1077 9.23 47.40 6.32
CA ARG A 1077 9.23 46.00 6.75
C ARG A 1077 10.62 45.48 7.12
N TYR A 1078 11.69 46.07 6.57
CA TYR A 1078 13.04 45.55 6.74
C TYR A 1078 13.81 46.30 7.81
N ASP A 1079 13.13 46.77 8.86
CA ASP A 1079 13.83 47.38 9.99
C ASP A 1079 14.80 46.38 10.61
N GLY A 1080 14.27 45.27 11.12
CA GLY A 1080 15.08 44.23 11.71
C GLY A 1080 14.79 42.87 11.11
N LYS A 1081 13.92 42.82 10.12
CA LYS A 1081 13.50 41.59 9.46
C LYS A 1081 14.12 41.48 8.08
N ILE A 1082 14.67 40.31 7.78
CA ILE A 1082 15.18 40.01 6.44
C ILE A 1082 15.04 38.51 6.22
N THR A 1083 14.44 38.11 5.09
CA THR A 1083 14.33 36.70 4.77
C THR A 1083 15.71 36.10 4.50
N ASN A 1084 15.92 34.88 4.97
CA ASN A 1084 17.24 34.24 4.98
C ASN A 1084 17.91 34.30 3.61
N TYR A 1085 17.25 33.73 2.60
CA TYR A 1085 17.78 33.70 1.23
C TYR A 1085 18.29 35.07 0.78
N LEU A 1086 17.57 36.12 1.15
CA LEU A 1086 17.86 37.46 0.64
C LEU A 1086 19.24 37.94 1.10
N HIS A 1087 19.64 37.60 2.32
CA HIS A 1087 20.93 38.07 2.80
C HIS A 1087 22.07 37.49 1.96
N LYS A 1088 22.04 36.17 1.73
CA LYS A 1088 23.06 35.54 0.90
C LYS A 1088 22.97 36.00 -0.55
N THR A 1089 21.76 36.31 -1.03
CA THR A 1089 21.64 36.74 -2.42
C THR A 1089 22.08 38.18 -2.63
N LEU A 1090 22.08 39.00 -1.59
CA LEU A 1090 22.47 40.40 -1.73
C LEU A 1090 23.91 40.68 -1.28
N ALA A 1091 24.47 39.87 -0.38
CA ALA A 1091 25.73 40.22 0.26
C ALA A 1091 26.95 39.61 -0.43
N HIS A 1092 26.97 38.29 -0.59
CA HIS A 1092 28.18 37.57 -0.98
C HIS A 1092 28.14 36.97 -2.38
N VAL A 1093 27.06 37.16 -3.14
CA VAL A 1093 26.97 36.53 -4.45
C VAL A 1093 28.17 36.85 -5.35
N PRO A 1094 28.60 38.11 -5.50
CA PRO A 1094 29.84 38.33 -6.27
C PRO A 1094 31.04 37.64 -5.66
N GLU A 1095 31.15 37.68 -4.33
CA GLU A 1095 32.21 36.97 -3.64
C GLU A 1095 32.17 35.48 -3.97
N ILE A 1096 30.99 34.87 -3.89
CA ILE A 1096 30.88 33.43 -4.14
C ILE A 1096 31.24 33.10 -5.58
N VAL A 1097 30.68 33.86 -6.53
CA VAL A 1097 30.92 33.60 -7.95
C VAL A 1097 32.41 33.72 -8.26
N GLU A 1098 33.09 34.69 -7.67
CA GLU A 1098 34.53 34.79 -7.86
C GLU A 1098 35.26 33.65 -7.14
N ARG A 1099 34.72 33.21 -6.01
CA ARG A 1099 35.36 32.14 -5.24
C ARG A 1099 35.38 30.83 -6.01
N ASP A 1100 34.29 30.52 -6.72
CA ASP A 1100 34.15 29.21 -7.35
C ASP A 1100 34.18 29.25 -8.87
N GLY A 1101 33.61 30.29 -9.48
CA GLY A 1101 33.48 30.37 -10.93
C GLY A 1101 32.06 30.24 -11.43
N SER A 1102 31.14 29.78 -10.59
CA SER A 1102 29.73 29.68 -10.95
C SER A 1102 28.93 29.52 -9.67
N ILE A 1103 27.61 29.43 -9.82
CA ILE A 1103 26.74 29.15 -8.68
C ILE A 1103 25.86 27.95 -9.01
N GLY A 1104 25.18 28.00 -10.16
CA GLY A 1104 24.30 26.92 -10.56
C GLY A 1104 25.01 25.59 -10.76
N ALA A 1105 26.33 25.61 -10.97
CA ALA A 1105 27.09 24.40 -11.28
C ALA A 1105 27.44 23.58 -10.05
N TRP A 1106 26.78 23.81 -8.91
CA TRP A 1106 27.02 23.00 -7.72
C TRP A 1106 25.74 22.67 -6.99
N ALA A 1107 24.58 22.87 -7.62
CA ALA A 1107 23.30 22.63 -6.98
C ALA A 1107 23.18 21.19 -6.50
N SER A 1108 22.70 21.01 -5.27
CA SER A 1108 22.41 19.68 -4.75
C SER A 1108 21.44 18.93 -5.64
N GLU A 1109 20.61 19.67 -6.39
CA GLU A 1109 19.49 19.13 -7.16
C GLU A 1109 19.87 17.86 -7.92
N GLY A 1110 21.14 17.77 -8.31
CA GLY A 1110 21.64 16.57 -8.96
C GLY A 1110 21.24 15.30 -8.22
N ASN A 1111 21.79 15.10 -7.02
CA ASN A 1111 21.41 13.94 -6.24
C ASN A 1111 19.91 13.90 -6.00
N GLU A 1112 19.27 15.08 -5.93
CA GLU A 1112 17.82 15.14 -5.79
C GLU A 1112 17.14 14.37 -6.91
N SER A 1113 17.51 14.63 -8.15
CA SER A 1113 16.96 13.87 -9.26
C SER A 1113 17.22 12.39 -9.07
N GLY A 1114 18.42 12.05 -8.58
CA GLY A 1114 18.76 10.65 -8.35
C GLY A 1114 17.75 9.93 -7.49
N ASN A 1115 17.02 10.67 -6.66
CA ASN A 1115 16.01 10.07 -5.80
C ASN A 1115 14.98 9.30 -6.62
N LYS A 1116 14.47 9.92 -7.69
CA LYS A 1116 13.44 9.23 -8.46
C LYS A 1116 13.97 7.99 -9.14
N LEU A 1117 15.30 7.83 -9.21
CA LEU A 1117 15.87 6.57 -9.65
C LEU A 1117 15.78 5.52 -8.55
N PHE A 1118 16.20 5.87 -7.33
CA PHE A 1118 16.37 4.89 -6.25
C PHE A 1118 15.10 4.07 -6.07
N ARG A 1119 13.97 4.74 -5.83
CA ARG A 1119 12.70 4.03 -5.66
C ARG A 1119 12.46 3.07 -6.82
N ARG A 1120 12.62 3.57 -8.04
CA ARG A 1120 12.45 2.75 -9.24
C ARG A 1120 13.24 1.45 -9.12
N PHE A 1121 14.52 1.55 -8.76
CA PHE A 1121 15.35 0.36 -8.71
C PHE A 1121 14.87 -0.60 -7.62
N ARG A 1122 14.30 -0.06 -6.55
CA ARG A 1122 13.76 -0.92 -5.49
C ARG A 1122 12.53 -1.69 -5.96
N LYS A 1123 11.85 -1.20 -6.99
CA LYS A 1123 10.59 -1.79 -7.39
C LYS A 1123 10.74 -2.95 -8.35
N MET A 1124 11.85 -3.02 -9.10
CA MET A 1124 11.98 -4.00 -10.15
C MET A 1124 13.27 -4.83 -10.12
N ASN A 1125 14.27 -4.45 -9.32
CA ASN A 1125 15.55 -5.13 -9.34
C ASN A 1125 16.04 -5.59 -7.98
N ALA A 1126 15.26 -5.40 -6.91
CA ALA A 1126 15.68 -5.79 -5.58
C ALA A 1126 15.81 -7.32 -5.50
N ARG A 1127 16.25 -7.81 -4.34
CA ARG A 1127 16.51 -9.24 -4.23
C ARG A 1127 15.23 -10.07 -4.08
N GLN A 1128 14.38 -9.81 -3.09
CA GLN A 1128 14.48 -8.75 -2.09
C GLN A 1128 14.43 -9.30 -0.67
N SER A 1129 15.43 -8.92 0.11
CA SER A 1129 15.49 -9.14 1.56
C SER A 1129 16.56 -8.23 2.09
N LYS A 1130 16.21 -7.37 3.07
CA LYS A 1130 16.95 -6.14 3.34
C LYS A 1130 18.46 -6.33 3.52
N THR A 1131 18.92 -7.56 3.75
CA THR A 1131 20.36 -7.82 3.73
C THR A 1131 20.94 -7.57 2.34
N PHE A 1132 20.33 -8.16 1.31
CA PHE A 1132 20.83 -8.08 -0.06
C PHE A 1132 20.20 -6.96 -0.88
N GLU A 1133 19.03 -6.46 -0.44
CA GLU A 1133 18.30 -5.47 -1.23
C GLU A 1133 19.15 -4.25 -1.52
N LEU A 1134 19.80 -3.72 -0.48
CA LEU A 1134 20.63 -2.54 -0.67
C LEU A 1134 21.85 -2.84 -1.52
N GLU A 1135 22.48 -4.00 -1.31
CA GLU A 1135 23.59 -4.40 -2.15
C GLU A 1135 23.20 -4.34 -3.63
N ASP A 1136 22.06 -4.94 -3.98
CA ASP A 1136 21.65 -5.00 -5.38
C ASP A 1136 21.31 -3.61 -5.91
N ILE A 1137 20.60 -2.80 -5.13
CA ILE A 1137 20.26 -1.46 -5.58
C ILE A 1137 21.50 -0.64 -5.85
N LEU A 1138 22.48 -0.70 -4.93
CA LEU A 1138 23.71 0.07 -5.12
C LEU A 1138 24.46 -0.39 -6.35
N LYS A 1139 24.59 -1.71 -6.54
CA LYS A 1139 25.29 -2.23 -7.71
C LYS A 1139 24.65 -1.73 -8.99
N HIS A 1140 23.32 -1.82 -9.09
CA HIS A 1140 22.67 -1.40 -10.33
C HIS A 1140 22.75 0.11 -10.54
N HIS A 1141 22.64 0.89 -9.46
CA HIS A 1141 22.82 2.34 -9.59
C HIS A 1141 24.20 2.67 -10.16
N TRP A 1142 25.25 2.14 -9.53
CA TRP A 1142 26.60 2.41 -10.00
C TRP A 1142 26.77 2.00 -11.45
N LEU A 1143 26.17 0.87 -11.85
CA LEU A 1143 26.21 0.50 -13.26
C LEU A 1143 25.54 1.56 -14.12
N TYR A 1144 24.41 2.08 -13.67
CA TYR A 1144 23.65 3.04 -14.45
C TYR A 1144 24.34 4.40 -14.55
N THR A 1145 25.31 4.67 -13.69
CA THR A 1145 25.91 6.01 -13.75
C THR A 1145 27.39 5.99 -14.10
N SER A 1146 27.78 5.20 -15.10
CA SER A 1146 29.17 5.15 -15.52
C SER A 1146 29.26 5.68 -16.95
N LYS A 1147 30.12 6.69 -17.15
CA LYS A 1147 30.29 7.34 -18.44
C LYS A 1147 30.50 6.34 -19.57
N TYR A 1148 31.13 5.21 -19.27
CA TYR A 1148 31.36 4.18 -20.27
C TYR A 1148 30.04 3.69 -20.87
N LEU A 1149 29.12 3.23 -20.04
CA LEU A 1149 27.88 2.67 -20.55
C LEU A 1149 26.88 3.74 -20.98
N GLN A 1150 27.28 5.01 -20.97
CA GLN A 1150 26.55 6.04 -21.71
C GLN A 1150 27.17 6.29 -23.07
N LYS A 1151 28.50 6.22 -23.17
CA LYS A 1151 29.17 6.30 -24.46
C LYS A 1151 28.72 5.21 -25.42
N PHE A 1152 28.15 4.12 -24.91
CA PHE A 1152 27.61 3.06 -25.77
C PHE A 1152 26.14 3.28 -26.10
N MET A 1153 25.45 4.09 -25.31
CA MET A 1153 24.08 4.48 -25.65
C MET A 1153 24.10 5.85 -26.34
N GLU A 1154 24.73 5.86 -27.51
CA GLU A 1154 24.92 7.09 -28.27
C GLU A 1154 23.60 7.76 -28.56
N ALA A 1155 22.72 7.09 -29.31
CA ALA A 1155 21.42 7.62 -29.68
C ALA A 1155 21.56 8.97 -30.36
N HIS A 1156 22.23 8.96 -31.50
CA HIS A 1156 22.51 10.18 -32.28
C HIS A 1156 21.23 10.95 -32.60
N MET B 4 7.31 -3.01 45.56
CA MET B 4 7.49 -3.82 44.36
C MET B 4 6.23 -3.79 43.52
N SER B 5 5.94 -2.63 42.93
CA SER B 5 4.74 -2.47 42.14
C SER B 5 5.02 -1.51 41.00
N LEU B 6 4.30 -1.71 39.90
CA LEU B 6 4.45 -0.94 38.68
C LEU B 6 3.19 -0.14 38.39
N GLN B 7 3.39 1.04 37.80
CA GLN B 7 2.31 1.85 37.26
C GLN B 7 2.72 2.30 35.88
N PRO B 8 1.94 1.99 34.83
CA PRO B 8 2.26 2.49 33.49
C PRO B 8 2.07 4.00 33.43
N LEU B 9 3.15 4.71 33.16
CA LEU B 9 3.12 6.16 33.07
C LEU B 9 2.82 6.56 31.63
N THR B 10 2.93 7.85 31.31
CA THR B 10 2.69 8.34 29.96
C THR B 10 3.56 9.55 29.70
N ALA B 11 3.90 9.76 28.43
CA ALA B 11 4.71 10.90 28.00
C ALA B 11 3.78 12.03 27.59
N VAL B 12 3.64 13.03 28.47
CA VAL B 12 2.77 14.18 28.16
C VAL B 12 3.28 14.93 26.96
N ASN B 13 4.54 15.31 26.97
CA ASN B 13 5.07 16.10 25.88
C ASN B 13 6.61 15.95 26.07
N CYS B 14 7.43 16.43 25.14
CA CYS B 14 8.90 16.28 25.23
C CYS B 14 9.28 14.81 25.39
N GLY B 15 8.73 13.98 24.50
CA GLY B 15 8.94 12.55 24.56
C GLY B 15 9.97 12.04 23.58
N SER B 16 10.29 12.85 22.58
CA SER B 16 11.28 12.46 21.58
C SER B 16 12.69 12.72 22.06
N LEU B 17 12.87 12.80 23.38
CA LEU B 17 14.10 13.29 23.98
C LEU B 17 14.76 12.28 24.91
N VAL B 18 14.30 11.02 24.93
CA VAL B 18 14.91 9.98 25.75
C VAL B 18 15.42 8.90 24.81
N GLN B 19 16.67 8.46 25.04
CA GLN B 19 17.34 7.47 24.23
C GLN B 19 17.84 6.32 25.12
N PRO B 20 17.97 5.11 24.55
CA PRO B 20 18.29 3.93 25.38
C PRO B 20 19.45 4.11 26.33
N GLY B 21 20.39 4.99 26.03
CA GLY B 21 21.42 5.38 26.97
C GLY B 21 21.12 6.75 27.54
N PHE B 22 20.95 6.80 28.85
CA PHE B 22 20.70 8.07 29.53
C PHE B 22 21.00 7.89 31.01
N SER B 23 20.96 9.01 31.74
CA SER B 23 21.28 8.99 33.16
C SER B 23 20.30 9.86 33.93
N LEU B 24 20.14 9.52 35.21
CA LEU B 24 19.26 10.25 36.11
C LEU B 24 20.05 10.65 37.34
N LEU B 25 20.19 11.95 37.54
CA LEU B 25 20.92 12.51 38.67
C LEU B 25 19.91 12.79 39.77
N ASP B 26 20.03 12.06 40.88
CA ASP B 26 19.15 12.21 42.03
C ASP B 26 19.87 13.05 43.08
N LEU B 27 19.37 14.26 43.30
CA LEU B 27 19.91 15.13 44.34
C LEU B 27 18.92 16.26 44.57
N GLU B 28 18.73 16.61 45.84
CA GLU B 28 17.89 17.73 46.25
C GLU B 28 16.49 17.63 45.63
N GLY B 29 15.76 16.60 46.09
CA GLY B 29 14.40 16.42 45.65
C GLY B 29 14.28 16.00 44.21
N ASP B 30 13.85 16.92 43.34
CA ASP B 30 13.65 16.62 41.94
C ASP B 30 14.89 15.98 41.32
N VAL B 31 14.67 15.16 40.30
CA VAL B 31 15.71 14.43 39.61
C VAL B 31 15.91 15.02 38.22
N TYR B 32 17.14 14.90 37.72
CA TYR B 32 17.54 15.53 36.47
C TYR B 32 17.87 14.47 35.43
N LEU B 33 17.26 14.56 34.26
CA LEU B 33 17.58 13.70 33.15
C LEU B 33 18.80 14.25 32.42
N PHE B 34 19.66 13.33 31.94
CA PHE B 34 20.92 13.74 31.36
C PHE B 34 21.27 12.80 30.21
N GLY B 35 21.70 13.37 29.09
CA GLY B 35 22.04 12.62 27.91
C GLY B 35 20.94 12.53 26.87
N GLN B 36 20.38 13.68 26.49
CA GLN B 36 19.32 13.70 25.50
C GLN B 36 19.84 13.27 24.13
N LYS B 37 18.92 12.81 23.28
CA LYS B 37 19.28 12.46 21.91
C LYS B 37 19.44 13.71 21.07
N GLY B 38 20.47 13.72 20.22
CA GLY B 38 20.72 14.89 19.41
C GLY B 38 21.30 16.02 20.23
N TRP B 39 22.03 16.92 19.58
CA TRP B 39 22.71 17.98 20.29
C TRP B 39 21.70 18.88 21.02
N PRO B 40 22.15 19.65 22.01
CA PRO B 40 21.23 20.54 22.73
C PRO B 40 20.54 21.50 21.77
N LYS B 41 19.22 21.53 21.84
CA LYS B 41 18.42 22.43 21.02
C LYS B 41 18.53 23.85 21.56
N ARG B 42 17.71 24.76 21.00
CA ARG B 42 17.63 26.11 21.53
C ARG B 42 16.77 26.20 22.78
N SER B 43 15.73 25.36 22.86
CA SER B 43 14.83 25.38 24.02
C SER B 43 15.57 25.13 25.32
N CYS B 44 16.66 24.35 25.29
CA CYS B 44 17.40 23.97 26.49
C CYS B 44 18.89 24.10 26.20
N PRO B 45 19.43 25.33 26.27
CA PRO B 45 20.83 25.54 25.85
C PRO B 45 21.84 24.74 26.64
N THR B 46 21.45 24.21 27.79
CA THR B 46 22.29 23.31 28.56
C THR B 46 22.16 21.87 28.11
N GLY B 47 20.93 21.37 28.02
CA GLY B 47 20.72 19.96 27.74
C GLY B 47 20.17 19.17 28.91
N ILE B 48 20.67 19.43 30.13
CA ILE B 48 20.13 18.78 31.32
C ILE B 48 18.65 19.13 31.44
N PHE B 49 17.84 18.13 31.77
CA PHE B 49 16.42 18.34 32.00
C PHE B 49 16.09 18.09 33.46
N GLY B 50 15.00 18.69 33.93
CA GLY B 50 14.38 18.31 35.18
C GLY B 50 13.14 17.47 34.89
N VAL B 51 12.94 16.41 35.66
CA VAL B 51 11.82 15.51 35.44
C VAL B 51 10.92 15.52 36.66
N ARG B 52 9.61 15.65 36.41
CA ARG B 52 8.58 15.57 37.44
C ARG B 52 7.62 14.45 37.09
N ILE B 53 7.15 13.75 38.12
CA ILE B 53 6.16 12.69 37.98
C ILE B 53 4.93 13.10 38.78
N LYS B 54 3.81 13.22 38.08
CA LYS B 54 2.58 13.74 38.66
C LYS B 54 1.41 12.89 38.17
N LYS B 55 0.85 12.09 39.07
CA LYS B 55 -0.22 11.13 38.78
C LYS B 55 0.04 10.38 37.46
N GLY B 56 1.16 9.66 37.45
CA GLY B 56 1.54 8.88 36.30
C GLY B 56 2.01 9.65 35.10
N GLU B 57 1.98 10.98 35.15
CA GLU B 57 2.44 11.80 34.03
C GLU B 57 3.91 12.13 34.21
N LEU B 58 4.65 12.10 33.11
CA LEU B 58 6.10 12.32 33.11
C LEU B 58 6.37 13.63 32.37
N LYS B 59 6.51 14.71 33.13
CA LYS B 59 6.77 16.02 32.54
C LYS B 59 8.24 16.37 32.65
N LEU B 60 8.73 17.13 31.67
CA LEU B 60 10.12 17.55 31.62
C LEU B 60 10.18 19.06 31.47
N ARG B 61 11.02 19.69 32.30
CA ARG B 61 11.22 21.12 32.28
C ARG B 61 12.69 21.44 32.01
N ALA B 62 12.92 22.65 31.53
CA ALA B 62 14.25 23.07 31.08
C ALA B 62 15.00 23.67 32.27
N ILE B 63 16.07 22.98 32.68
CA ILE B 63 16.97 23.55 33.67
C ILE B 63 17.78 24.66 33.02
N SER B 64 18.34 25.52 33.85
CA SER B 64 19.29 26.52 33.39
C SER B 64 20.64 26.24 34.04
N PHE B 65 21.62 27.09 33.78
CA PHE B 65 22.94 26.92 34.34
C PHE B 65 23.37 28.13 35.16
N SER B 66 24.60 28.04 35.65
CA SER B 66 25.25 29.15 36.33
C SER B 66 25.82 30.10 35.26
N ASN B 67 26.67 31.02 35.68
CA ASN B 67 27.42 31.83 34.73
C ASN B 67 28.88 31.39 34.64
N ASN B 68 29.46 30.93 35.75
CA ASN B 68 30.87 30.55 35.81
C ASN B 68 31.15 29.15 35.29
N SER B 69 30.11 28.37 35.01
CA SER B 69 30.26 26.95 34.73
C SER B 69 30.42 26.68 33.24
N SER B 70 30.93 25.50 32.92
CA SER B 70 31.02 25.05 31.55
C SER B 70 29.68 24.47 31.09
N TYR B 71 29.60 24.15 29.80
CA TYR B 71 28.40 23.59 29.21
C TYR B 71 28.69 22.21 28.66
N LEU B 72 27.73 21.30 28.82
CA LEU B 72 28.16 19.92 28.73
C LEU B 72 27.61 19.29 27.46
N PRO B 73 28.40 18.53 26.74
CA PRO B 73 27.88 17.75 25.61
C PRO B 73 27.10 16.55 26.11
N PRO B 74 25.95 16.26 25.54
CA PRO B 74 25.09 15.20 26.09
C PRO B 74 25.68 13.81 25.88
N LEU B 75 26.60 13.42 26.76
CA LEU B 75 27.15 12.07 26.73
C LEU B 75 26.03 11.05 26.82
N ARG B 76 26.28 9.85 26.26
CA ARG B 76 25.21 8.88 26.08
C ARG B 76 25.22 7.78 27.14
N CYS B 77 26.31 7.03 27.25
CA CYS B 77 26.33 5.95 28.21
C CYS B 77 27.50 6.09 29.18
N PRO B 78 27.63 7.24 29.83
CA PRO B 78 28.83 7.49 30.63
C PRO B 78 28.81 6.74 31.95
N ALA B 79 29.80 7.00 32.80
CA ALA B 79 29.87 6.48 34.14
C ALA B 79 29.55 7.60 35.13
N ILE B 80 28.50 7.41 35.91
CA ILE B 80 28.07 8.40 36.89
C ILE B 80 28.63 8.00 38.24
N ALA B 81 28.93 8.99 39.08
CA ALA B 81 29.40 8.70 40.43
C ALA B 81 28.87 9.76 41.38
N HIS B 82 28.05 9.34 42.35
CA HIS B 82 27.50 10.26 43.33
C HIS B 82 28.59 10.67 44.30
N PHE B 83 29.26 11.80 44.03
CA PHE B 83 30.23 12.32 44.99
C PHE B 83 29.44 12.81 46.19
N GLU B 84 29.45 11.98 47.24
CA GLU B 84 28.56 12.12 48.37
C GLU B 84 28.75 13.47 49.05
N ALA B 85 27.66 13.95 49.67
CA ALA B 85 27.66 15.25 50.31
C ALA B 85 28.67 15.33 51.43
N GLN B 86 29.74 16.10 51.22
CA GLN B 86 30.79 16.33 52.23
C GLN B 86 31.70 17.43 51.69
N ASP B 87 32.78 17.69 52.41
CA ASP B 87 33.78 18.67 51.98
C ASP B 87 34.35 18.27 50.62
N GLY B 88 34.55 19.27 49.76
CA GLY B 88 34.33 20.67 50.08
C GLY B 88 32.94 21.22 49.82
N LYS B 89 32.45 21.06 48.59
CA LYS B 89 31.17 21.62 48.18
C LYS B 89 30.17 20.51 47.89
N PRO B 90 29.41 20.06 48.88
CA PRO B 90 28.36 19.07 48.62
C PRO B 90 27.18 19.69 47.88
N GLU B 91 26.46 18.85 47.16
CA GLU B 91 26.82 17.45 46.91
C GLU B 91 26.97 17.31 45.41
N CYS B 92 27.90 16.47 44.95
CA CYS B 92 28.23 16.54 43.53
C CYS B 92 27.99 15.23 42.82
N TYR B 93 28.06 15.32 41.50
CA TYR B 93 28.05 14.15 40.61
C TYR B 93 29.28 14.24 39.72
N LEU B 94 30.05 13.17 39.67
CA LEU B 94 31.18 13.08 38.76
C LEU B 94 30.75 12.30 37.53
N ILE B 95 30.98 12.89 36.35
CA ILE B 95 30.53 12.30 35.08
C ILE B 95 31.75 12.17 34.16
N HIS B 96 32.04 10.94 33.74
CA HIS B 96 33.15 10.64 32.85
C HIS B 96 33.01 9.21 32.35
N GLY B 97 33.08 9.00 31.04
CA GLY B 97 33.18 10.08 30.09
C GLY B 97 32.19 9.91 28.96
N GLY B 98 31.64 8.70 28.82
CA GLY B 98 30.65 8.41 27.78
C GLY B 98 31.19 8.72 26.37
N ARG B 99 30.26 8.75 25.42
CA ARG B 99 30.58 9.15 24.06
C ARG B 99 29.54 10.13 23.55
N THR B 100 30.02 11.22 22.92
CA THR B 100 29.20 12.33 22.44
C THR B 100 28.22 11.86 21.36
N PRO B 101 27.25 12.68 20.96
CA PRO B 101 26.34 12.26 19.89
C PRO B 101 27.01 12.13 18.53
N ASN B 102 28.25 12.56 18.39
CA ASN B 102 29.13 12.10 17.33
C ASN B 102 30.06 11.07 17.93
N ASN B 103 30.27 9.97 17.23
CA ASN B 103 30.81 8.80 17.91
C ASN B 103 32.26 9.02 18.28
N GLU B 104 32.47 9.89 19.26
CA GLU B 104 33.77 10.19 19.82
C GLU B 104 33.60 10.25 21.33
N LEU B 105 34.70 10.19 22.06
CA LEU B 105 34.63 9.98 23.49
C LEU B 105 35.32 11.13 24.22
N SER B 106 34.95 11.29 25.49
CA SER B 106 35.25 12.53 26.20
C SER B 106 36.71 12.61 26.64
N SER B 107 37.14 11.67 27.50
CA SER B 107 38.44 11.76 28.19
C SER B 107 38.57 13.07 28.96
N SER B 108 37.45 13.51 29.56
CA SER B 108 37.45 14.75 30.33
C SER B 108 36.29 14.69 31.32
N LEU B 109 36.61 14.56 32.60
CA LEU B 109 35.58 14.40 33.63
C LEU B 109 35.01 15.75 34.05
N TYR B 110 33.71 15.73 34.38
CA TYR B 110 32.98 16.92 34.77
C TYR B 110 32.41 16.75 36.17
N MET B 111 32.40 17.85 36.94
CA MET B 111 31.81 17.88 38.28
C MET B 111 30.54 18.71 38.22
N LEU B 112 29.41 18.09 38.54
CA LEU B 112 28.10 18.73 38.50
C LEU B 112 27.61 18.98 39.92
N SER B 113 27.18 20.21 40.19
CA SER B 113 26.70 20.59 41.52
C SER B 113 25.54 21.55 41.39
N VAL B 114 24.88 21.82 42.52
CA VAL B 114 23.76 22.75 42.59
C VAL B 114 24.24 24.04 43.23
N ASP B 115 23.62 25.17 42.86
CA ASP B 115 24.09 26.48 43.29
C ASP B 115 23.06 27.24 44.12
N SER B 116 21.84 27.44 43.61
CA SER B 116 20.89 28.32 44.28
C SER B 116 19.47 27.95 43.86
N ARG B 117 18.51 28.45 44.63
CA ARG B 117 17.10 28.13 44.45
C ARG B 117 16.28 29.03 45.38
N GLY B 118 15.00 29.18 45.07
CA GLY B 118 14.42 28.74 43.82
C GLY B 118 14.59 29.66 42.62
N CYS B 119 13.91 30.82 42.64
CA CYS B 119 12.94 31.18 43.66
C CYS B 119 11.66 30.35 43.58
N ASN B 120 10.96 30.44 42.46
CA ASN B 120 9.67 29.78 42.26
C ASN B 120 9.90 28.48 41.49
N ARG B 121 10.11 27.39 42.24
CA ARG B 121 10.27 26.05 41.66
C ARG B 121 11.36 26.00 40.59
N LYS B 122 12.36 26.86 40.75
CA LYS B 122 13.46 26.99 39.80
C LYS B 122 14.75 26.52 40.49
N VAL B 123 15.70 26.05 39.70
CA VAL B 123 16.98 25.57 40.21
C VAL B 123 18.09 26.27 39.44
N THR B 124 19.30 26.20 39.99
CA THR B 124 20.52 26.61 39.30
C THR B 124 21.56 25.53 39.50
N LEU B 125 22.22 25.15 38.41
CA LEU B 125 23.25 24.13 38.45
C LEU B 125 24.57 24.70 37.95
N ARG B 126 25.64 23.94 38.15
CA ARG B 126 26.95 24.31 37.64
C ARG B 126 27.70 23.04 37.27
N CYS B 127 28.46 23.12 36.18
CA CYS B 127 29.22 22.00 35.64
C CYS B 127 30.66 22.48 35.43
N GLU B 128 31.51 22.23 36.42
CA GLU B 128 32.90 22.63 36.35
C GLU B 128 33.71 21.50 35.71
N GLU B 129 34.33 21.79 34.58
CA GLU B 129 35.26 20.83 34.00
C GLU B 129 36.46 20.70 34.92
N LYS B 130 36.71 19.48 35.39
CA LYS B 130 37.83 19.21 36.28
C LYS B 130 38.90 18.48 35.49
N GLU B 131 40.08 19.09 35.39
CA GLU B 131 41.17 18.50 34.64
C GLU B 131 41.65 17.23 35.32
N LEU B 132 42.11 16.27 34.52
CA LEU B 132 42.71 15.03 35.00
C LEU B 132 44.16 14.97 34.53
N VAL B 133 45.09 15.08 35.47
CA VAL B 133 46.51 14.96 35.16
C VAL B 133 46.98 13.57 35.56
N GLY B 134 48.17 13.20 35.09
CA GLY B 134 48.74 11.91 35.41
C GLY B 134 49.76 11.47 34.37
N ASP B 135 49.68 10.25 33.82
CA ASP B 135 48.73 9.17 34.15
C ASP B 135 47.24 9.54 34.05
N VAL B 136 46.80 9.92 32.86
CA VAL B 136 45.39 10.22 32.63
C VAL B 136 44.69 8.91 32.28
N PRO B 137 43.38 8.80 32.49
CA PRO B 137 42.64 7.66 31.94
C PRO B 137 42.34 7.87 30.46
N SER B 138 42.04 6.75 29.80
CA SER B 138 41.66 6.82 28.41
C SER B 138 40.15 6.97 28.30
N ALA B 139 39.72 7.66 27.25
CA ALA B 139 38.29 7.79 27.01
C ALA B 139 37.70 6.43 26.66
N ARG B 140 36.55 6.14 27.25
CA ARG B 140 35.91 4.85 27.13
C ARG B 140 34.46 5.02 27.59
N TYR B 141 33.65 3.99 27.36
CA TYR B 141 32.25 4.08 27.77
C TYR B 141 31.84 2.77 28.41
N GLY B 142 30.86 2.87 29.31
CA GLY B 142 30.34 1.73 30.03
C GLY B 142 31.11 1.35 31.28
N HIS B 143 32.24 2.00 31.56
CA HIS B 143 32.98 1.71 32.77
C HIS B 143 32.26 2.31 33.98
N THR B 144 32.88 2.22 35.16
CA THR B 144 32.23 2.67 36.38
C THR B 144 33.19 3.47 37.23
N LEU B 145 32.66 4.54 37.82
CA LEU B 145 33.35 5.34 38.81
C LEU B 145 32.62 5.23 40.14
N SER B 146 33.36 5.35 41.24
CA SER B 146 32.76 5.29 42.57
C SER B 146 33.64 6.05 43.55
N VAL B 147 33.00 6.64 44.56
CA VAL B 147 33.70 7.46 45.54
C VAL B 147 34.08 6.59 46.72
N ILE B 148 35.24 6.88 47.32
CA ILE B 148 35.72 6.17 48.51
C ILE B 148 36.34 7.19 49.45
N ASN B 149 36.48 6.77 50.70
CA ASN B 149 36.99 7.65 51.76
C ASN B 149 37.77 6.79 52.74
N SER B 150 39.10 6.84 52.64
CA SER B 150 39.97 6.00 53.46
C SER B 150 40.92 6.89 54.26
N ARG B 151 40.65 6.99 55.56
CA ARG B 151 41.56 7.52 56.57
C ARG B 151 42.38 8.72 56.10
N GLY B 152 41.74 9.84 55.78
CA GLY B 152 40.29 9.94 55.68
C GLY B 152 39.99 10.43 54.28
N LYS B 153 41.00 10.29 53.41
CA LYS B 153 41.01 10.98 52.14
C LYS B 153 39.91 10.46 51.22
N THR B 154 39.25 11.39 50.53
CA THR B 154 38.18 11.07 49.58
C THR B 154 38.78 10.99 48.19
N ALA B 155 38.74 9.80 47.59
CA ALA B 155 39.23 9.59 46.24
C ALA B 155 38.15 8.90 45.42
N CYS B 156 38.48 8.59 44.17
CA CYS B 156 37.55 7.93 43.26
C CYS B 156 38.23 6.75 42.60
N VAL B 157 37.53 5.62 42.53
CA VAL B 157 38.02 4.42 41.87
C VAL B 157 37.27 4.27 40.55
N LEU B 158 38.01 3.97 39.48
CA LEU B 158 37.46 3.91 38.14
C LEU B 158 37.94 2.65 37.45
N PHE B 159 37.01 1.89 36.88
CA PHE B 159 37.41 0.60 36.30
C PHE B 159 36.42 0.17 35.22
N GLY B 160 36.92 -0.60 34.27
CA GLY B 160 36.11 -1.21 33.24
C GLY B 160 36.10 -0.43 31.95
N GLY B 161 35.21 -0.82 31.06
CA GLY B 161 34.90 0.00 29.90
C GLY B 161 35.48 -0.52 28.59
N ARG B 162 34.71 -0.36 27.52
CA ARG B 162 35.14 -0.64 26.17
C ARG B 162 35.67 0.64 25.51
N SER B 163 36.30 0.47 24.36
CA SER B 163 36.72 1.60 23.55
C SER B 163 36.84 1.13 22.10
N TYR B 164 37.13 2.08 21.22
CA TYR B 164 37.46 1.75 19.86
C TYR B 164 38.90 1.26 19.79
N MET B 165 39.22 0.57 18.71
CA MET B 165 40.58 0.07 18.52
C MET B 165 41.58 1.22 18.59
N PRO B 166 42.73 1.01 19.21
CA PRO B 166 43.75 2.06 19.25
C PRO B 166 44.16 2.44 17.84
N PRO B 167 44.50 3.73 17.61
CA PRO B 167 44.54 4.25 16.23
C PRO B 167 45.73 3.79 15.39
N THR B 168 45.99 2.47 15.38
CA THR B 168 46.92 1.87 14.44
C THR B 168 46.20 0.93 13.48
N GLU B 169 45.48 -0.06 14.03
CA GLU B 169 44.63 -0.94 13.25
C GLU B 169 43.21 -0.40 13.14
N ARG B 170 42.98 0.84 13.56
CA ARG B 170 41.66 1.46 13.46
C ARG B 170 41.37 1.70 11.99
N THR B 171 40.61 0.81 11.39
CA THR B 171 40.38 0.78 9.96
C THR B 171 38.93 1.12 9.66
N THR B 172 38.70 1.66 8.47
CA THR B 172 37.35 2.08 8.10
C THR B 172 36.49 0.92 7.63
N GLN B 173 36.86 -0.31 8.00
CA GLN B 173 35.97 -1.45 8.02
C GLN B 173 35.80 -2.01 9.42
N ASN B 174 36.59 -1.54 10.39
CA ASN B 174 36.44 -1.86 11.80
C ASN B 174 36.17 -0.63 12.65
N TRP B 175 35.90 0.52 12.03
CA TRP B 175 35.82 1.81 12.71
C TRP B 175 34.68 1.88 13.72
N ASN B 176 33.87 0.83 13.82
CA ASN B 176 32.81 0.73 14.81
C ASN B 176 32.92 -0.53 15.65
N SER B 177 33.99 -1.31 15.50
CA SER B 177 34.26 -2.41 16.41
C SER B 177 34.82 -1.87 17.71
N VAL B 178 34.62 -2.63 18.79
CA VAL B 178 35.08 -2.20 20.10
C VAL B 178 35.84 -3.34 20.76
N VAL B 179 36.64 -2.96 21.76
CA VAL B 179 37.41 -3.90 22.54
C VAL B 179 37.53 -3.33 23.95
N ASP B 180 37.54 -4.21 24.94
CA ASP B 180 37.57 -3.77 26.32
C ASP B 180 38.90 -3.08 26.61
N CYS B 181 38.83 -2.02 27.40
CA CYS B 181 40.03 -1.32 27.79
C CYS B 181 40.91 -2.26 28.63
N PRO B 182 42.21 -1.99 28.69
CA PRO B 182 43.09 -2.80 29.52
C PRO B 182 42.77 -2.59 31.00
N PRO B 183 42.59 -3.67 31.76
CA PRO B 183 42.16 -3.52 33.16
C PRO B 183 43.23 -2.98 34.09
N GLN B 184 43.52 -1.68 34.00
CA GLN B 184 44.31 -0.97 35.00
C GLN B 184 43.37 0.00 35.70
N VAL B 185 42.91 -0.38 36.89
CA VAL B 185 42.05 0.51 37.67
C VAL B 185 42.75 1.84 37.86
N TYR B 186 41.97 2.92 37.83
CA TYR B 186 42.48 4.26 38.04
C TYR B 186 41.98 4.80 39.38
N LEU B 187 42.81 5.62 40.00
CA LEU B 187 42.42 6.38 41.19
C LEU B 187 42.47 7.85 40.84
N ILE B 188 41.34 8.53 40.98
CA ILE B 188 41.18 9.93 40.66
C ILE B 188 41.12 10.68 41.99
N ASP B 189 42.15 11.50 42.25
CA ASP B 189 42.07 12.46 43.33
C ASP B 189 41.30 13.67 42.82
N LEU B 190 40.27 14.08 43.56
CA LEU B 190 39.37 15.10 43.04
C LEU B 190 40.04 16.46 42.98
N GLU B 191 41.02 16.71 43.83
CA GLU B 191 41.74 17.98 43.78
C GLU B 191 43.12 17.80 44.41
N PHE B 192 44.18 17.90 43.61
CA PHE B 192 44.06 18.14 42.18
C PHE B 192 43.86 16.82 41.46
N GLY B 193 43.73 16.86 40.13
CA GLY B 193 43.48 15.66 39.37
C GLY B 193 44.71 14.79 39.17
N CYS B 194 45.48 14.57 40.24
CA CYS B 194 46.67 13.73 40.14
C CYS B 194 46.26 12.26 40.07
N CYS B 195 45.70 11.87 38.93
CA CYS B 195 45.26 10.50 38.74
C CYS B 195 46.43 9.53 38.85
N THR B 196 46.16 8.35 39.37
CA THR B 196 47.16 7.32 39.56
C THR B 196 46.61 5.99 39.04
N ALA B 197 47.38 5.33 38.16
CA ALA B 197 47.00 4.04 37.63
C ALA B 197 47.57 2.92 38.51
N HIS B 198 46.81 1.85 38.63
CA HIS B 198 47.24 0.68 39.39
C HIS B 198 46.71 -0.57 38.72
N THR B 199 47.36 -1.69 38.99
CA THR B 199 46.96 -2.98 38.47
C THR B 199 46.85 -3.98 39.62
N LEU B 200 46.21 -5.10 39.35
CA LEU B 200 46.10 -6.17 40.32
C LEU B 200 46.02 -7.50 39.60
N PRO B 201 46.85 -8.48 39.98
CA PRO B 201 46.89 -9.75 39.25
C PRO B 201 45.60 -10.56 39.32
N GLU B 202 44.58 -10.06 40.01
CA GLU B 202 43.26 -10.67 39.96
C GLU B 202 42.37 -10.03 38.90
N LEU B 203 42.81 -8.89 38.35
CA LEU B 203 42.09 -8.25 37.26
C LEU B 203 42.32 -9.03 35.98
N THR B 204 41.73 -10.22 35.90
CA THR B 204 41.95 -11.11 34.75
C THR B 204 41.57 -10.42 33.45
N ASP B 205 40.36 -9.88 33.39
CA ASP B 205 39.88 -9.25 32.16
C ASP B 205 38.97 -8.09 32.52
N GLY B 206 39.16 -6.96 31.82
CA GLY B 206 38.28 -5.83 32.01
C GLY B 206 36.93 -6.08 31.39
N GLN B 207 35.88 -5.90 32.18
CA GLN B 207 34.52 -6.14 31.73
C GLN B 207 33.83 -4.80 31.48
N SER B 208 32.54 -4.88 31.13
CA SER B 208 31.78 -3.70 30.74
C SER B 208 30.39 -3.76 31.34
N PHE B 209 29.81 -2.58 31.57
CA PHE B 209 28.43 -2.43 32.06
C PHE B 209 28.23 -3.07 33.44
N HIS B 210 29.28 -3.12 34.25
CA HIS B 210 29.26 -3.85 35.51
C HIS B 210 28.94 -2.89 36.65
N VAL B 211 27.73 -2.99 37.19
CA VAL B 211 27.33 -2.09 38.27
C VAL B 211 28.23 -2.29 39.48
N ALA B 212 28.61 -1.19 40.12
CA ALA B 212 29.53 -1.20 41.25
C ALA B 212 28.82 -0.70 42.51
N LEU B 213 29.46 -0.94 43.66
CA LEU B 213 28.93 -0.47 44.93
C LEU B 213 30.10 -0.20 45.88
N ALA B 214 30.28 1.06 46.26
CA ALA B 214 31.38 1.46 47.13
C ALA B 214 30.83 1.86 48.49
N ARG B 215 31.47 1.39 49.56
CA ARG B 215 31.09 1.75 50.92
C ARG B 215 32.30 1.63 51.83
N GLN B 216 32.56 2.68 52.61
CA GLN B 216 33.56 2.66 53.67
C GLN B 216 34.88 2.07 53.16
N ASP B 217 35.46 2.76 52.18
CA ASP B 217 36.70 2.37 51.50
C ASP B 217 36.81 0.88 51.22
N CYS B 218 35.71 0.27 50.78
CA CYS B 218 35.70 -1.09 50.25
C CYS B 218 34.63 -1.15 49.17
N VAL B 219 34.98 -1.70 48.01
CA VAL B 219 34.10 -1.66 46.85
C VAL B 219 33.84 -3.07 46.36
N TYR B 220 32.66 -3.27 45.78
CA TYR B 220 32.21 -4.55 45.27
C TYR B 220 31.71 -4.35 43.84
N PHE B 221 32.31 -5.08 42.91
CA PHE B 221 31.89 -5.08 41.51
C PHE B 221 31.13 -6.36 41.23
N LEU B 222 29.92 -6.22 40.71
CA LEU B 222 29.07 -7.36 40.43
C LEU B 222 29.34 -7.87 39.02
N GLY B 223 28.49 -8.77 38.55
CA GLY B 223 28.67 -9.33 37.22
C GLY B 223 28.50 -8.26 36.15
N GLY B 224 29.29 -8.38 35.11
CA GLY B 224 29.19 -7.53 33.95
C GLY B 224 29.21 -8.34 32.68
N HIS B 225 29.73 -7.72 31.57
CA HIS B 225 29.61 -8.36 30.24
C HIS B 225 31.12 -8.44 29.92
N ILE B 226 31.60 -9.39 29.10
CA ILE B 226 32.93 -9.36 28.47
C ILE B 226 32.82 -9.80 27.01
N LEU B 227 33.44 -9.06 26.07
CA LEU B 227 33.37 -9.47 24.66
C LEU B 227 34.44 -10.50 24.31
N SER B 228 35.63 -10.37 24.91
CA SER B 228 36.76 -11.21 24.54
C SER B 228 36.43 -12.69 24.70
N SER B 229 36.18 -13.13 25.92
CA SER B 229 35.74 -14.51 26.14
C SER B 229 34.29 -14.74 25.77
N ASP B 230 33.55 -13.67 25.49
CA ASP B 230 32.12 -13.72 25.20
C ASP B 230 31.33 -14.39 26.31
N CYS B 231 31.86 -14.40 27.53
CA CYS B 231 31.15 -14.91 28.69
C CYS B 231 30.90 -13.78 29.67
N ARG B 232 29.80 -13.90 30.41
CA ARG B 232 29.43 -12.98 31.47
C ARG B 232 29.69 -13.68 32.80
N PRO B 233 30.90 -13.56 33.34
CA PRO B 233 31.27 -14.43 34.48
C PRO B 233 30.50 -14.09 35.73
N SER B 234 30.34 -15.09 36.58
CA SER B 234 29.65 -14.94 37.86
C SER B 234 30.58 -14.54 38.99
N ARG B 235 31.86 -14.34 38.72
CA ARG B 235 32.84 -14.07 39.78
C ARG B 235 32.68 -12.66 40.30
N LEU B 236 31.93 -12.51 41.41
CA LEU B 236 31.89 -11.24 42.10
C LEU B 236 33.30 -10.82 42.49
N ILE B 237 33.56 -9.51 42.44
CA ILE B 237 34.86 -8.98 42.79
C ILE B 237 34.70 -8.04 43.98
N ARG B 238 35.67 -8.04 44.87
CA ARG B 238 35.78 -7.04 45.91
C ARG B 238 37.17 -6.44 45.84
N LEU B 239 37.29 -5.17 46.21
CA LEU B 239 38.60 -4.55 46.27
C LEU B 239 38.63 -3.51 47.39
N HIS B 240 39.77 -3.45 48.07
CA HIS B 240 39.96 -2.59 49.23
C HIS B 240 41.14 -1.69 48.98
N VAL B 241 40.90 -0.37 49.03
CA VAL B 241 41.91 0.64 48.76
C VAL B 241 42.18 1.40 50.05
N GLU B 242 43.42 1.89 50.19
CA GLU B 242 43.79 2.61 51.40
C GLU B 242 44.91 3.58 51.05
N LEU B 243 44.70 4.87 51.36
CA LEU B 243 45.67 5.91 51.06
C LEU B 243 46.66 6.02 52.23
N LEU B 244 47.66 5.15 52.22
CA LEU B 244 48.75 5.24 53.19
C LEU B 244 49.80 6.17 52.60
N LEU B 245 49.50 7.48 52.73
CA LEU B 245 50.27 8.51 52.04
C LEU B 245 51.76 8.37 52.33
N GLY B 246 52.58 8.60 51.31
CA GLY B 246 52.11 9.01 49.99
C GLY B 246 51.91 7.90 48.97
N SER B 247 51.30 6.79 49.38
CA SER B 247 51.06 5.65 48.50
C SER B 247 49.61 5.20 48.63
N PRO B 248 48.84 5.20 47.53
CA PRO B 248 47.49 4.59 47.57
C PRO B 248 47.55 3.09 47.34
N VAL B 249 47.80 2.33 48.41
CA VAL B 249 47.96 0.89 48.27
C VAL B 249 46.60 0.23 48.14
N LEU B 250 46.47 -0.67 47.17
CA LEU B 250 45.20 -1.29 46.80
C LEU B 250 45.39 -2.79 46.74
N THR B 251 44.39 -3.53 47.22
CA THR B 251 44.34 -4.98 47.02
C THR B 251 42.90 -5.36 46.68
N CYS B 252 42.68 -6.63 46.41
CA CYS B 252 41.35 -7.09 46.03
C CYS B 252 41.24 -8.58 46.32
N THR B 253 40.08 -9.14 45.95
CA THR B 253 39.79 -10.55 46.19
C THR B 253 38.60 -10.97 45.34
N ILE B 254 38.74 -12.11 44.66
CA ILE B 254 37.60 -12.78 44.06
C ILE B 254 36.73 -13.34 45.19
N LEU B 255 35.42 -13.38 44.97
CA LEU B 255 34.55 -14.05 45.92
C LEU B 255 33.68 -15.05 45.16
N HIS B 256 32.79 -15.72 45.88
CA HIS B 256 32.12 -16.89 45.31
C HIS B 256 30.99 -16.49 44.37
N GLU B 257 29.96 -15.82 44.90
CA GLU B 257 28.74 -15.58 44.15
C GLU B 257 28.68 -14.13 43.68
N GLY B 258 28.53 -13.94 42.38
CA GLY B 258 28.20 -12.66 41.80
C GLY B 258 27.18 -12.83 40.71
N LEU B 259 26.08 -12.09 40.80
CA LEU B 259 24.96 -12.32 39.89
C LEU B 259 25.38 -12.09 38.44
N THR B 260 24.81 -12.91 37.55
CA THR B 260 25.15 -12.87 36.13
C THR B 260 24.16 -11.96 35.39
N ILE B 261 24.32 -10.66 35.63
CA ILE B 261 23.45 -9.64 35.04
C ILE B 261 24.31 -8.49 34.52
N THR B 262 23.81 -7.84 33.47
CA THR B 262 24.44 -6.65 32.92
C THR B 262 23.38 -5.57 32.73
N SER B 263 23.84 -4.32 32.66
CA SER B 263 22.96 -3.18 32.41
C SER B 263 21.84 -3.11 33.44
N ALA B 264 22.24 -3.04 34.71
CA ALA B 264 21.30 -3.10 35.81
C ALA B 264 20.93 -1.70 36.30
N ILE B 265 19.75 -1.60 36.90
CA ILE B 265 19.23 -0.35 37.46
C ILE B 265 19.21 -0.52 38.97
N ALA B 266 20.12 0.17 39.65
CA ALA B 266 20.30 0.03 41.09
C ALA B 266 19.60 1.18 41.80
N SER B 267 18.68 0.85 42.71
CA SER B 267 18.02 1.87 43.51
C SER B 267 18.46 1.74 44.95
N PRO B 268 19.00 2.80 45.55
CA PRO B 268 19.31 2.79 46.98
C PRO B 268 18.06 3.06 47.81
N ILE B 269 17.80 2.19 48.78
CA ILE B 269 16.70 2.36 49.73
C ILE B 269 17.23 2.64 51.14
N GLY B 270 17.97 1.71 51.70
CA GLY B 270 18.55 1.90 53.02
C GLY B 270 19.87 2.63 52.95
N TYR B 271 20.52 2.71 54.11
CA TYR B 271 21.85 3.32 54.16
C TYR B 271 22.81 2.59 53.24
N HIS B 272 22.78 1.26 53.26
CA HIS B 272 23.55 0.44 52.33
C HIS B 272 22.71 -0.74 51.87
N GLU B 273 21.46 -0.47 51.48
CA GLU B 273 20.56 -1.47 50.94
C GLU B 273 20.20 -1.06 49.52
N TYR B 274 20.49 -1.94 48.56
CA TYR B 274 20.32 -1.61 47.14
C TYR B 274 19.46 -2.67 46.49
N ILE B 275 18.32 -2.26 45.95
CA ILE B 275 17.46 -3.14 45.18
C ILE B 275 17.89 -3.06 43.72
N ILE B 276 18.13 -4.23 43.12
CA ILE B 276 18.63 -4.33 41.75
C ILE B 276 17.51 -4.87 40.88
N PHE B 277 17.05 -4.04 39.94
CA PHE B 277 16.11 -4.52 38.93
C PHE B 277 16.81 -5.35 37.88
N GLY B 278 17.96 -4.88 37.41
CA GLY B 278 18.74 -5.62 36.43
C GLY B 278 18.14 -5.53 35.05
N GLY B 279 18.98 -5.41 34.03
CA GLY B 279 18.50 -5.37 32.66
C GLY B 279 18.50 -6.71 31.95
N TYR B 280 19.65 -7.38 31.93
CA TYR B 280 19.84 -8.54 31.05
C TYR B 280 20.60 -9.62 31.79
N GLN B 281 20.03 -10.82 31.83
CA GLN B 281 20.72 -11.97 32.39
C GLN B 281 21.70 -12.56 31.37
N SER B 282 21.20 -12.99 30.22
CA SER B 282 21.99 -13.59 29.16
C SER B 282 22.04 -12.66 27.94
N GLU B 283 22.91 -13.00 26.99
CA GLU B 283 23.11 -12.16 25.81
C GLU B 283 21.88 -12.10 24.91
N THR B 284 20.90 -12.98 25.13
CA THR B 284 19.70 -13.00 24.31
C THR B 284 18.43 -12.68 25.12
N GLN B 285 18.15 -13.34 26.23
CA GLN B 285 16.89 -13.18 26.98
C GLN B 285 17.35 -12.25 28.11
N LYS B 286 16.65 -11.15 28.33
CA LYS B 286 16.85 -10.30 29.47
C LYS B 286 16.26 -10.92 30.72
N ARG B 287 16.82 -10.56 31.85
CA ARG B 287 16.28 -11.00 33.13
C ARG B 287 14.89 -10.41 33.36
N MET B 288 14.05 -11.17 34.08
CA MET B 288 12.74 -10.69 34.46
C MET B 288 12.56 -10.47 35.96
N GLU B 289 13.45 -11.03 36.78
CA GLU B 289 13.29 -11.01 38.23
C GLU B 289 13.99 -9.79 38.83
N CYS B 290 13.98 -9.73 40.16
CA CYS B 290 14.60 -8.66 40.93
C CYS B 290 15.65 -9.24 41.86
N THR B 291 16.31 -8.36 42.60
CA THR B 291 17.31 -8.79 43.58
C THR B 291 17.43 -7.72 44.64
N TYR B 292 17.94 -8.11 45.81
CA TYR B 292 18.23 -7.21 46.91
C TYR B 292 19.63 -7.49 47.41
N VAL B 293 20.37 -6.43 47.71
CA VAL B 293 21.76 -6.55 48.15
C VAL B 293 21.96 -5.62 49.33
N GLY B 294 22.19 -6.19 50.51
CA GLY B 294 22.77 -5.44 51.60
C GLY B 294 24.27 -5.55 51.57
N LEU B 295 24.93 -4.71 52.36
CA LEU B 295 26.38 -4.82 52.47
C LEU B 295 26.84 -4.13 53.74
N ASP B 296 27.94 -4.65 54.29
CA ASP B 296 28.59 -4.10 55.46
C ASP B 296 30.04 -4.58 55.41
N ASP B 297 30.75 -4.44 56.53
CA ASP B 297 32.11 -4.93 56.60
C ASP B 297 32.20 -6.45 56.50
N VAL B 298 31.06 -7.14 56.56
CA VAL B 298 31.03 -8.56 56.24
C VAL B 298 31.12 -8.77 54.73
N GLY B 299 30.22 -8.13 54.00
CA GLY B 299 30.16 -8.24 52.56
C GLY B 299 28.73 -8.10 52.08
N VAL B 300 28.50 -8.53 50.84
CA VAL B 300 27.15 -8.51 50.28
C VAL B 300 26.30 -9.57 50.97
N HIS B 301 25.09 -9.17 51.37
CA HIS B 301 24.06 -10.10 51.80
C HIS B 301 23.01 -10.12 50.70
N MET B 302 22.92 -11.26 50.01
CA MET B 302 22.04 -11.39 48.86
C MET B 302 20.62 -11.72 49.32
N GLU B 303 19.67 -11.44 48.44
CA GLU B 303 18.28 -11.81 48.69
C GLU B 303 17.51 -11.71 47.39
N SER B 304 16.46 -12.52 47.27
CA SER B 304 15.53 -12.46 46.14
C SER B 304 14.19 -11.94 46.66
N ARG B 305 13.96 -10.63 46.50
CA ARG B 305 12.72 -10.02 46.94
C ARG B 305 11.58 -10.41 46.01
N GLU B 306 10.42 -9.81 46.23
CA GLU B 306 9.22 -10.11 45.48
C GLU B 306 9.33 -9.59 44.05
N PRO B 307 9.38 -10.44 43.04
CA PRO B 307 9.33 -9.95 41.66
C PRO B 307 7.91 -9.62 41.26
N PRO B 308 7.59 -8.34 41.10
CA PRO B 308 6.23 -7.96 40.70
C PRO B 308 5.91 -8.54 39.33
N GLN B 309 4.64 -8.86 39.12
CA GLN B 309 4.26 -9.39 37.81
C GLN B 309 4.31 -8.26 36.79
N TRP B 310 5.21 -8.39 35.81
CA TRP B 310 5.25 -7.44 34.72
C TRP B 310 4.08 -7.68 33.78
N THR B 311 3.74 -6.65 33.00
CA THR B 311 2.72 -6.79 31.97
C THR B 311 3.25 -7.75 30.90
N SER B 312 2.39 -8.06 29.92
CA SER B 312 2.78 -9.02 28.88
C SER B 312 3.78 -8.40 27.90
N GLU B 313 3.52 -7.17 27.44
CA GLU B 313 4.35 -6.57 26.41
C GLU B 313 5.77 -6.28 26.90
N ILE B 314 5.93 -5.92 28.17
CA ILE B 314 7.25 -5.65 28.71
C ILE B 314 8.06 -6.94 28.87
N SER B 315 7.39 -8.05 29.19
CA SER B 315 8.09 -9.33 29.29
C SER B 315 8.38 -9.94 27.93
N HIS B 316 7.53 -9.69 26.94
CA HIS B 316 7.70 -10.24 25.60
C HIS B 316 8.51 -9.32 24.68
N SER B 317 9.03 -8.23 25.19
CA SER B 317 9.89 -7.35 24.40
C SER B 317 11.34 -7.79 24.51
N ARG B 318 12.11 -7.44 23.48
CA ARG B 318 13.51 -7.85 23.45
C ARG B 318 14.33 -7.07 24.48
N THR B 319 14.31 -5.74 24.40
CA THR B 319 15.19 -4.90 25.20
C THR B 319 14.37 -3.93 26.05
N TRP B 320 15.05 -3.34 27.03
CA TRP B 320 14.47 -2.31 27.88
C TRP B 320 15.55 -1.79 28.83
N PHE B 321 15.29 -0.61 29.38
CA PHE B 321 16.32 0.10 30.14
C PHE B 321 15.64 0.99 31.16
N GLY B 322 16.40 1.92 31.72
CA GLY B 322 15.84 2.95 32.56
C GLY B 322 16.85 3.43 33.58
N GLY B 323 16.35 4.21 34.53
CA GLY B 323 17.16 4.77 35.59
C GLY B 323 16.47 4.64 36.93
N SER B 324 17.18 5.03 37.98
CA SER B 324 16.68 4.96 39.35
C SER B 324 16.21 6.34 39.78
N LEU B 325 14.91 6.48 40.02
CA LEU B 325 14.37 7.72 40.57
C LEU B 325 14.89 7.99 41.99
N GLY B 326 15.53 7.02 42.61
CA GLY B 326 15.97 7.17 43.99
C GLY B 326 14.88 6.84 44.98
N LYS B 327 15.27 6.40 46.17
CA LYS B 327 14.35 6.10 47.27
C LYS B 327 13.35 5.00 46.88
N GLY B 328 13.88 3.92 46.30
CA GLY B 328 13.08 2.79 45.90
C GLY B 328 12.23 3.02 44.68
N THR B 329 11.92 4.27 44.36
CA THR B 329 11.27 4.62 43.12
C THR B 329 12.28 4.54 41.98
N ALA B 330 11.84 4.01 40.84
CA ALA B 330 12.70 3.89 39.68
C ALA B 330 11.84 3.93 38.43
N LEU B 331 12.44 4.37 37.33
CA LEU B 331 11.78 4.46 36.04
C LEU B 331 12.39 3.45 35.09
N VAL B 332 11.54 2.66 34.42
CA VAL B 332 12.00 1.78 33.36
C VAL B 332 11.20 2.09 32.11
N ALA B 333 11.74 1.70 30.96
CA ALA B 333 11.12 2.02 29.69
C ALA B 333 11.41 0.92 28.68
N ILE B 334 10.45 0.70 27.80
CA ILE B 334 10.52 -0.33 26.77
C ILE B 334 10.31 0.35 25.42
N PRO B 335 11.05 0.01 24.37
CA PRO B 335 10.70 0.54 23.05
C PRO B 335 9.37 -0.01 22.54
N SER B 336 8.38 0.87 22.41
CA SER B 336 7.06 0.45 21.94
C SER B 336 7.16 -0.05 20.51
N GLU B 337 6.93 -1.34 20.31
CA GLU B 337 7.09 -1.98 19.01
C GLU B 337 5.69 -2.28 18.45
N GLY B 338 5.25 -1.44 17.52
CA GLY B 338 3.96 -1.61 16.89
C GLY B 338 3.63 -0.41 16.05
N ASN B 339 2.60 -0.57 15.23
CA ASN B 339 2.15 0.52 14.38
C ASN B 339 1.02 1.29 15.05
N PRO B 340 1.06 2.63 15.01
CA PRO B 340 2.14 3.41 14.39
C PRO B 340 3.20 3.87 15.37
N THR B 341 4.42 4.06 14.90
CA THR B 341 5.47 4.68 15.72
C THR B 341 5.00 6.08 16.12
N PRO B 342 5.02 6.41 17.40
CA PRO B 342 4.24 7.56 17.90
C PRO B 342 4.71 8.91 17.40
N PRO B 343 6.02 9.15 17.21
CA PRO B 343 7.31 8.44 17.28
C PRO B 343 7.92 8.33 18.67
N GLU B 344 7.20 8.78 19.70
CA GLU B 344 7.62 8.53 21.08
C GLU B 344 7.38 7.05 21.36
N ALA B 345 8.30 6.22 20.87
CA ALA B 345 8.14 4.79 20.91
C ALA B 345 8.77 4.16 22.14
N TYR B 346 8.77 4.89 23.27
CA TYR B 346 9.30 4.39 24.54
C TYR B 346 8.21 4.52 25.60
N HIS B 347 7.60 3.40 25.97
CA HIS B 347 6.62 3.42 27.05
C HIS B 347 7.33 3.31 28.38
N PHE B 348 6.85 4.09 29.36
CA PHE B 348 7.48 4.21 30.66
C PHE B 348 6.63 3.54 31.73
N TYR B 349 7.30 2.84 32.63
CA TYR B 349 6.68 2.28 33.84
C TYR B 349 7.44 2.80 35.05
N GLN B 350 6.71 3.26 36.06
CA GLN B 350 7.33 3.55 37.35
C GLN B 350 7.20 2.33 38.24
N VAL B 351 8.30 1.94 38.88
CA VAL B 351 8.35 0.73 39.69
C VAL B 351 8.98 1.08 41.03
N SER B 352 8.38 0.59 42.10
CA SER B 352 8.82 0.98 43.45
C SER B 352 8.87 -0.23 44.36
N PHE B 353 9.78 -0.17 45.33
CA PHE B 353 9.93 -1.23 46.32
C PHE B 353 8.99 -0.98 47.49
N GLN B 354 8.43 -2.06 48.03
CA GLN B 354 7.41 -2.00 49.08
C GLN B 354 6.23 -1.12 48.69
N PHE C 607 20.44 -10.72 -40.29
CA PHE C 607 19.05 -10.78 -40.74
C PHE C 607 18.17 -9.80 -39.98
N GLY C 608 17.39 -9.01 -40.72
CA GLY C 608 16.29 -8.31 -40.09
C GLY C 608 15.34 -9.29 -39.43
N LEU C 609 14.69 -8.86 -38.36
CA LEU C 609 13.87 -9.76 -37.57
C LEU C 609 12.39 -9.61 -37.89
N HIS C 610 11.68 -10.73 -37.89
CA HIS C 610 10.26 -10.77 -38.22
C HIS C 610 9.46 -9.88 -37.26
N PRO C 611 8.67 -8.92 -37.77
CA PRO C 611 7.94 -8.02 -36.86
C PRO C 611 7.05 -8.73 -35.86
N ALA C 612 6.47 -9.87 -36.24
CA ALA C 612 5.65 -10.63 -35.30
C ALA C 612 6.49 -11.12 -34.11
N VAL C 613 7.73 -11.57 -34.38
CA VAL C 613 8.62 -11.98 -33.30
C VAL C 613 8.89 -10.82 -32.36
N CYS C 614 9.05 -9.61 -32.91
CA CYS C 614 9.32 -8.46 -32.07
C CYS C 614 8.11 -8.11 -31.20
N LEU C 615 6.91 -8.19 -31.78
CA LEU C 615 5.73 -8.00 -30.95
C LEU C 615 5.67 -9.02 -29.82
N ALA C 616 5.92 -10.29 -30.15
CA ALA C 616 5.91 -11.32 -29.13
C ALA C 616 6.94 -11.03 -28.04
N ILE C 617 8.16 -10.66 -28.45
CA ILE C 617 9.20 -10.37 -27.48
C ILE C 617 8.94 -9.09 -26.70
N ARG C 618 7.99 -8.27 -27.14
CA ARG C 618 7.55 -7.18 -26.28
C ARG C 618 6.48 -7.63 -25.29
N VAL C 619 5.63 -8.58 -25.70
CA VAL C 619 4.52 -9.01 -24.86
C VAL C 619 4.85 -10.27 -24.08
N ASN C 620 5.53 -11.24 -24.71
CA ASN C 620 5.77 -12.51 -24.04
C ASN C 620 6.68 -12.37 -22.82
N THR C 621 7.33 -11.22 -22.64
CA THR C 621 8.16 -11.00 -21.46
C THR C 621 7.85 -9.66 -20.80
N PHE C 622 6.58 -9.25 -20.84
CA PHE C 622 6.07 -8.16 -20.02
C PHE C 622 6.83 -6.86 -20.21
N LEU C 623 7.62 -6.76 -21.28
CA LEU C 623 8.38 -5.55 -21.54
C LEU C 623 7.44 -4.35 -21.62
N SER C 624 7.98 -3.16 -21.30
CA SER C 624 7.20 -1.94 -21.35
C SER C 624 7.09 -1.50 -22.81
N CYS C 625 6.66 -0.26 -23.02
CA CYS C 625 6.65 0.35 -24.34
C CYS C 625 7.76 1.37 -24.52
N SER C 626 7.93 2.29 -23.58
CA SER C 626 9.07 3.20 -23.64
C SER C 626 10.39 2.44 -23.60
N GLN C 627 10.50 1.47 -22.67
CA GLN C 627 11.72 0.67 -22.56
C GLN C 627 12.07 0.01 -23.87
N TYR C 628 11.08 -0.60 -24.52
CA TYR C 628 11.30 -1.24 -25.81
C TYR C 628 11.88 -0.25 -26.81
N HIS C 629 11.30 0.96 -26.89
CA HIS C 629 11.82 1.95 -27.84
C HIS C 629 13.26 2.33 -27.52
N LYS C 630 13.57 2.53 -26.25
CA LYS C 630 14.92 2.93 -25.89
C LYS C 630 15.93 1.85 -26.25
N MET C 631 15.60 0.59 -25.93
CA MET C 631 16.52 -0.49 -26.25
C MET C 631 16.65 -0.69 -27.76
N TYR C 632 15.56 -0.46 -28.50
CA TYR C 632 15.61 -0.57 -29.95
C TYR C 632 16.53 0.49 -30.53
N ARG C 633 16.37 1.74 -30.10
CA ARG C 633 17.26 2.80 -30.56
C ARG C 633 18.71 2.47 -30.23
N THR C 634 18.95 1.90 -29.05
CA THR C 634 20.32 1.51 -28.68
C THR C 634 20.89 0.50 -29.68
N VAL C 635 20.20 -0.62 -29.86
CA VAL C 635 20.75 -1.68 -30.70
C VAL C 635 20.80 -1.24 -32.17
N LYS C 636 19.93 -0.33 -32.57
CA LYS C 636 20.03 0.27 -33.90
C LYS C 636 21.33 1.04 -34.04
N ALA C 637 21.52 2.05 -33.18
CA ALA C 637 22.65 2.96 -33.34
C ALA C 637 23.98 2.24 -33.14
N THR C 638 24.01 1.18 -32.33
CA THR C 638 25.29 0.54 -32.05
C THR C 638 25.82 -0.21 -33.26
N SER C 639 25.08 -1.18 -33.76
CA SER C 639 25.63 -2.10 -34.77
C SER C 639 24.76 -2.11 -36.03
N GLY C 640 24.97 -1.12 -36.89
CA GLY C 640 24.84 -1.29 -38.34
C GLY C 640 23.63 -1.98 -38.92
N ARG C 641 22.62 -2.27 -38.10
CA ARG C 641 21.52 -3.08 -38.59
C ARG C 641 20.25 -2.76 -37.82
N GLN C 642 19.13 -2.93 -38.52
CA GLN C 642 17.80 -2.74 -37.94
C GLN C 642 17.33 -4.08 -37.38
N ILE C 643 17.75 -4.36 -36.15
CA ILE C 643 17.51 -5.69 -35.59
C ILE C 643 16.08 -5.81 -35.07
N PHE C 644 15.55 -4.76 -34.46
CA PHE C 644 14.16 -4.73 -34.01
C PHE C 644 13.40 -3.70 -34.82
N GLN C 645 12.20 -4.07 -35.28
CA GLN C 645 11.40 -3.12 -36.03
C GLN C 645 11.03 -1.93 -35.13
N PRO C 646 10.85 -0.76 -35.71
CA PRO C 646 10.43 0.40 -34.92
C PRO C 646 9.02 0.26 -34.37
N LEU C 647 8.60 1.27 -33.61
CA LEU C 647 7.40 1.15 -32.80
C LEU C 647 6.15 1.09 -33.65
N HIS C 648 5.90 2.13 -34.44
CA HIS C 648 4.62 2.27 -35.12
C HIS C 648 4.38 1.09 -36.06
N THR C 649 5.43 0.61 -36.73
CA THR C 649 5.24 -0.54 -37.62
C THR C 649 5.01 -1.83 -36.85
N LEU C 650 5.56 -1.95 -35.64
CA LEU C 650 5.25 -3.11 -34.80
C LEU C 650 3.78 -3.10 -34.41
N ARG C 651 3.28 -1.97 -33.92
CA ARG C 651 1.87 -1.88 -33.58
C ARG C 651 1.00 -2.17 -34.78
N ASN C 652 1.33 -1.59 -35.94
CA ASN C 652 0.60 -1.87 -37.17
C ASN C 652 0.62 -3.36 -37.50
N ALA C 653 1.77 -4.01 -37.31
CA ALA C 653 1.86 -5.45 -37.54
C ALA C 653 1.03 -6.23 -36.54
N GLU C 654 0.76 -5.65 -35.37
CA GLU C 654 -0.07 -6.32 -34.38
C GLU C 654 -1.55 -6.25 -34.72
N LYS C 655 -1.98 -5.19 -35.42
CA LYS C 655 -3.40 -4.86 -35.57
C LYS C 655 -4.24 -6.02 -36.12
N GLU C 656 -3.63 -6.98 -36.78
CA GLU C 656 -4.38 -8.12 -37.31
C GLU C 656 -4.43 -9.30 -36.35
N LEU C 657 -3.75 -9.22 -35.21
CA LEU C 657 -3.83 -10.30 -34.23
C LEU C 657 -5.01 -10.14 -33.30
N LEU C 658 -5.27 -8.92 -32.82
CA LEU C 658 -6.45 -8.61 -32.02
C LEU C 658 -7.72 -9.05 -32.73
N PRO C 659 -8.81 -9.26 -32.01
CA PRO C 659 -10.09 -9.50 -32.68
C PRO C 659 -10.54 -8.28 -33.46
N GLY C 660 -11.32 -8.53 -34.50
CA GLY C 660 -11.89 -7.48 -35.30
C GLY C 660 -11.15 -7.17 -36.57
N PHE C 661 -10.58 -8.17 -37.21
CA PHE C 661 -9.82 -7.93 -38.43
C PHE C 661 -10.26 -8.80 -39.59
N HIS C 662 -10.59 -10.05 -39.35
CA HIS C 662 -10.90 -10.99 -40.42
C HIS C 662 -12.39 -10.97 -40.71
N GLN C 663 -12.75 -10.55 -41.92
CA GLN C 663 -14.14 -10.58 -42.33
C GLN C 663 -14.64 -12.01 -42.38
N PHE C 664 -15.84 -12.22 -41.86
CA PHE C 664 -16.41 -13.56 -41.77
C PHE C 664 -17.89 -13.50 -42.13
N GLU C 665 -18.52 -14.67 -42.18
CA GLU C 665 -19.93 -14.76 -42.51
C GLU C 665 -20.58 -15.79 -41.61
N TRP C 666 -21.89 -15.68 -41.47
CA TRP C 666 -22.64 -16.52 -40.55
C TRP C 666 -23.91 -17.01 -41.22
N GLN C 667 -24.19 -18.32 -41.13
CA GLN C 667 -25.38 -18.90 -41.78
C GLN C 667 -26.26 -19.60 -40.75
N PRO C 668 -27.45 -19.07 -40.44
CA PRO C 668 -27.95 -17.78 -40.95
C PRO C 668 -27.43 -16.61 -40.16
N ALA C 669 -28.03 -15.43 -40.35
CA ALA C 669 -27.71 -14.30 -39.49
C ALA C 669 -28.01 -14.65 -38.04
N LEU C 670 -27.18 -14.16 -37.13
CA LEU C 670 -27.31 -14.52 -35.73
C LEU C 670 -28.53 -13.86 -35.11
N LYS C 671 -28.96 -14.43 -33.98
CA LYS C 671 -30.14 -13.94 -33.28
C LYS C 671 -29.77 -12.68 -32.50
N ASN C 672 -30.37 -11.55 -32.89
CA ASN C 672 -30.21 -10.25 -32.23
C ASN C 672 -28.74 -9.94 -31.92
N VAL C 673 -27.93 -9.99 -32.97
CA VAL C 673 -26.51 -9.69 -32.89
C VAL C 673 -26.13 -8.93 -34.16
N SER C 674 -25.64 -7.69 -34.00
CA SER C 674 -25.31 -6.88 -35.17
C SER C 674 -24.23 -7.57 -35.99
N THR C 675 -24.31 -7.36 -37.31
CA THR C 675 -23.50 -8.13 -38.26
C THR C 675 -22.09 -7.60 -38.43
N SER C 676 -21.81 -6.39 -37.95
CA SER C 676 -20.49 -5.79 -38.13
C SER C 676 -19.40 -6.72 -37.61
N TRP C 677 -18.29 -6.77 -38.32
CA TRP C 677 -17.21 -7.71 -38.01
C TRP C 677 -15.91 -7.02 -37.64
N ASP C 678 -15.89 -5.70 -37.48
CA ASP C 678 -14.64 -4.99 -37.25
C ASP C 678 -14.58 -4.28 -35.89
N VAL C 679 -15.61 -4.42 -35.05
CA VAL C 679 -15.61 -3.75 -33.76
C VAL C 679 -14.50 -4.33 -32.88
N GLY C 680 -13.80 -3.46 -32.17
CA GLY C 680 -12.69 -3.88 -31.33
C GLY C 680 -13.10 -4.13 -29.90
N ILE C 681 -12.67 -3.26 -28.98
CA ILE C 681 -12.98 -3.42 -27.56
C ILE C 681 -14.26 -2.64 -27.27
N ILE C 682 -15.35 -3.37 -27.04
CA ILE C 682 -16.64 -2.76 -26.71
C ILE C 682 -16.63 -2.32 -25.26
N ASP C 683 -17.17 -1.13 -24.99
CA ASP C 683 -17.42 -0.72 -23.63
C ASP C 683 -18.43 -1.67 -22.99
N GLY C 684 -18.05 -2.29 -21.86
CA GLY C 684 -18.83 -3.40 -21.33
C GLY C 684 -20.19 -3.02 -20.78
N LEU C 685 -20.39 -1.76 -20.40
CA LEU C 685 -21.67 -1.32 -19.84
C LEU C 685 -22.84 -1.62 -20.77
N SER C 686 -22.58 -1.78 -22.06
CA SER C 686 -23.62 -2.02 -23.06
C SER C 686 -24.66 -0.90 -23.05
N GLY C 687 -24.19 0.33 -22.87
CA GLY C 687 -25.06 1.49 -22.96
C GLY C 687 -26.10 1.61 -21.86
N TRP C 688 -25.64 1.84 -20.63
CA TRP C 688 -26.55 2.11 -19.52
C TRP C 688 -27.01 3.56 -19.57
N THR C 689 -28.31 3.77 -19.49
CA THR C 689 -28.83 5.14 -19.45
C THR C 689 -28.34 5.80 -18.17
N VAL C 690 -27.37 6.72 -18.32
CA VAL C 690 -26.59 7.21 -17.20
C VAL C 690 -27.41 8.01 -16.19
N SER C 691 -28.68 8.27 -16.47
CA SER C 691 -29.53 9.05 -15.57
C SER C 691 -29.48 8.49 -14.15
N VAL C 692 -29.09 9.36 -13.21
CA VAL C 692 -28.76 8.92 -11.84
C VAL C 692 -30.01 8.57 -11.05
N ASP C 693 -31.17 8.63 -11.67
CA ASP C 693 -32.40 8.20 -11.02
C ASP C 693 -32.57 6.68 -11.04
N ASP C 694 -31.96 6.00 -12.01
CA ASP C 694 -32.02 4.55 -12.11
C ASP C 694 -30.88 3.94 -11.31
N VAL C 695 -30.70 2.63 -11.42
CA VAL C 695 -29.52 1.99 -10.81
C VAL C 695 -28.28 2.58 -11.46
N PRO C 696 -27.27 3.00 -10.67
CA PRO C 696 -26.18 3.80 -11.23
C PRO C 696 -25.47 3.12 -12.40
N ALA C 697 -24.89 3.96 -13.27
CA ALA C 697 -24.08 3.50 -14.40
C ALA C 697 -22.60 3.46 -14.06
N ASP C 698 -22.25 3.16 -12.81
CA ASP C 698 -20.87 3.27 -12.36
C ASP C 698 -20.00 2.15 -12.91
N THR C 699 -20.41 0.90 -12.70
CA THR C 699 -19.62 -0.30 -12.99
C THR C 699 -18.83 -0.19 -14.28
N ILE C 700 -17.53 -0.44 -14.20
CA ILE C 700 -16.61 -0.30 -15.33
C ILE C 700 -16.23 -1.69 -15.82
N SER C 701 -16.34 -1.90 -17.14
CA SER C 701 -16.02 -3.19 -17.72
C SER C 701 -15.68 -3.01 -19.19
N ARG C 702 -14.89 -3.95 -19.71
CA ARG C 702 -14.49 -3.93 -21.12
C ARG C 702 -14.39 -5.36 -21.62
N ARG C 703 -14.72 -5.54 -22.90
CA ARG C 703 -14.76 -6.89 -23.44
C ARG C 703 -14.82 -6.83 -24.95
N PHE C 704 -14.53 -7.98 -25.56
CA PHE C 704 -14.77 -8.20 -26.98
C PHE C 704 -16.18 -8.71 -27.17
N ARG C 705 -16.58 -8.84 -28.43
CA ARG C 705 -17.80 -9.57 -28.74
C ARG C 705 -17.45 -11.04 -28.87
N TYR C 706 -18.32 -11.91 -28.36
CA TYR C 706 -18.04 -13.33 -28.31
C TYR C 706 -17.68 -13.88 -29.68
N ASP C 707 -18.55 -13.59 -30.67
CA ASP C 707 -18.35 -14.07 -32.03
C ASP C 707 -16.98 -13.68 -32.59
N VAL C 708 -16.64 -12.39 -32.50
CA VAL C 708 -15.42 -11.90 -33.15
C VAL C 708 -14.19 -12.47 -32.45
N ALA C 709 -14.23 -12.57 -31.12
CA ALA C 709 -13.12 -13.18 -30.40
C ALA C 709 -12.92 -14.64 -30.84
N LEU C 710 -14.02 -15.37 -30.97
CA LEU C 710 -13.94 -16.76 -31.40
C LEU C 710 -13.33 -16.88 -32.79
N VAL C 711 -13.80 -16.04 -33.73
CA VAL C 711 -13.25 -16.13 -35.09
C VAL C 711 -11.79 -15.74 -35.10
N SER C 712 -11.39 -14.79 -34.26
CA SER C 712 -9.98 -14.42 -34.17
C SER C 712 -9.14 -15.61 -33.71
N ALA C 713 -9.57 -16.27 -32.63
CA ALA C 713 -8.83 -17.43 -32.13
C ALA C 713 -8.78 -18.54 -33.16
N LEU C 714 -9.88 -18.75 -33.88
CA LEU C 714 -9.91 -19.79 -34.90
C LEU C 714 -8.92 -19.50 -36.03
N LYS C 715 -8.94 -18.25 -36.55
CA LYS C 715 -7.97 -17.86 -37.57
C LYS C 715 -6.56 -18.01 -37.08
N ASP C 716 -6.34 -17.72 -35.80
CA ASP C 716 -5.05 -18.00 -35.20
C ASP C 716 -4.69 -19.47 -35.36
N LEU C 717 -5.59 -20.36 -34.99
CA LEU C 717 -5.32 -21.80 -34.99
C LEU C 717 -5.34 -22.40 -36.39
N GLU C 718 -5.64 -21.59 -37.40
CA GLU C 718 -5.58 -22.01 -38.80
C GLU C 718 -4.35 -22.86 -39.12
N GLU C 719 -3.19 -22.50 -38.54
CA GLU C 719 -1.98 -23.26 -38.79
C GLU C 719 -2.15 -24.72 -38.40
N ASP C 720 -2.54 -24.97 -37.14
CA ASP C 720 -2.67 -26.34 -36.67
C ASP C 720 -3.82 -27.06 -37.35
N ILE C 721 -4.89 -26.35 -37.71
CA ILE C 721 -5.98 -27.04 -38.39
C ILE C 721 -5.53 -27.52 -39.77
N MET C 722 -4.74 -26.70 -40.48
CA MET C 722 -4.24 -27.13 -41.78
C MET C 722 -3.21 -28.23 -41.64
N GLU C 723 -2.38 -28.16 -40.60
CA GLU C 723 -1.44 -29.24 -40.34
C GLU C 723 -2.16 -30.56 -40.07
N GLY C 724 -3.25 -30.51 -39.31
CA GLY C 724 -4.00 -31.72 -39.02
C GLY C 724 -4.73 -32.26 -40.24
N LEU C 725 -5.20 -31.37 -41.11
CA LEU C 725 -5.77 -31.84 -42.38
C LEU C 725 -4.70 -32.50 -43.25
N ARG C 726 -3.47 -32.00 -43.18
CA ARG C 726 -2.37 -32.67 -43.89
C ARG C 726 -2.10 -34.04 -43.31
N GLU C 727 -1.98 -34.13 -41.98
CA GLU C 727 -1.61 -35.39 -41.34
C GLU C 727 -2.66 -36.47 -41.57
N ARG C 728 -3.91 -36.18 -41.23
CA ARG C 728 -4.99 -37.13 -41.41
C ARG C 728 -5.18 -37.53 -42.86
N ALA C 729 -4.45 -36.86 -43.77
CA ALA C 729 -4.47 -37.13 -45.19
C ALA C 729 -5.85 -36.92 -45.80
N LEU C 730 -6.68 -36.11 -45.16
CA LEU C 730 -7.99 -35.81 -45.70
C LEU C 730 -7.86 -34.87 -46.90
N ASP C 731 -8.76 -35.05 -47.86
CA ASP C 731 -8.83 -34.17 -49.01
C ASP C 731 -9.15 -32.74 -48.55
N ASP C 732 -8.99 -31.80 -49.48
CA ASP C 732 -9.26 -30.39 -49.19
C ASP C 732 -10.52 -29.87 -49.85
N SER C 733 -10.79 -30.23 -51.10
CA SER C 733 -12.05 -29.87 -51.73
C SER C 733 -13.24 -30.63 -51.16
N MET C 734 -13.03 -31.48 -50.15
CA MET C 734 -14.09 -32.30 -49.57
C MET C 734 -14.22 -32.11 -48.06
N CYS C 735 -13.59 -31.09 -47.48
CA CYS C 735 -13.64 -30.83 -46.05
C CYS C 735 -14.02 -29.37 -45.79
N THR C 736 -15.05 -28.89 -46.49
CA THR C 736 -15.49 -27.52 -46.36
C THR C 736 -16.68 -27.35 -45.42
N SER C 737 -17.32 -28.44 -44.99
CA SER C 737 -18.54 -28.34 -44.19
C SER C 737 -18.40 -28.93 -42.79
N GLY C 738 -17.98 -30.19 -42.68
CA GLY C 738 -18.10 -30.91 -41.44
C GLY C 738 -17.08 -30.62 -40.36
N PHE C 739 -17.16 -29.45 -39.73
CA PHE C 739 -16.27 -29.09 -38.63
C PHE C 739 -17.05 -29.02 -37.32
N THR C 740 -16.35 -29.31 -36.21
CA THR C 740 -16.98 -29.39 -34.90
C THR C 740 -15.99 -28.91 -33.85
N VAL C 741 -16.25 -27.73 -33.27
CA VAL C 741 -15.37 -27.11 -32.28
C VAL C 741 -16.03 -27.18 -30.90
N VAL C 742 -15.30 -27.68 -29.91
CA VAL C 742 -15.72 -27.67 -28.52
C VAL C 742 -15.06 -26.50 -27.82
N VAL C 743 -15.85 -25.70 -27.10
CA VAL C 743 -15.38 -24.50 -26.42
C VAL C 743 -15.61 -24.67 -24.93
N LYS C 744 -14.53 -24.60 -24.14
CA LYS C 744 -14.63 -24.66 -22.69
C LYS C 744 -14.55 -23.25 -22.16
N GLU C 745 -15.64 -22.77 -21.57
CA GLU C 745 -15.59 -21.45 -20.94
C GLU C 745 -15.28 -21.60 -19.45
N SER C 746 -14.94 -20.46 -18.84
CA SER C 746 -14.56 -20.43 -17.42
C SER C 746 -14.65 -19.00 -16.91
N CYS C 747 -15.44 -18.78 -15.89
CA CYS C 747 -15.52 -17.47 -15.24
C CYS C 747 -15.13 -17.63 -13.78
N ASP C 748 -14.52 -16.58 -13.24
CA ASP C 748 -14.16 -16.60 -11.82
C ASP C 748 -14.01 -15.17 -11.34
N GLY C 749 -14.01 -15.04 -10.02
CA GLY C 749 -13.66 -13.81 -9.36
C GLY C 749 -12.20 -13.82 -8.94
N MET C 750 -11.55 -12.68 -9.12
CA MET C 750 -10.19 -12.44 -8.70
C MET C 750 -10.21 -11.33 -7.67
N GLY C 751 -9.59 -11.59 -6.53
CA GLY C 751 -9.69 -10.71 -5.38
C GLY C 751 -8.54 -9.74 -5.28
N ASP C 752 -8.85 -8.54 -4.76
CA ASP C 752 -7.87 -7.59 -4.25
C ASP C 752 -6.72 -7.36 -5.22
N VAL C 753 -7.03 -6.72 -6.35
CA VAL C 753 -5.97 -6.22 -7.21
C VAL C 753 -4.99 -5.43 -6.36
N SER C 754 -3.70 -5.78 -6.46
CA SER C 754 -2.69 -5.28 -5.52
C SER C 754 -2.23 -3.89 -5.96
N GLU C 755 -2.77 -2.86 -5.31
CA GLU C 755 -2.31 -1.50 -5.50
C GLU C 755 -2.70 -0.67 -4.29
N LYS C 756 -2.19 0.56 -4.25
CA LYS C 756 -2.52 1.49 -3.18
C LYS C 756 -3.78 2.29 -3.52
N PRO C 764 -12.12 -0.34 -6.99
CA PRO C 764 -11.03 -1.11 -7.61
C PRO C 764 -10.37 -2.09 -6.64
N GLU C 765 -11.15 -3.01 -6.08
CA GLU C 765 -10.60 -4.07 -5.23
C GLU C 765 -10.83 -5.45 -5.85
N LYS C 766 -12.07 -5.81 -6.13
CA LYS C 766 -12.39 -7.10 -6.71
C LYS C 766 -12.35 -7.02 -8.22
N ALA C 767 -12.59 -8.17 -8.88
CA ALA C 767 -12.66 -8.22 -10.34
C ALA C 767 -13.24 -9.57 -10.73
N VAL C 768 -13.82 -9.64 -11.92
CA VAL C 768 -14.31 -10.89 -12.49
C VAL C 768 -13.72 -11.03 -13.88
N ARG C 769 -13.34 -12.25 -14.27
CA ARG C 769 -12.67 -12.44 -15.55
C ARG C 769 -13.26 -13.65 -16.27
N PHE C 770 -13.94 -13.39 -17.39
CA PHE C 770 -14.56 -14.44 -18.20
C PHE C 770 -13.61 -14.84 -19.32
N SER C 771 -13.23 -16.11 -19.38
CA SER C 771 -12.24 -16.59 -20.34
C SER C 771 -12.69 -17.91 -20.96
N PHE C 772 -12.51 -18.04 -22.27
CA PHE C 772 -12.85 -19.28 -22.96
C PHE C 772 -11.59 -19.86 -23.62
N THR C 773 -11.66 -21.15 -23.94
CA THR C 773 -10.53 -21.86 -24.52
C THR C 773 -11.05 -22.89 -25.52
N ILE C 774 -10.44 -22.92 -26.71
CA ILE C 774 -10.74 -23.94 -27.70
C ILE C 774 -10.20 -25.26 -27.18
N MET C 775 -11.10 -26.22 -26.95
CA MET C 775 -10.68 -27.48 -26.37
C MET C 775 -10.27 -28.50 -27.43
N SER C 776 -11.19 -28.82 -28.34
CA SER C 776 -10.91 -29.83 -29.36
C SER C 776 -11.73 -29.54 -30.61
N ILE C 777 -11.08 -29.66 -31.78
CA ILE C 777 -11.72 -29.52 -33.08
C ILE C 777 -11.60 -30.84 -33.85
N SER C 778 -12.74 -31.33 -34.32
CA SER C 778 -12.85 -32.60 -35.03
C SER C 778 -13.62 -32.40 -36.33
N ILE C 779 -13.62 -33.43 -37.18
CA ILE C 779 -14.22 -33.35 -38.49
C ILE C 779 -15.48 -34.22 -38.54
N ARG C 780 -16.37 -33.89 -39.47
CA ARG C 780 -17.66 -34.54 -39.60
C ARG C 780 -17.91 -35.16 -40.97
N LEU C 781 -17.35 -34.60 -42.04
CA LEU C 781 -17.59 -35.15 -43.37
C LEU C 781 -16.87 -36.49 -43.54
N GLU C 782 -17.61 -37.51 -43.98
CA GLU C 782 -19.03 -37.39 -44.27
C GLU C 782 -19.81 -38.60 -43.74
N GLY C 783 -19.09 -39.54 -43.13
CA GLY C 783 -19.72 -40.75 -42.63
C GLY C 783 -20.35 -40.57 -41.26
N GLU C 784 -20.23 -41.58 -40.40
CA GLU C 784 -20.76 -41.46 -39.05
C GLU C 784 -19.87 -40.60 -38.17
N ASP C 785 -18.55 -40.81 -38.27
CA ASP C 785 -17.51 -40.00 -37.61
C ASP C 785 -17.89 -39.65 -36.17
N ASP C 786 -18.06 -40.69 -35.35
CA ASP C 786 -18.23 -40.48 -33.92
C ASP C 786 -17.13 -39.61 -33.34
N GLY C 787 -15.94 -39.68 -33.93
CA GLY C 787 -14.88 -38.73 -33.63
C GLY C 787 -13.72 -38.83 -34.59
N ILE C 788 -13.31 -37.70 -35.17
CA ILE C 788 -12.10 -37.61 -35.98
C ILE C 788 -11.31 -36.43 -35.42
N THR C 789 -10.44 -36.69 -34.46
CA THR C 789 -9.75 -35.62 -33.74
C THR C 789 -8.77 -34.92 -34.68
N ILE C 790 -9.11 -33.71 -35.10
CA ILE C 790 -8.17 -32.94 -35.93
C ILE C 790 -7.14 -32.26 -35.05
N PHE C 791 -7.57 -31.62 -33.97
CA PHE C 791 -6.66 -30.98 -33.05
C PHE C 791 -7.23 -31.09 -31.64
N GLN C 792 -6.52 -31.78 -30.77
CA GLN C 792 -6.83 -31.83 -29.35
C GLN C 792 -5.75 -31.06 -28.61
N GLU C 793 -6.12 -29.91 -28.06
CA GLU C 793 -5.21 -29.14 -27.23
C GLU C 793 -4.56 -30.03 -26.18
N GLN C 794 -3.25 -29.89 -26.01
CA GLN C 794 -2.48 -30.76 -25.15
C GLN C 794 -2.28 -30.21 -23.74
N LYS C 795 -2.53 -28.92 -23.54
CA LYS C 795 -2.36 -28.27 -22.23
C LYS C 795 -3.62 -27.49 -21.87
N PRO C 796 -4.77 -28.17 -21.76
CA PRO C 796 -6.03 -27.44 -21.52
C PRO C 796 -6.10 -26.75 -20.18
N ASN C 797 -5.10 -26.93 -19.31
CA ASN C 797 -5.05 -26.25 -18.02
C ASN C 797 -4.04 -25.12 -17.97
N SER C 798 -2.95 -25.20 -18.72
CA SER C 798 -1.95 -24.15 -18.69
C SER C 798 -2.55 -22.85 -19.20
N GLU C 799 -2.34 -21.76 -18.43
CA GLU C 799 -2.88 -20.46 -18.77
C GLU C 799 -2.41 -19.94 -20.12
N LEU C 800 -1.34 -20.55 -20.67
CA LEU C 800 -0.88 -20.16 -21.99
C LEU C 800 -1.99 -20.23 -23.04
N SER C 801 -2.99 -21.08 -22.82
CA SER C 801 -4.17 -21.13 -23.68
C SER C 801 -5.40 -21.01 -22.79
N CYS C 802 -5.73 -19.76 -22.44
CA CYS C 802 -6.99 -19.44 -21.76
C CYS C 802 -7.30 -18.00 -22.12
N ARG C 803 -8.14 -17.82 -23.12
CA ARG C 803 -8.28 -16.52 -23.76
C ARG C 803 -9.30 -15.68 -23.02
N PRO C 804 -8.92 -14.52 -22.49
CA PRO C 804 -9.91 -13.64 -21.87
C PRO C 804 -10.82 -13.04 -22.92
N LEU C 805 -12.05 -12.80 -22.51
CA LEU C 805 -13.07 -12.28 -23.40
C LEU C 805 -13.87 -11.17 -22.77
N CYS C 806 -13.89 -11.07 -21.44
CA CYS C 806 -14.61 -10.02 -20.74
C CYS C 806 -13.99 -9.78 -19.38
N LEU C 807 -13.88 -8.51 -19.00
CA LEU C 807 -13.39 -8.11 -17.70
C LEU C 807 -14.30 -7.07 -17.08
N MET C 808 -14.54 -7.20 -15.78
CA MET C 808 -15.51 -6.37 -15.07
C MET C 808 -14.99 -6.08 -13.67
N PHE C 809 -15.02 -4.80 -13.30
CA PHE C 809 -14.61 -4.36 -11.97
C PHE C 809 -15.80 -4.44 -11.02
N VAL C 810 -16.23 -5.68 -10.75
CA VAL C 810 -17.34 -5.92 -9.86
C VAL C 810 -16.88 -6.93 -8.82
N ASP C 811 -17.78 -7.34 -7.94
CA ASP C 811 -17.51 -8.37 -6.96
C ASP C 811 -18.27 -9.64 -7.31
N GLU C 812 -17.66 -10.78 -6.97
CA GLU C 812 -18.21 -12.08 -7.35
C GLU C 812 -19.57 -12.32 -6.70
N SER C 813 -19.81 -11.69 -5.54
CA SER C 813 -20.96 -12.06 -4.72
C SER C 813 -22.28 -11.59 -5.34
N ASP C 814 -22.45 -10.28 -5.51
CA ASP C 814 -23.75 -9.71 -5.84
C ASP C 814 -24.23 -10.21 -7.19
N HIS C 815 -25.39 -10.85 -7.16
CA HIS C 815 -25.97 -11.38 -8.40
C HIS C 815 -26.52 -10.30 -9.34
N GLU C 816 -26.73 -9.08 -8.83
CA GLU C 816 -27.31 -8.03 -9.69
C GLU C 816 -26.36 -7.59 -10.81
N THR C 817 -25.25 -6.95 -10.44
CA THR C 817 -24.38 -6.37 -11.45
C THR C 817 -23.72 -7.44 -12.31
N LEU C 818 -23.42 -8.60 -11.72
CA LEU C 818 -22.84 -9.69 -12.47
C LEU C 818 -23.74 -10.11 -13.62
N THR C 819 -25.03 -10.37 -13.32
CA THR C 819 -25.95 -10.71 -14.40
C THR C 819 -26.13 -9.55 -15.36
N ALA C 820 -26.22 -8.33 -14.82
CA ALA C 820 -26.46 -7.15 -15.66
C ALA C 820 -25.39 -7.00 -16.73
N ILE C 821 -24.14 -7.31 -16.40
CA ILE C 821 -23.06 -7.17 -17.39
C ILE C 821 -22.89 -8.44 -18.23
N LEU C 822 -23.01 -9.63 -17.62
CA LEU C 822 -22.77 -10.86 -18.38
C LEU C 822 -23.89 -11.16 -19.38
N GLY C 823 -25.10 -10.61 -19.17
CA GLY C 823 -26.24 -10.90 -20.01
C GLY C 823 -25.97 -11.00 -21.49
N PRO C 824 -25.38 -9.95 -22.09
CA PRO C 824 -25.06 -10.01 -23.53
C PRO C 824 -24.26 -11.23 -23.94
N VAL C 825 -23.23 -11.59 -23.18
CA VAL C 825 -22.45 -12.79 -23.49
C VAL C 825 -23.34 -14.03 -23.47
N VAL C 826 -24.26 -14.09 -22.50
CA VAL C 826 -25.19 -15.23 -22.42
C VAL C 826 -26.08 -15.27 -23.65
N ALA C 827 -26.56 -14.10 -24.09
CA ALA C 827 -27.38 -14.07 -25.30
C ALA C 827 -26.58 -14.53 -26.52
N GLU C 828 -25.31 -14.15 -26.58
CA GLU C 828 -24.44 -14.63 -27.65
C GLU C 828 -24.33 -16.14 -27.65
N ARG C 829 -24.11 -16.72 -26.47
CA ARG C 829 -24.07 -18.17 -26.34
C ARG C 829 -25.37 -18.80 -26.82
N LYS C 830 -26.51 -18.37 -26.25
CA LYS C 830 -27.80 -18.96 -26.56
C LYS C 830 -28.22 -18.73 -27.99
N ALA C 831 -27.61 -17.78 -28.69
CA ALA C 831 -27.86 -17.59 -30.11
C ALA C 831 -26.91 -18.37 -31.00
N MET C 832 -25.70 -18.66 -30.52
CA MET C 832 -24.64 -19.15 -31.39
C MET C 832 -24.70 -20.66 -31.63
N MET C 833 -25.21 -21.42 -30.67
CA MET C 833 -25.31 -22.86 -30.84
C MET C 833 -26.27 -23.26 -31.95
N GLU C 834 -27.09 -22.32 -32.44
CA GLU C 834 -28.06 -22.62 -33.47
C GLU C 834 -27.43 -22.63 -34.86
N SER C 835 -26.86 -21.49 -35.26
CA SER C 835 -26.36 -21.31 -36.62
C SER C 835 -25.00 -21.98 -36.79
N ARG C 836 -24.37 -21.73 -37.93
CA ARG C 836 -23.03 -22.22 -38.21
C ARG C 836 -22.20 -21.10 -38.80
N LEU C 837 -20.88 -21.27 -38.73
CA LEU C 837 -19.92 -20.20 -38.99
C LEU C 837 -19.23 -20.40 -40.34
N ILE C 838 -19.00 -19.31 -41.06
CA ILE C 838 -18.33 -19.35 -42.36
C ILE C 838 -17.06 -18.51 -42.27
N ILE C 839 -15.90 -19.18 -42.39
CA ILE C 839 -14.59 -18.55 -42.22
C ILE C 839 -13.67 -19.04 -43.33
N SER C 840 -12.94 -18.13 -43.95
CA SER C 840 -11.99 -18.47 -45.01
C SER C 840 -10.63 -18.76 -44.39
N VAL C 841 -10.22 -20.03 -44.45
CA VAL C 841 -8.95 -20.48 -43.91
C VAL C 841 -8.25 -21.32 -44.97
N GLY C 842 -6.93 -21.17 -45.08
CA GLY C 842 -6.17 -21.89 -46.09
C GLY C 842 -6.74 -21.76 -47.49
N GLY C 843 -7.20 -20.55 -47.84
CA GLY C 843 -7.79 -20.29 -49.13
C GLY C 843 -9.20 -20.79 -49.32
N LEU C 844 -9.64 -21.78 -48.54
CA LEU C 844 -10.97 -22.35 -48.68
C LEU C 844 -11.88 -21.79 -47.60
N LEU C 845 -13.07 -21.35 -47.97
CA LEU C 845 -14.06 -20.96 -46.98
C LEU C 845 -14.78 -22.21 -46.49
N ARG C 846 -14.91 -22.31 -45.17
CA ARG C 846 -15.42 -23.52 -44.56
C ARG C 846 -16.41 -23.18 -43.45
N SER C 847 -17.27 -24.14 -43.15
CA SER C 847 -18.32 -24.00 -42.16
C SER C 847 -17.94 -24.75 -40.89
N PHE C 848 -18.23 -24.12 -39.75
CA PHE C 848 -17.96 -24.68 -38.44
C PHE C 848 -19.26 -24.78 -37.66
N ARG C 849 -19.32 -25.78 -36.80
CA ARG C 849 -20.34 -25.89 -35.76
C ARG C 849 -19.69 -25.56 -34.42
N PHE C 850 -20.47 -25.63 -33.35
CA PHE C 850 -19.95 -25.25 -32.04
C PHE C 850 -20.72 -25.96 -30.96
N PHE C 851 -20.00 -26.53 -29.99
CA PHE C 851 -20.58 -26.96 -28.73
C PHE C 851 -19.90 -26.19 -27.60
N PHE C 852 -20.66 -25.94 -26.54
CA PHE C 852 -20.20 -25.12 -25.42
C PHE C 852 -20.37 -25.91 -24.13
N ARG C 853 -19.33 -26.67 -23.78
CA ARG C 853 -19.31 -27.45 -22.54
C ARG C 853 -18.77 -26.56 -21.43
N GLY C 854 -19.64 -25.67 -20.95
CA GLY C 854 -19.27 -24.78 -19.87
C GLY C 854 -18.98 -25.55 -18.60
N THR C 855 -17.76 -25.45 -18.09
CA THR C 855 -17.37 -26.18 -16.89
C THR C 855 -16.65 -25.28 -15.89
N GLY C 856 -16.03 -24.23 -16.39
CA GLY C 856 -15.06 -23.49 -15.60
C GLY C 856 -15.71 -22.67 -14.52
N TYR C 857 -16.27 -23.34 -13.53
CA TYR C 857 -16.84 -22.68 -12.38
C TYR C 857 -16.55 -23.50 -11.14
N ASP C 858 -16.28 -22.80 -10.04
CA ASP C 858 -16.25 -23.44 -8.75
C ASP C 858 -17.68 -23.63 -8.24
N GLU C 859 -17.82 -24.50 -7.24
CA GLU C 859 -19.14 -24.93 -6.77
C GLU C 859 -20.04 -23.74 -6.44
N LYS C 860 -19.49 -22.71 -5.80
CA LYS C 860 -20.29 -21.55 -5.40
C LYS C 860 -20.94 -20.89 -6.60
N MET C 861 -20.13 -20.54 -7.61
CA MET C 861 -20.70 -19.94 -8.81
C MET C 861 -21.59 -20.93 -9.56
N VAL C 862 -21.24 -22.22 -9.52
CA VAL C 862 -22.11 -23.24 -10.11
C VAL C 862 -23.52 -23.11 -9.56
N ARG C 863 -23.64 -23.00 -8.24
CA ARG C 863 -24.95 -22.88 -7.61
C ARG C 863 -25.59 -21.55 -7.97
N GLU C 864 -24.83 -20.45 -7.84
CA GLU C 864 -25.41 -19.13 -8.08
C GLU C 864 -25.97 -19.01 -9.49
N MET C 865 -25.29 -19.60 -10.47
CA MET C 865 -25.83 -19.61 -11.82
C MET C 865 -26.93 -20.64 -11.98
N GLU C 866 -26.85 -21.75 -11.26
CA GLU C 866 -27.82 -22.82 -11.40
C GLU C 866 -29.09 -22.57 -10.59
N GLY C 867 -29.02 -21.70 -9.59
CA GLY C 867 -30.18 -21.27 -8.84
C GLY C 867 -30.28 -21.88 -7.46
N LEU C 868 -29.70 -23.05 -7.25
CA LEU C 868 -29.76 -23.70 -5.95
C LEU C 868 -29.11 -22.82 -4.89
N GLU C 869 -29.53 -23.04 -3.64
CA GLU C 869 -28.93 -22.34 -2.52
C GLU C 869 -27.45 -22.69 -2.40
N ALA C 870 -26.76 -21.95 -1.54
CA ALA C 870 -25.33 -22.09 -1.39
C ALA C 870 -24.92 -21.54 -0.03
N SER C 871 -23.93 -22.17 0.61
CA SER C 871 -23.24 -23.33 0.04
C SER C 871 -23.48 -24.58 0.87
N GLY C 872 -23.38 -24.45 2.19
CA GLY C 872 -23.57 -25.57 3.09
C GLY C 872 -25.01 -26.01 3.17
N SER C 873 -25.58 -26.34 2.02
CA SER C 873 -26.99 -26.66 1.90
C SER C 873 -27.26 -28.07 2.42
N THR C 874 -28.50 -28.52 2.27
CA THR C 874 -28.86 -29.90 2.54
C THR C 874 -29.12 -30.68 1.27
N TYR C 875 -29.12 -30.01 0.11
CA TYR C 875 -29.18 -30.67 -1.20
C TYR C 875 -27.77 -30.68 -1.77
N ILE C 876 -26.96 -31.64 -1.28
CA ILE C 876 -25.52 -31.62 -1.54
C ILE C 876 -25.24 -31.72 -3.03
N CYS C 877 -25.71 -32.79 -3.66
CA CYS C 877 -25.30 -33.09 -5.02
C CYS C 877 -25.75 -32.00 -5.99
N THR C 878 -24.95 -31.82 -7.04
CA THR C 878 -25.29 -30.93 -8.14
C THR C 878 -25.85 -31.68 -9.35
N LEU C 879 -25.85 -33.01 -9.29
CA LEU C 879 -26.27 -33.86 -10.42
C LEU C 879 -27.46 -34.74 -10.09
N CYS C 880 -27.44 -35.42 -8.94
CA CYS C 880 -28.57 -36.21 -8.49
C CYS C 880 -29.52 -35.30 -7.72
N ASP C 881 -30.51 -35.89 -7.04
CA ASP C 881 -31.42 -35.13 -6.21
C ASP C 881 -31.31 -35.50 -4.74
N SER C 882 -30.27 -36.23 -4.37
CA SER C 882 -30.15 -36.75 -3.01
C SER C 882 -29.80 -35.63 -2.03
N THR C 883 -30.36 -35.73 -0.84
CA THR C 883 -30.01 -34.87 0.29
C THR C 883 -28.84 -35.49 1.04
N ARG C 884 -28.58 -35.00 2.25
CA ARG C 884 -27.50 -35.56 3.07
C ARG C 884 -27.74 -37.03 3.39
N ALA C 885 -28.93 -37.33 3.91
CA ALA C 885 -29.20 -38.67 4.44
C ALA C 885 -29.26 -39.72 3.34
N GLU C 886 -30.21 -39.56 2.40
CA GLU C 886 -30.48 -40.59 1.39
C GLU C 886 -29.24 -40.97 0.60
N ALA C 887 -28.26 -40.08 0.52
CA ALA C 887 -26.95 -40.44 -0.02
C ALA C 887 -26.01 -40.96 1.05
N SER C 888 -26.23 -40.60 2.33
CA SER C 888 -25.33 -41.05 3.39
C SER C 888 -25.52 -42.51 3.62
N GLN C 889 -26.75 -42.90 3.58
CA GLN C 889 -27.01 -44.26 3.88
C GLN C 889 -26.46 -45.19 2.78
N ASN C 890 -26.99 -45.09 1.56
CA ASN C 890 -26.44 -45.77 0.38
C ASN C 890 -25.67 -44.74 -0.45
N MET C 891 -24.39 -44.99 -0.70
CA MET C 891 -23.53 -43.98 -1.30
C MET C 891 -23.49 -44.08 -2.83
N VAL C 892 -23.09 -45.22 -3.36
CA VAL C 892 -22.60 -45.32 -4.72
C VAL C 892 -23.69 -45.75 -5.72
N LEU C 893 -24.95 -45.69 -5.32
CA LEU C 893 -26.06 -46.07 -6.19
C LEU C 893 -26.90 -44.82 -6.45
N HIS C 894 -26.55 -44.09 -7.51
CA HIS C 894 -27.32 -42.94 -7.96
C HIS C 894 -27.09 -42.75 -9.45
N SER C 895 -28.00 -42.01 -10.09
CA SER C 895 -27.90 -41.68 -11.50
C SER C 895 -27.93 -40.17 -11.69
N ILE C 896 -27.25 -39.71 -12.73
CA ILE C 896 -27.25 -38.28 -13.04
C ILE C 896 -28.65 -37.86 -13.46
N THR C 897 -29.18 -36.85 -12.79
CA THR C 897 -30.49 -36.29 -13.13
C THR C 897 -30.42 -34.83 -13.53
N ARG C 898 -29.80 -33.98 -12.69
CA ARG C 898 -29.88 -32.53 -12.83
C ARG C 898 -29.53 -32.06 -14.24
N SER C 899 -30.41 -31.22 -14.80
CA SER C 899 -30.18 -30.57 -16.08
C SER C 899 -30.59 -29.12 -15.97
N HIS C 900 -30.11 -28.32 -16.92
CA HIS C 900 -30.43 -26.89 -16.92
C HIS C 900 -31.92 -26.65 -17.20
N ASP C 901 -32.43 -27.26 -18.27
CA ASP C 901 -33.81 -27.00 -18.65
C ASP C 901 -34.79 -27.49 -17.60
N GLU C 902 -34.55 -28.67 -17.04
CA GLU C 902 -35.42 -29.15 -15.97
C GLU C 902 -35.25 -28.33 -14.70
N ASN C 903 -34.10 -27.66 -14.51
CA ASN C 903 -33.97 -26.75 -13.39
C ASN C 903 -34.81 -25.50 -13.60
N LEU C 904 -34.86 -25.00 -14.84
CA LEU C 904 -35.83 -23.96 -15.17
C LEU C 904 -37.25 -24.43 -14.83
N GLU C 905 -37.59 -25.64 -15.27
CA GLU C 905 -38.92 -26.20 -14.99
C GLU C 905 -39.20 -26.23 -13.49
N ARG C 906 -38.26 -26.76 -12.71
CA ARG C 906 -38.43 -26.83 -11.26
C ARG C 906 -38.58 -25.44 -10.65
N TYR C 907 -37.83 -24.47 -11.14
CA TYR C 907 -38.01 -23.11 -10.62
C TYR C 907 -39.41 -22.60 -10.91
N GLU C 908 -39.94 -22.93 -12.09
CA GLU C 908 -41.32 -22.57 -12.38
C GLU C 908 -42.28 -23.23 -11.39
N ILE C 909 -42.03 -24.49 -11.09
CA ILE C 909 -42.87 -25.23 -10.14
C ILE C 909 -42.77 -24.64 -8.74
N TRP C 910 -41.63 -24.05 -8.40
CA TRP C 910 -41.50 -23.35 -7.12
C TRP C 910 -42.28 -22.04 -7.13
N ARG C 911 -42.06 -21.21 -8.15
CA ARG C 911 -42.64 -19.87 -8.19
C ARG C 911 -44.16 -19.94 -8.19
N LYS C 912 -44.74 -20.73 -9.10
CA LYS C 912 -46.19 -20.81 -9.15
C LYS C 912 -46.76 -21.58 -7.97
N ASN C 913 -45.97 -22.49 -7.39
CA ASN C 913 -46.43 -23.38 -6.32
C ASN C 913 -47.78 -24.00 -6.67
N PRO C 914 -47.86 -24.79 -7.75
CA PRO C 914 -49.17 -25.22 -8.25
C PRO C 914 -49.83 -26.29 -7.39
N PHE C 915 -49.26 -26.55 -6.21
CA PHE C 915 -49.84 -27.54 -5.30
C PHE C 915 -50.02 -26.98 -3.89
N SER C 916 -49.84 -25.68 -3.70
CA SER C 916 -50.16 -24.99 -2.45
C SER C 916 -49.49 -25.61 -1.23
N GLU C 917 -48.39 -26.33 -1.44
CA GLU C 917 -47.67 -26.91 -0.32
C GLU C 917 -46.98 -25.81 0.50
N SER C 918 -46.56 -26.17 1.70
CA SER C 918 -45.95 -25.20 2.61
C SER C 918 -44.55 -24.83 2.10
N ALA C 919 -43.88 -23.97 2.87
CA ALA C 919 -42.54 -23.53 2.50
C ALA C 919 -41.59 -24.72 2.40
N ASP C 920 -41.35 -25.39 3.53
CA ASP C 920 -40.45 -26.53 3.53
C ASP C 920 -40.98 -27.67 2.67
N GLU C 921 -42.30 -27.81 2.59
CA GLU C 921 -42.89 -28.86 1.78
C GLU C 921 -42.50 -28.71 0.31
N LEU C 922 -42.67 -27.51 -0.24
CA LEU C 922 -42.28 -27.29 -1.63
C LEU C 922 -40.77 -27.29 -1.80
N ARG C 923 -40.05 -26.67 -0.86
CA ARG C 923 -38.59 -26.72 -0.87
C ARG C 923 -38.08 -28.14 -0.99
N ASP C 924 -38.79 -29.10 -0.39
CA ASP C 924 -38.43 -30.51 -0.55
C ASP C 924 -38.95 -31.06 -1.87
N ARG C 925 -40.15 -30.66 -2.28
CA ARG C 925 -40.73 -31.19 -3.52
C ARG C 925 -39.89 -30.82 -4.73
N VAL C 926 -39.26 -29.65 -4.71
CA VAL C 926 -38.58 -29.11 -5.88
C VAL C 926 -37.07 -29.33 -5.83
N LYS C 927 -36.57 -29.90 -4.73
CA LYS C 927 -35.13 -30.14 -4.55
C LYS C 927 -34.35 -28.82 -4.57
N GLY C 928 -34.71 -27.95 -3.62
CA GLY C 928 -33.95 -26.75 -3.33
C GLY C 928 -33.93 -25.70 -4.41
N VAL C 929 -34.58 -25.93 -5.54
CA VAL C 929 -34.60 -24.93 -6.61
C VAL C 929 -35.37 -23.72 -6.13
N SER C 930 -34.71 -22.56 -6.07
CA SER C 930 -35.36 -21.36 -5.57
C SER C 930 -35.09 -20.09 -6.37
N ALA C 931 -34.27 -20.13 -7.40
CA ALA C 931 -33.92 -18.93 -8.14
C ALA C 931 -33.75 -19.29 -9.61
N LYS C 932 -34.29 -18.45 -10.48
CA LYS C 932 -34.27 -18.72 -11.91
C LYS C 932 -32.84 -18.81 -12.43
N PRO C 933 -32.37 -19.99 -12.80
CA PRO C 933 -31.03 -20.09 -13.36
C PRO C 933 -31.01 -19.44 -14.73
N PHE C 934 -29.84 -18.95 -15.12
CA PHE C 934 -29.75 -18.24 -16.38
C PHE C 934 -28.50 -18.53 -17.21
N MET C 935 -27.61 -19.42 -16.77
CA MET C 935 -26.44 -19.80 -17.56
C MET C 935 -26.29 -21.31 -17.53
N GLU C 936 -26.72 -21.96 -18.62
CA GLU C 936 -26.55 -23.39 -18.77
C GLU C 936 -25.13 -23.80 -18.46
N THR C 937 -24.97 -24.64 -17.44
CA THR C 937 -23.67 -25.10 -17.01
C THR C 937 -23.66 -26.62 -16.95
N GLN C 938 -22.67 -27.23 -17.57
CA GLN C 938 -22.47 -28.65 -17.40
C GLN C 938 -22.04 -28.90 -15.96
N PRO C 939 -22.78 -29.68 -15.20
CA PRO C 939 -22.42 -29.93 -13.80
C PRO C 939 -21.35 -31.03 -13.69
N THR C 940 -20.10 -30.63 -13.84
CA THR C 940 -19.00 -31.58 -13.76
C THR C 940 -18.16 -31.30 -12.53
N LEU C 941 -17.69 -32.38 -11.90
CA LEU C 941 -16.83 -32.27 -10.74
C LEU C 941 -15.53 -31.56 -11.12
N ASP C 942 -15.02 -30.73 -10.21
CA ASP C 942 -13.76 -30.06 -10.41
C ASP C 942 -12.66 -30.94 -9.82
N ALA C 943 -11.80 -31.49 -10.68
CA ALA C 943 -10.72 -32.33 -10.23
C ALA C 943 -9.62 -31.56 -9.49
N LEU C 944 -9.66 -30.23 -9.52
CA LEU C 944 -8.59 -29.45 -8.92
C LEU C 944 -8.48 -29.74 -7.42
N HIS C 945 -9.52 -29.38 -6.65
CA HIS C 945 -9.47 -29.71 -5.24
C HIS C 945 -9.80 -31.18 -5.05
N CYS C 946 -11.08 -31.54 -5.21
CA CYS C 946 -11.55 -32.91 -5.44
C CYS C 946 -11.05 -33.92 -4.42
N ASP C 947 -10.14 -33.49 -3.55
CA ASP C 947 -9.43 -34.38 -2.64
C ASP C 947 -9.26 -33.81 -1.25
N ILE C 948 -9.30 -32.48 -1.08
CA ILE C 948 -9.19 -31.88 0.25
C ILE C 948 -10.25 -32.47 1.18
N GLY C 949 -11.44 -32.69 0.64
CA GLY C 949 -12.47 -33.36 1.42
C GLY C 949 -12.13 -34.79 1.72
N ASN C 950 -11.74 -35.56 0.69
CA ASN C 950 -11.32 -36.94 0.89
C ASN C 950 -10.12 -37.02 1.82
N ALA C 951 -9.17 -36.09 1.66
CA ALA C 951 -7.97 -36.07 2.51
C ALA C 951 -8.34 -35.84 3.97
N THR C 952 -9.00 -34.71 4.26
CA THR C 952 -9.40 -34.43 5.64
C THR C 952 -10.37 -35.47 6.18
N GLU C 953 -11.05 -36.21 5.30
CA GLU C 953 -11.95 -37.26 5.77
C GLU C 953 -11.18 -38.49 6.23
N PHE C 954 -10.17 -38.90 5.48
CA PHE C 954 -9.27 -39.95 5.99
C PHE C 954 -8.53 -39.47 7.23
N TYR C 955 -8.24 -38.16 7.30
CA TYR C 955 -7.63 -37.58 8.49
C TYR C 955 -8.52 -37.75 9.71
N LYS C 956 -9.83 -37.48 9.55
CA LYS C 956 -10.77 -37.70 10.64
C LYS C 956 -10.91 -39.19 10.95
N ILE C 957 -10.90 -40.04 9.92
CA ILE C 957 -10.93 -41.49 10.14
C ILE C 957 -9.78 -41.90 11.06
N PHE C 958 -8.60 -41.36 10.82
CA PHE C 958 -7.44 -41.77 11.62
C PHE C 958 -7.45 -41.12 13.00
N GLN C 959 -7.86 -39.85 13.07
CA GLN C 959 -8.01 -39.17 14.36
C GLN C 959 -9.08 -39.83 15.22
N ASP C 960 -9.98 -40.58 14.62
CA ASP C 960 -10.95 -41.39 15.35
C ASP C 960 -10.59 -42.87 15.38
N GLU C 961 -9.47 -43.24 14.77
CA GLU C 961 -8.91 -44.59 14.96
C GLU C 961 -7.91 -44.64 16.10
N ILE C 962 -7.14 -43.58 16.32
CA ILE C 962 -6.19 -43.57 17.43
C ILE C 962 -6.92 -43.77 18.76
N GLY C 963 -7.98 -42.99 18.98
CA GLY C 963 -8.95 -43.33 20.01
C GLY C 963 -10.01 -44.24 19.41
N GLU C 964 -10.42 -45.24 20.18
CA GLU C 964 -11.44 -46.17 19.70
C GLU C 964 -12.80 -45.46 19.74
N VAL C 965 -13.32 -45.13 18.56
CA VAL C 965 -14.45 -44.21 18.47
C VAL C 965 -15.80 -44.92 18.57
N TYR C 966 -15.91 -46.15 18.04
CA TYR C 966 -17.18 -46.87 18.15
C TYR C 966 -17.40 -47.47 19.52
N GLN C 967 -16.38 -47.45 20.39
CA GLN C 967 -16.53 -47.79 21.80
C GLN C 967 -16.53 -46.56 22.69
N LYS C 968 -16.18 -45.39 22.15
CA LYS C 968 -16.19 -44.13 22.89
C LYS C 968 -16.77 -43.06 21.98
N PRO C 969 -18.07 -43.14 21.67
CA PRO C 969 -18.64 -42.24 20.66
C PRO C 969 -18.86 -40.83 21.14
N ASN C 970 -18.43 -40.50 22.36
CA ASN C 970 -18.56 -39.17 22.93
C ASN C 970 -17.21 -38.73 23.47
N PRO C 971 -16.31 -38.28 22.60
CA PRO C 971 -15.04 -37.72 23.08
C PRO C 971 -15.27 -36.36 23.72
N SER C 972 -14.22 -35.84 24.36
CA SER C 972 -14.29 -34.52 24.95
C SER C 972 -13.83 -33.46 23.96
N ARG C 973 -13.79 -32.20 24.40
CA ARG C 973 -13.15 -31.16 23.62
C ARG C 973 -11.65 -31.40 23.50
N GLU C 974 -11.08 -32.22 24.38
CA GLU C 974 -9.64 -32.42 24.48
C GLU C 974 -9.17 -33.79 24.03
N GLU C 975 -9.97 -34.85 24.21
CA GLU C 975 -9.51 -36.18 23.84
C GLU C 975 -9.23 -36.28 22.35
N ARG C 976 -10.06 -35.62 21.52
CA ARG C 976 -9.76 -35.55 20.10
C ARG C 976 -8.50 -34.73 19.84
N ARG C 977 -8.28 -33.68 20.65
CA ARG C 977 -7.04 -32.93 20.55
C ARG C 977 -5.84 -33.83 20.86
N ARG C 978 -5.95 -34.64 21.90
CA ARG C 978 -4.90 -35.60 22.23
C ARG C 978 -4.65 -36.56 21.08
N TRP C 979 -5.71 -37.12 20.50
CA TRP C 979 -5.54 -38.12 19.45
C TRP C 979 -4.93 -37.51 18.20
N ARG C 980 -5.39 -36.32 17.81
CA ARG C 980 -4.80 -35.66 16.64
C ARG C 980 -3.35 -35.27 16.89
N SER C 981 -3.02 -34.84 18.11
CA SER C 981 -1.66 -34.42 18.39
C SER C 981 -0.70 -35.61 18.39
N THR C 982 -1.12 -36.74 18.97
CA THR C 982 -0.27 -37.91 18.91
C THR C 982 -0.18 -38.46 17.49
N LEU C 983 -1.25 -38.33 16.70
CA LEU C 983 -1.17 -38.69 15.29
C LEU C 983 -0.20 -37.79 14.55
N ASP C 984 -0.15 -36.51 14.93
CA ASP C 984 0.72 -35.55 14.24
C ASP C 984 2.19 -35.84 14.54
N LYS C 985 2.52 -36.05 15.81
CA LYS C 985 3.88 -36.47 16.14
C LYS C 985 4.21 -37.82 15.53
N GLN C 986 3.23 -38.71 15.43
CA GLN C 986 3.41 -39.99 14.78
C GLN C 986 3.86 -39.83 13.34
N LEU C 987 3.06 -39.12 12.54
CA LEU C 987 3.38 -38.95 11.13
C LEU C 987 4.56 -38.01 10.91
N ARG C 988 4.92 -37.20 11.90
CA ARG C 988 6.22 -36.53 11.85
C ARG C 988 7.36 -37.53 12.01
N LYS C 989 7.15 -38.57 12.84
CA LYS C 989 8.19 -39.56 13.05
C LYS C 989 8.50 -40.34 11.76
N LYS C 990 7.48 -40.85 11.08
CA LYS C 990 7.69 -41.74 9.96
C LYS C 990 7.68 -41.02 8.61
N MET C 991 6.62 -40.28 8.30
CA MET C 991 6.49 -39.64 7.00
C MET C 991 7.02 -38.21 6.97
N LYS C 992 7.45 -37.67 8.11
CA LYS C 992 8.02 -36.33 8.19
C LYS C 992 7.06 -35.28 7.63
N LEU C 993 5.91 -35.16 8.30
CA LEU C 993 4.86 -34.23 7.89
C LEU C 993 4.51 -33.35 9.09
N LYS C 994 5.01 -32.12 9.08
CA LYS C 994 4.74 -31.17 10.13
C LYS C 994 3.24 -30.92 10.25
N PRO C 995 2.77 -30.48 11.42
CA PRO C 995 1.35 -30.14 11.57
C PRO C 995 0.94 -29.01 10.63
N VAL C 996 -0.24 -29.15 10.03
CA VAL C 996 -0.76 -28.16 9.09
C VAL C 996 -2.14 -27.73 9.55
N MET C 997 -2.61 -26.60 8.99
CA MET C 997 -3.95 -26.13 9.27
C MET C 997 -4.97 -26.76 8.34
N ARG C 998 -4.73 -26.68 7.03
CA ARG C 998 -5.70 -27.11 6.04
C ARG C 998 -5.06 -28.06 5.04
N MET C 999 -5.88 -28.95 4.50
CA MET C 999 -5.42 -30.03 3.62
C MET C 999 -5.18 -29.47 2.21
N ASN C 1000 -4.08 -28.74 2.08
CA ASN C 1000 -3.67 -28.24 0.78
C ASN C 1000 -3.24 -29.40 -0.11
N GLY C 1001 -2.85 -29.07 -1.35
CA GLY C 1001 -2.55 -30.11 -2.33
C GLY C 1001 -1.37 -30.98 -1.95
N ASN C 1002 -0.28 -30.35 -1.50
CA ASN C 1002 0.95 -31.09 -1.19
C ASN C 1002 0.73 -32.09 -0.08
N TYR C 1003 0.23 -31.62 1.07
CA TYR C 1003 -0.05 -32.50 2.19
C TYR C 1003 -1.06 -33.57 1.81
N ALA C 1004 -2.04 -33.22 0.98
CA ALA C 1004 -3.02 -34.21 0.54
C ALA C 1004 -2.35 -35.33 -0.24
N ARG C 1005 -1.56 -34.98 -1.26
CA ARG C 1005 -0.85 -35.99 -2.04
C ARG C 1005 0.02 -36.87 -1.15
N ARG C 1006 0.86 -36.26 -0.32
CA ARG C 1006 1.84 -37.05 0.41
C ARG C 1006 1.18 -37.91 1.50
N LEU C 1007 0.13 -37.41 2.13
CA LEU C 1007 -0.49 -38.16 3.23
C LEU C 1007 -1.30 -39.34 2.71
N MET C 1008 -2.07 -39.13 1.65
CA MET C 1008 -2.94 -40.19 1.14
C MET C 1008 -2.12 -41.28 0.46
N THR C 1009 -1.34 -42.00 1.25
CA THR C 1009 -0.42 -43.01 0.76
C THR C 1009 -0.50 -44.23 1.68
N ARG C 1010 -0.32 -45.42 1.09
CA ARG C 1010 -0.34 -46.64 1.89
C ARG C 1010 0.76 -46.64 2.94
N GLU C 1011 1.84 -45.89 2.71
CA GLU C 1011 2.90 -45.77 3.70
C GLU C 1011 2.39 -45.12 4.98
N ALA C 1012 1.77 -43.94 4.86
CA ALA C 1012 1.19 -43.29 6.02
C ALA C 1012 0.05 -44.10 6.61
N VAL C 1013 -0.56 -44.98 5.82
CA VAL C 1013 -1.65 -45.80 6.33
C VAL C 1013 -1.09 -46.90 7.23
N GLU C 1014 -0.01 -47.56 6.81
CA GLU C 1014 0.67 -48.48 7.72
C GLU C 1014 1.34 -47.74 8.87
N ALA C 1015 1.61 -46.45 8.69
CA ALA C 1015 2.15 -45.63 9.78
C ALA C 1015 1.10 -45.37 10.84
N VAL C 1016 -0.14 -45.11 10.42
CA VAL C 1016 -1.24 -44.95 11.37
C VAL C 1016 -1.68 -46.29 11.92
N CYS C 1017 -1.33 -47.39 11.26
CA CYS C 1017 -1.50 -48.70 11.87
C CYS C 1017 -0.72 -48.82 13.18
N GLU C 1018 0.42 -48.14 13.27
CA GLU C 1018 1.33 -48.33 14.39
C GLU C 1018 0.67 -47.98 15.73
N LEU C 1019 -0.18 -46.96 15.74
CA LEU C 1019 -0.77 -46.52 17.00
C LEU C 1019 -2.17 -47.08 17.27
N VAL C 1020 -2.86 -47.61 16.27
CA VAL C 1020 -4.18 -48.19 16.51
C VAL C 1020 -4.01 -49.56 17.15
N PRO C 1021 -4.68 -49.85 18.27
CA PRO C 1021 -4.43 -51.10 19.01
C PRO C 1021 -4.84 -52.36 18.25
N SER C 1022 -6.08 -52.40 17.76
CA SER C 1022 -6.58 -53.61 17.11
C SER C 1022 -5.88 -53.83 15.76
N GLU C 1023 -5.94 -55.08 15.29
CA GLU C 1023 -5.30 -55.47 14.04
C GLU C 1023 -6.28 -55.74 12.91
N GLU C 1024 -7.59 -55.62 13.16
CA GLU C 1024 -8.55 -55.71 12.07
C GLU C 1024 -8.84 -54.34 11.46
N ARG C 1025 -8.90 -53.31 12.30
CA ARG C 1025 -9.02 -51.94 11.79
C ARG C 1025 -7.86 -51.60 10.87
N ARG C 1026 -6.66 -52.10 11.18
CA ARG C 1026 -5.49 -51.87 10.33
C ARG C 1026 -5.75 -52.40 8.92
N GLU C 1027 -6.18 -53.65 8.81
CA GLU C 1027 -6.43 -54.24 7.49
C GLU C 1027 -7.58 -53.53 6.77
N ALA C 1028 -8.60 -53.12 7.54
CA ALA C 1028 -9.71 -52.38 6.94
C ALA C 1028 -9.22 -51.09 6.28
N LEU C 1029 -8.51 -50.25 7.05
CA LEU C 1029 -8.01 -49.00 6.49
C LEU C 1029 -6.96 -49.23 5.40
N LEU C 1030 -6.24 -50.35 5.47
CA LEU C 1030 -5.31 -50.69 4.39
C LEU C 1030 -6.06 -50.92 3.08
N LYS C 1031 -7.08 -51.77 3.10
CA LYS C 1031 -7.89 -51.99 1.90
C LYS C 1031 -8.55 -50.71 1.43
N LEU C 1032 -9.01 -49.88 2.38
CA LEU C 1032 -9.65 -48.62 2.03
C LEU C 1032 -8.70 -47.73 1.23
N MET C 1033 -7.54 -47.42 1.81
CA MET C 1033 -6.54 -46.61 1.13
C MET C 1033 -6.10 -47.24 -0.19
N ASP C 1034 -6.03 -48.58 -0.24
CA ASP C 1034 -5.61 -49.24 -1.48
C ASP C 1034 -6.61 -49.00 -2.59
N LEU C 1035 -7.89 -49.21 -2.32
CA LEU C 1035 -8.92 -48.94 -3.33
C LEU C 1035 -8.96 -47.46 -3.69
N TYR C 1036 -8.71 -46.59 -2.70
CA TYR C 1036 -8.76 -45.16 -2.97
C TYR C 1036 -7.63 -44.71 -3.89
N LEU C 1037 -6.43 -45.27 -3.70
CA LEU C 1037 -5.34 -45.00 -4.63
C LEU C 1037 -5.57 -45.66 -5.97
N GLN C 1038 -6.14 -46.85 -5.95
CA GLN C 1038 -6.57 -47.43 -7.23
C GLN C 1038 -7.51 -46.48 -8.00
N MET C 1039 -8.34 -45.73 -7.30
CA MET C 1039 -9.40 -44.94 -7.94
C MET C 1039 -9.08 -43.47 -8.16
N LYS C 1040 -8.04 -42.93 -7.50
CA LYS C 1040 -7.72 -41.51 -7.65
C LYS C 1040 -7.26 -41.15 -9.06
N PRO C 1041 -6.23 -41.78 -9.64
CA PRO C 1041 -5.80 -41.38 -10.99
C PRO C 1041 -6.82 -41.68 -12.05
N VAL C 1042 -7.85 -42.48 -11.75
CA VAL C 1042 -8.94 -42.66 -12.69
C VAL C 1042 -9.59 -41.33 -13.00
N TRP C 1043 -9.65 -40.42 -12.03
CA TRP C 1043 -10.21 -39.10 -12.27
C TRP C 1043 -9.14 -38.02 -12.47
N ARG C 1044 -7.99 -38.12 -11.81
CA ARG C 1044 -7.00 -37.05 -11.99
C ARG C 1044 -6.22 -37.16 -13.30
N SER C 1045 -6.44 -38.22 -14.09
CA SER C 1045 -5.70 -38.39 -15.32
C SER C 1045 -6.02 -37.27 -16.32
N THR C 1046 -5.10 -37.06 -17.26
CA THR C 1046 -5.36 -36.11 -18.34
C THR C 1046 -6.35 -36.70 -19.34
N CYS C 1047 -6.27 -38.01 -19.58
CA CYS C 1047 -7.23 -38.73 -20.40
C CYS C 1047 -7.21 -40.21 -20.01
N PRO C 1048 -8.08 -40.64 -19.10
CA PRO C 1048 -8.07 -42.05 -18.68
C PRO C 1048 -8.44 -43.01 -19.80
N SER C 1049 -9.07 -42.52 -20.87
CA SER C 1049 -9.30 -43.35 -22.05
C SER C 1049 -8.00 -43.85 -22.65
N ARG C 1050 -6.88 -43.18 -22.37
CA ARG C 1050 -5.57 -43.52 -22.90
C ARG C 1050 -4.54 -43.80 -21.80
N ASP C 1051 -4.55 -43.02 -20.71
CA ASP C 1051 -3.51 -43.14 -19.70
C ASP C 1051 -3.65 -44.45 -18.93
N CYS C 1052 -4.81 -44.70 -18.34
CA CYS C 1052 -5.05 -45.90 -17.56
C CYS C 1052 -6.53 -46.24 -17.56
N PRO C 1053 -7.02 -46.87 -18.65
CA PRO C 1053 -8.41 -47.32 -18.67
C PRO C 1053 -8.66 -48.55 -17.82
N ASP C 1054 -7.60 -49.25 -17.39
CA ASP C 1054 -7.76 -50.43 -16.56
C ASP C 1054 -8.54 -50.11 -15.29
N GLN C 1055 -8.02 -49.17 -14.49
CA GLN C 1055 -8.72 -48.77 -13.27
C GLN C 1055 -10.07 -48.14 -13.56
N LEU C 1056 -10.27 -47.58 -14.77
CA LEU C 1056 -11.58 -47.06 -15.14
C LEU C 1056 -12.61 -48.18 -15.23
N CYS C 1057 -12.25 -49.27 -15.91
CA CYS C 1057 -13.19 -50.40 -16.00
C CYS C 1057 -13.42 -51.03 -14.64
N GLN C 1058 -12.44 -50.96 -13.73
CA GLN C 1058 -12.60 -51.47 -12.38
C GLN C 1058 -13.24 -50.47 -11.43
N TYR C 1059 -13.43 -49.22 -11.86
CA TYR C 1059 -13.80 -48.16 -10.92
C TYR C 1059 -15.16 -48.41 -10.29
N SER C 1060 -16.11 -48.96 -11.05
CA SER C 1060 -17.41 -49.27 -10.48
C SER C 1060 -17.28 -50.22 -9.29
N TYR C 1061 -16.61 -51.37 -9.51
CA TYR C 1061 -16.46 -52.35 -8.44
C TYR C 1061 -15.54 -51.83 -7.33
N ASN C 1062 -14.49 -51.10 -7.71
CA ASN C 1062 -13.58 -50.54 -6.71
C ASN C 1062 -14.33 -49.59 -5.78
N SER C 1063 -15.09 -48.66 -6.35
CA SER C 1063 -15.90 -47.76 -5.56
C SER C 1063 -16.97 -48.48 -4.72
N GLN C 1064 -17.51 -49.59 -5.20
CA GLN C 1064 -18.55 -50.29 -4.40
C GLN C 1064 -17.93 -50.98 -3.23
N GLN C 1065 -16.78 -51.60 -3.44
CA GLN C 1065 -16.08 -52.15 -2.30
C GLN C 1065 -15.73 -51.05 -1.32
N PHE C 1066 -15.33 -49.87 -1.81
CA PHE C 1066 -15.03 -48.76 -0.91
C PHE C 1066 -16.27 -48.37 -0.11
N ALA C 1067 -17.41 -48.25 -0.78
CA ALA C 1067 -18.65 -47.89 -0.10
C ALA C 1067 -19.05 -48.96 0.91
N ASP C 1068 -18.94 -50.23 0.53
CA ASP C 1068 -19.26 -51.31 1.45
C ASP C 1068 -18.36 -51.29 2.67
N LEU C 1069 -17.07 -50.98 2.47
CA LEU C 1069 -16.14 -50.93 3.59
C LEU C 1069 -16.46 -49.75 4.51
N LEU C 1070 -16.82 -48.60 3.94
CA LEU C 1070 -17.20 -47.47 4.79
C LEU C 1070 -18.49 -47.76 5.55
N SER C 1071 -19.45 -48.42 4.91
CA SER C 1071 -20.74 -48.70 5.56
C SER C 1071 -20.66 -49.84 6.57
N SER C 1072 -19.69 -50.73 6.45
CA SER C 1072 -19.54 -51.81 7.42
C SER C 1072 -18.56 -51.49 8.53
N MET C 1073 -17.51 -50.72 8.25
CA MET C 1073 -16.49 -50.42 9.23
C MET C 1073 -16.72 -49.06 9.90
N PHE C 1074 -16.80 -47.99 9.10
CA PHE C 1074 -16.80 -46.63 9.63
C PHE C 1074 -18.18 -45.97 9.57
N LYS C 1075 -19.26 -46.75 9.51
CA LYS C 1075 -20.57 -46.12 9.49
C LYS C 1075 -20.94 -45.48 10.82
N TYR C 1076 -20.07 -45.57 11.82
CA TYR C 1076 -20.26 -44.83 13.07
C TYR C 1076 -20.44 -43.34 12.84
N ARG C 1077 -20.01 -42.84 11.69
CA ARG C 1077 -20.08 -41.42 11.36
C ARG C 1077 -20.97 -41.11 10.17
N TYR C 1078 -21.16 -42.06 9.24
CA TYR C 1078 -21.87 -41.81 7.99
C TYR C 1078 -23.31 -42.28 8.03
N ASP C 1079 -23.96 -42.18 9.19
CA ASP C 1079 -25.39 -42.50 9.27
C ASP C 1079 -26.19 -41.59 8.35
N GLY C 1080 -26.13 -40.28 8.61
CA GLY C 1080 -26.81 -39.29 7.80
C GLY C 1080 -25.89 -38.20 7.31
N LYS C 1081 -24.60 -38.33 7.59
CA LYS C 1081 -23.60 -37.34 7.23
C LYS C 1081 -22.71 -37.87 6.12
N ILE C 1082 -22.46 -37.03 5.12
CA ILE C 1082 -21.51 -37.35 4.06
C ILE C 1082 -20.93 -36.04 3.56
N THR C 1083 -19.60 -35.93 3.47
CA THR C 1083 -18.98 -34.73 2.93
C THR C 1083 -19.29 -34.59 1.44
N ASN C 1084 -19.53 -33.35 1.01
CA ASN C 1084 -20.05 -33.07 -0.33
C ASN C 1084 -19.24 -33.76 -1.42
N TYR C 1085 -17.93 -33.45 -1.48
CA TYR C 1085 -17.03 -34.02 -2.48
C TYR C 1085 -17.19 -35.52 -2.60
N LEU C 1086 -17.35 -36.20 -1.46
CA LEU C 1086 -17.34 -37.66 -1.44
C LEU C 1086 -18.51 -38.23 -2.24
N HIS C 1087 -19.67 -37.59 -2.19
CA HIS C 1087 -20.82 -38.12 -2.93
C HIS C 1087 -20.55 -38.15 -4.43
N LYS C 1088 -20.09 -37.02 -4.98
CA LYS C 1088 -19.76 -36.98 -6.41
C LYS C 1088 -18.59 -37.89 -6.75
N THR C 1089 -17.65 -38.07 -5.81
CA THR C 1089 -16.50 -38.91 -6.12
C THR C 1089 -16.84 -40.40 -6.05
N LEU C 1090 -17.89 -40.77 -5.33
CA LEU C 1090 -18.25 -42.17 -5.20
C LEU C 1090 -19.37 -42.61 -6.14
N ALA C 1091 -20.29 -41.70 -6.50
CA ALA C 1091 -21.51 -42.10 -7.19
C ALA C 1091 -21.44 -41.92 -8.71
N HIS C 1092 -20.98 -40.75 -9.18
CA HIS C 1092 -21.13 -40.38 -10.58
C HIS C 1092 -19.84 -40.45 -11.39
N VAL C 1093 -18.68 -40.64 -10.74
CA VAL C 1093 -17.40 -40.52 -11.43
C VAL C 1093 -17.32 -41.37 -12.70
N PRO C 1094 -17.58 -42.68 -12.66
CA PRO C 1094 -17.52 -43.44 -13.93
C PRO C 1094 -18.49 -42.91 -14.97
N GLU C 1095 -19.69 -42.55 -14.54
CA GLU C 1095 -20.65 -41.93 -15.45
C GLU C 1095 -20.07 -40.66 -16.08
N ILE C 1096 -19.45 -39.80 -15.26
CA ILE C 1096 -18.90 -38.55 -15.78
C ILE C 1096 -17.80 -38.82 -16.79
N VAL C 1097 -16.86 -39.71 -16.41
CA VAL C 1097 -15.73 -40.01 -17.28
C VAL C 1097 -16.21 -40.54 -18.62
N GLU C 1098 -17.22 -41.42 -18.60
CA GLU C 1098 -17.77 -41.89 -19.86
C GLU C 1098 -18.49 -40.78 -20.61
N ARG C 1099 -19.14 -39.87 -19.89
CA ARG C 1099 -19.89 -38.78 -20.52
C ARG C 1099 -18.97 -37.82 -21.26
N ASP C 1100 -17.79 -37.54 -20.73
CA ASP C 1100 -16.92 -36.53 -21.31
C ASP C 1100 -15.64 -37.08 -21.92
N GLY C 1101 -15.04 -38.11 -21.33
CA GLY C 1101 -13.77 -38.64 -21.78
C GLY C 1101 -12.63 -38.41 -20.83
N SER C 1102 -12.79 -37.54 -19.84
CA SER C 1102 -11.77 -37.27 -18.83
C SER C 1102 -12.44 -36.49 -17.70
N ILE C 1103 -11.65 -36.17 -16.68
CA ILE C 1103 -12.13 -35.32 -15.60
C ILE C 1103 -11.16 -34.15 -15.43
N GLY C 1104 -9.87 -34.46 -15.30
CA GLY C 1104 -8.89 -33.40 -15.12
C GLY C 1104 -8.78 -32.45 -16.29
N ALA C 1105 -9.23 -32.87 -17.47
CA ALA C 1105 -9.09 -32.08 -18.69
C ALA C 1105 -10.12 -30.96 -18.80
N TRP C 1106 -10.81 -30.61 -17.72
CA TRP C 1106 -11.74 -29.49 -17.75
C TRP C 1106 -11.65 -28.64 -16.48
N ALA C 1107 -10.59 -28.80 -15.70
CA ALA C 1107 -10.47 -28.10 -14.43
C ALA C 1107 -10.48 -26.60 -14.63
N SER C 1108 -11.24 -25.90 -13.77
CA SER C 1108 -11.24 -24.44 -13.79
C SER C 1108 -9.85 -23.88 -13.57
N GLU C 1109 -8.96 -24.65 -12.93
CA GLU C 1109 -7.65 -24.16 -12.51
C GLU C 1109 -6.94 -23.39 -13.61
N GLY C 1110 -7.22 -23.74 -14.88
CA GLY C 1110 -6.67 -22.99 -15.99
C GLY C 1110 -6.82 -21.49 -15.82
N ASN C 1111 -8.07 -21.00 -15.85
CA ASN C 1111 -8.30 -19.58 -15.65
C ASN C 1111 -7.73 -19.11 -14.32
N GLU C 1112 -7.68 -20.00 -13.32
CA GLU C 1112 -7.07 -19.66 -12.04
C GLU C 1112 -5.63 -19.23 -12.23
N SER C 1113 -4.85 -20.03 -12.96
CA SER C 1113 -3.47 -19.64 -13.21
C SER C 1113 -3.40 -18.31 -13.95
N GLY C 1114 -4.43 -17.98 -14.72
CA GLY C 1114 -4.44 -16.70 -15.40
C GLY C 1114 -4.44 -15.52 -14.46
N ASN C 1115 -4.97 -15.71 -13.24
CA ASN C 1115 -5.14 -14.60 -12.31
C ASN C 1115 -3.85 -13.80 -12.14
N LYS C 1116 -2.76 -14.49 -11.81
CA LYS C 1116 -1.46 -13.86 -11.70
C LYS C 1116 -1.21 -12.90 -12.85
N LEU C 1117 -1.28 -13.42 -14.08
CA LEU C 1117 -1.07 -12.60 -15.27
C LEU C 1117 -1.83 -11.29 -15.17
N PHE C 1118 -3.15 -11.37 -14.92
CA PHE C 1118 -3.95 -10.16 -14.88
C PHE C 1118 -3.34 -9.13 -13.93
N ARG C 1119 -3.13 -9.50 -12.67
CA ARG C 1119 -2.63 -8.51 -11.73
C ARG C 1119 -1.24 -8.04 -12.15
N ARG C 1120 -0.42 -8.94 -12.68
CA ARG C 1120 0.87 -8.55 -13.17
C ARG C 1120 0.75 -7.50 -14.25
N PHE C 1121 -0.18 -7.70 -15.19
CA PHE C 1121 -0.36 -6.73 -16.27
C PHE C 1121 -0.86 -5.40 -15.76
N ARG C 1122 -1.43 -5.36 -14.56
CA ARG C 1122 -1.87 -4.10 -14.01
C ARG C 1122 -0.70 -3.27 -13.50
N LYS C 1123 0.43 -3.91 -13.21
CA LYS C 1123 1.54 -3.23 -12.55
C LYS C 1123 2.51 -2.58 -13.54
N MET C 1124 2.49 -2.97 -14.81
CA MET C 1124 3.53 -2.56 -15.74
C MET C 1124 3.05 -2.05 -17.09
N ASN C 1125 1.77 -2.22 -17.44
CA ASN C 1125 1.30 -1.85 -18.78
C ASN C 1125 -0.01 -1.07 -18.78
N ALA C 1126 -0.55 -0.71 -17.62
CA ALA C 1126 -1.79 0.06 -17.59
C ALA C 1126 -1.55 1.45 -18.18
N ARG C 1127 -2.63 2.25 -18.25
CA ARG C 1127 -2.51 3.55 -18.92
C ARG C 1127 -1.89 4.64 -18.04
N GLN C 1128 -2.41 4.88 -16.82
CA GLN C 1128 -3.51 4.20 -16.15
C GLN C 1128 -4.60 5.18 -15.73
N SER C 1129 -5.82 4.89 -16.17
CA SER C 1129 -7.02 5.59 -15.70
C SER C 1129 -8.19 4.69 -16.07
N LYS C 1130 -8.98 4.28 -15.07
CA LYS C 1130 -9.78 3.06 -15.16
C LYS C 1130 -10.65 2.98 -16.40
N THR C 1131 -10.89 4.10 -17.10
CA THR C 1131 -11.58 4.02 -18.39
C THR C 1131 -10.75 3.25 -19.41
N PHE C 1132 -9.43 3.45 -19.41
CA PHE C 1132 -8.53 2.81 -20.36
C PHE C 1132 -7.75 1.64 -19.78
N GLU C 1133 -7.57 1.61 -18.46
CA GLU C 1133 -6.74 0.59 -17.82
C GLU C 1133 -7.18 -0.81 -18.20
N LEU C 1134 -8.48 -1.06 -18.08
CA LEU C 1134 -9.02 -2.36 -18.48
C LEU C 1134 -8.69 -2.65 -19.94
N GLU C 1135 -9.18 -1.80 -20.85
CA GLU C 1135 -8.97 -1.97 -22.29
C GLU C 1135 -7.54 -2.41 -22.58
N ASP C 1136 -6.57 -1.75 -21.95
CA ASP C 1136 -5.18 -2.10 -22.24
C ASP C 1136 -4.78 -3.44 -21.65
N ILE C 1137 -5.19 -3.73 -20.41
CA ILE C 1137 -4.88 -5.03 -19.82
C ILE C 1137 -5.46 -6.15 -20.69
N LEU C 1138 -6.69 -5.97 -21.15
CA LEU C 1138 -7.33 -6.99 -21.99
C LEU C 1138 -6.57 -7.18 -23.30
N LYS C 1139 -6.22 -6.07 -23.96
CA LYS C 1139 -5.46 -6.16 -25.21
C LYS C 1139 -4.17 -6.95 -25.01
N HIS C 1140 -3.41 -6.62 -23.97
CA HIS C 1140 -2.14 -7.30 -23.76
C HIS C 1140 -2.33 -8.76 -23.39
N HIS C 1141 -3.33 -9.07 -22.56
CA HIS C 1141 -3.62 -10.48 -22.25
C HIS C 1141 -3.89 -11.27 -23.52
N TRP C 1142 -4.83 -10.77 -24.35
CA TRP C 1142 -5.16 -11.48 -25.58
C TRP C 1142 -3.93 -11.67 -26.45
N LEU C 1143 -3.07 -10.65 -26.52
CA LEU C 1143 -1.82 -10.82 -27.26
C LEU C 1143 -0.99 -11.95 -26.66
N TYR C 1144 -0.93 -12.03 -25.34
CA TYR C 1144 -0.09 -13.02 -24.68
C TYR C 1144 -0.64 -14.43 -24.82
N THR C 1145 -1.90 -14.59 -25.19
CA THR C 1145 -2.44 -15.94 -25.24
C THR C 1145 -2.86 -16.38 -26.63
N SER C 1146 -2.03 -16.10 -27.63
CA SER C 1146 -2.34 -16.51 -28.99
C SER C 1146 -1.30 -17.52 -29.46
N LYS C 1147 -1.78 -18.67 -29.93
CA LYS C 1147 -0.92 -19.77 -30.38
C LYS C 1147 0.16 -19.29 -31.34
N TYR C 1148 -0.16 -18.28 -32.15
CA TYR C 1148 0.80 -17.74 -33.11
C TYR C 1148 2.05 -17.24 -32.40
N LEU C 1149 1.89 -16.33 -31.45
CA LEU C 1149 3.05 -15.74 -30.81
C LEU C 1149 3.67 -16.64 -29.75
N GLN C 1150 3.19 -17.88 -29.62
CA GLN C 1150 3.94 -18.92 -28.93
C GLN C 1150 4.75 -19.78 -29.90
N LYS C 1151 4.20 -20.03 -31.10
CA LYS C 1151 4.95 -20.70 -32.15
C LYS C 1151 6.24 -19.96 -32.51
N PHE C 1152 6.31 -18.65 -32.26
CA PHE C 1152 7.53 -17.89 -32.51
C PHE C 1152 8.47 -17.89 -31.33
N MET C 1153 7.99 -18.22 -30.14
CA MET C 1153 8.84 -18.41 -28.98
C MET C 1153 9.12 -19.90 -28.79
N GLU C 1154 9.80 -20.46 -29.79
CA GLU C 1154 10.09 -21.89 -29.83
C GLU C 1154 10.83 -22.34 -28.57
N ALA C 1155 12.04 -21.82 -28.37
CA ALA C 1155 12.88 -22.17 -27.24
C ALA C 1155 13.06 -23.69 -27.16
N HIS C 1156 13.72 -24.21 -28.19
CA HIS C 1156 13.98 -25.64 -28.30
C HIS C 1156 14.75 -26.18 -27.10
N MET D 4 -41.40 17.42 11.01
CA MET D 4 -40.30 17.69 10.09
C MET D 4 -38.97 17.65 10.84
N SER D 5 -38.58 16.44 11.25
CA SER D 5 -37.36 16.27 12.02
C SER D 5 -36.74 14.93 11.67
N LEU D 6 -35.41 14.89 11.72
CA LEU D 6 -34.62 13.72 11.38
C LEU D 6 -33.92 13.18 12.62
N GLN D 7 -33.79 11.84 12.65
CA GLN D 7 -32.96 11.17 13.65
C GLN D 7 -32.10 10.16 12.90
N PRO D 8 -30.78 10.22 13.03
CA PRO D 8 -29.93 9.20 12.40
C PRO D 8 -30.11 7.86 13.07
N LEU D 9 -30.50 6.87 12.28
CA LEU D 9 -30.73 5.52 12.77
C LEU D 9 -29.44 4.70 12.60
N THR D 10 -29.52 3.41 12.85
CA THR D 10 -28.38 2.52 12.71
C THR D 10 -28.87 1.13 12.30
N ALA D 11 -28.03 0.42 11.56
CA ALA D 11 -28.33 -0.95 11.12
C ALA D 11 -27.72 -1.92 12.14
N VAL D 12 -28.57 -2.51 12.98
CA VAL D 12 -28.09 -3.41 14.02
C VAL D 12 -27.42 -4.67 13.43
N ASN D 13 -28.19 -5.51 12.80
CA ASN D 13 -27.88 -6.50 11.79
C ASN D 13 -28.66 -6.47 10.53
N CYS D 14 -28.45 -7.52 9.71
CA CYS D 14 -29.20 -7.71 8.47
C CYS D 14 -29.22 -6.42 7.64
N GLY D 15 -28.01 -5.91 7.39
CA GLY D 15 -27.84 -4.63 6.74
C GLY D 15 -27.43 -4.74 5.29
N SER D 16 -26.88 -5.88 4.90
CA SER D 16 -26.45 -6.09 3.53
C SER D 16 -27.61 -6.44 2.61
N LEU D 17 -28.83 -6.09 3.04
CA LEU D 17 -30.04 -6.57 2.41
C LEU D 17 -30.94 -5.45 1.89
N VAL D 18 -30.45 -4.21 1.83
CA VAL D 18 -31.20 -3.10 1.29
C VAL D 18 -30.44 -2.54 0.08
N GLN D 19 -31.14 -2.35 -1.03
CA GLN D 19 -30.58 -1.88 -2.28
C GLN D 19 -31.32 -0.62 -2.74
N PRO D 20 -30.65 0.26 -3.50
CA PRO D 20 -31.25 1.56 -3.85
C PRO D 20 -32.65 1.51 -4.39
N GLY D 21 -33.06 0.38 -5.02
CA GLY D 21 -34.43 0.16 -5.37
C GLY D 21 -35.07 -0.83 -4.41
N PHE D 22 -36.10 -0.37 -3.71
CA PHE D 22 -36.82 -1.23 -2.78
C PHE D 22 -38.18 -0.60 -2.49
N SER D 23 -39.02 -1.37 -1.80
CA SER D 23 -40.36 -0.91 -1.49
C SER D 23 -40.71 -1.22 -0.04
N LEU D 24 -41.64 -0.42 0.50
CA LEU D 24 -42.11 -0.55 1.86
C LEU D 24 -43.63 -0.67 1.84
N LEU D 25 -44.13 -1.79 2.32
CA LEU D 25 -45.55 -2.06 2.37
C LEU D 25 -46.05 -1.70 3.76
N ASP D 26 -46.93 -0.71 3.84
CA ASP D 26 -47.47 -0.22 5.09
C ASP D 26 -48.90 -0.75 5.21
N LEU D 27 -49.11 -1.66 6.16
CA LEU D 27 -50.43 -2.18 6.44
C LEU D 27 -50.39 -2.93 7.76
N GLU D 28 -51.45 -2.77 8.56
CA GLU D 28 -51.60 -3.46 9.83
C GLU D 28 -50.36 -3.31 10.71
N GLY D 29 -50.13 -2.07 11.13
CA GLY D 29 -49.04 -1.80 12.04
C GLY D 29 -47.68 -1.87 11.40
N ASP D 30 -46.92 -2.93 11.72
CA ASP D 30 -45.55 -3.08 11.24
C ASP D 30 -45.49 -2.98 9.73
N VAL D 31 -44.31 -2.57 9.24
CA VAL D 31 -44.12 -2.31 7.84
C VAL D 31 -43.26 -3.46 7.29
N TYR D 32 -43.35 -3.70 5.99
CA TYR D 32 -42.65 -4.81 5.35
C TYR D 32 -41.71 -4.29 4.28
N LEU D 33 -40.46 -4.72 4.34
CA LEU D 33 -39.48 -4.42 3.31
C LEU D 33 -39.61 -5.43 2.18
N PHE D 34 -39.46 -4.95 0.95
CA PHE D 34 -39.68 -5.79 -0.22
C PHE D 34 -38.70 -5.42 -1.31
N GLY D 35 -38.09 -6.45 -1.91
CA GLY D 35 -37.08 -6.24 -2.95
C GLY D 35 -35.66 -6.29 -2.45
N GLN D 36 -35.31 -7.35 -1.72
CA GLN D 36 -33.97 -7.51 -1.20
C GLN D 36 -32.97 -7.72 -2.34
N LYS D 37 -31.71 -7.35 -2.10
CA LYS D 37 -30.65 -7.62 -3.06
C LYS D 37 -30.31 -9.10 -3.07
N GLY D 38 -30.07 -9.64 -4.26
CA GLY D 38 -29.76 -11.04 -4.38
C GLY D 38 -30.99 -11.90 -4.14
N TRP D 39 -30.98 -13.12 -4.68
CA TRP D 39 -32.15 -13.98 -4.60
C TRP D 39 -32.47 -14.31 -3.14
N PRO D 40 -33.69 -14.76 -2.87
CA PRO D 40 -34.04 -15.12 -1.48
C PRO D 40 -33.10 -16.18 -0.93
N LYS D 41 -32.52 -15.89 0.23
CA LYS D 41 -31.61 -16.81 0.90
C LYS D 41 -32.43 -17.94 1.53
N ARG D 42 -31.76 -18.78 2.33
CA ARG D 42 -32.44 -19.81 3.10
C ARG D 42 -33.09 -19.25 4.36
N SER D 43 -32.48 -18.22 4.96
CA SER D 43 -33.02 -17.61 6.17
C SER D 43 -34.44 -17.10 5.98
N CYS D 44 -34.79 -16.70 4.77
CA CYS D 44 -36.10 -16.10 4.47
C CYS D 44 -36.60 -16.63 3.15
N PRO D 45 -37.17 -17.84 3.13
CA PRO D 45 -37.53 -18.48 1.86
C PRO D 45 -38.52 -17.69 1.04
N THR D 46 -39.17 -16.69 1.64
CA THR D 46 -40.03 -15.79 0.90
C THR D 46 -39.27 -14.60 0.32
N GLY D 47 -38.49 -13.91 1.16
CA GLY D 47 -37.88 -12.67 0.73
C GLY D 47 -38.46 -11.44 1.40
N ILE D 48 -39.78 -11.36 1.55
CA ILE D 48 -40.39 -10.24 2.25
C ILE D 48 -39.83 -10.18 3.66
N PHE D 49 -39.51 -8.98 4.13
CA PHE D 49 -39.03 -8.79 5.49
C PHE D 49 -40.04 -7.98 6.29
N GLY D 50 -40.02 -8.15 7.61
CA GLY D 50 -40.69 -7.23 8.51
C GLY D 50 -39.66 -6.30 9.11
N VAL D 51 -39.99 -5.02 9.24
CA VAL D 51 -39.02 -4.04 9.72
C VAL D 51 -39.60 -3.36 10.95
N ARG D 52 -38.80 -3.30 12.01
CA ARG D 52 -39.15 -2.61 13.24
C ARG D 52 -38.13 -1.53 13.52
N ILE D 53 -38.59 -0.44 14.13
CA ILE D 53 -37.74 0.67 14.53
C ILE D 53 -37.89 0.85 16.04
N LYS D 54 -36.79 0.70 16.76
CA LYS D 54 -36.78 0.74 18.22
C LYS D 54 -35.62 1.60 18.68
N LYS D 55 -35.93 2.78 19.22
CA LYS D 55 -34.96 3.78 19.65
C LYS D 55 -33.81 3.93 18.65
N GLY D 56 -34.19 4.29 17.42
CA GLY D 56 -33.22 4.50 16.36
C GLY D 56 -32.62 3.25 15.76
N GLU D 57 -32.86 2.09 16.33
CA GLU D 57 -32.35 0.85 15.79
C GLU D 57 -33.32 0.30 14.74
N LEU D 58 -32.77 -0.19 13.65
CA LEU D 58 -33.54 -0.69 12.52
C LEU D 58 -33.35 -2.20 12.47
N LYS D 59 -34.30 -2.94 13.03
CA LYS D 59 -34.22 -4.40 13.06
C LYS D 59 -35.11 -5.00 11.99
N LEU D 60 -34.70 -6.16 11.47
CA LEU D 60 -35.42 -6.85 10.42
C LEU D 60 -35.66 -8.29 10.83
N ARG D 61 -36.89 -8.75 10.68
CA ARG D 61 -37.27 -10.12 11.01
C ARG D 61 -37.84 -10.80 9.78
N ALA D 62 -37.83 -12.13 9.81
CA ALA D 62 -38.17 -12.95 8.66
C ALA D 62 -39.66 -13.25 8.68
N ILE D 63 -40.39 -12.70 7.71
CA ILE D 63 -41.79 -13.07 7.56
C ILE D 63 -41.88 -14.49 7.03
N SER D 64 -43.05 -15.09 7.22
CA SER D 64 -43.36 -16.38 6.63
C SER D 64 -44.50 -16.17 5.64
N PHE D 65 -45.04 -17.27 5.12
CA PHE D 65 -46.06 -17.18 4.10
C PHE D 65 -47.22 -18.11 4.42
N SER D 66 -48.23 -18.04 3.56
CA SER D 66 -49.39 -18.91 3.63
C SER D 66 -49.01 -20.25 3.03
N ASN D 67 -50.02 -21.08 2.75
CA ASN D 67 -49.81 -22.30 2.01
C ASN D 67 -50.38 -22.22 0.60
N ASN D 68 -51.54 -21.58 0.44
CA ASN D 68 -52.18 -21.47 -0.87
C ASN D 68 -51.56 -20.39 -1.76
N SER D 69 -50.58 -19.66 -1.27
CA SER D 69 -50.03 -18.53 -1.98
C SER D 69 -48.83 -18.93 -2.82
N SER D 70 -48.49 -18.07 -3.78
CA SER D 70 -47.28 -18.20 -4.58
C SER D 70 -46.12 -17.55 -3.83
N TYR D 71 -44.93 -17.66 -4.42
CA TYR D 71 -43.70 -17.12 -3.83
C TYR D 71 -43.08 -16.10 -4.77
N LEU D 72 -42.54 -15.02 -4.19
CA LEU D 72 -42.39 -13.93 -5.12
C LEU D 72 -40.91 -13.69 -5.39
N PRO D 73 -40.53 -13.41 -6.63
CA PRO D 73 -39.16 -13.00 -6.92
C PRO D 73 -38.94 -11.56 -6.51
N PRO D 74 -37.83 -11.26 -5.87
CA PRO D 74 -37.63 -9.91 -5.32
C PRO D 74 -37.44 -8.85 -6.38
N LEU D 75 -38.55 -8.37 -6.95
CA LEU D 75 -38.49 -7.26 -7.90
C LEU D 75 -37.81 -6.06 -7.25
N ARG D 76 -37.16 -5.24 -8.09
CA ARG D 76 -36.29 -4.18 -7.60
C ARG D 76 -36.95 -2.81 -7.60
N CYS D 77 -37.40 -2.33 -8.76
CA CYS D 77 -38.01 -1.00 -8.79
C CYS D 77 -39.43 -1.06 -9.33
N PRO D 78 -40.29 -1.89 -8.76
CA PRO D 78 -41.62 -2.09 -9.36
C PRO D 78 -42.55 -0.92 -9.09
N ALA D 79 -43.82 -1.08 -9.50
CA ALA D 79 -44.87 -0.12 -9.21
C ALA D 79 -45.80 -0.71 -8.16
N ILE D 80 -45.91 -0.03 -7.03
CA ILE D 80 -46.74 -0.49 -5.91
C ILE D 80 -48.07 0.24 -5.99
N ALA D 81 -49.13 -0.43 -5.54
CA ALA D 81 -50.44 0.22 -5.51
C ALA D 81 -51.21 -0.29 -4.30
N HIS D 82 -51.55 0.61 -3.38
CA HIS D 82 -52.30 0.23 -2.20
C HIS D 82 -53.75 -0.04 -2.59
N PHE D 83 -54.10 -1.30 -2.84
CA PHE D 83 -55.49 -1.64 -3.09
C PHE D 83 -56.22 -1.48 -1.77
N GLU D 84 -56.92 -0.36 -1.65
CA GLU D 84 -57.47 0.09 -0.37
C GLU D 84 -58.43 -0.93 0.20
N ALA D 85 -58.50 -0.96 1.53
CA ALA D 85 -59.35 -1.90 2.25
C ALA D 85 -60.81 -1.77 1.85
N GLN D 86 -61.34 -2.78 1.17
CA GLN D 86 -62.75 -2.84 0.76
C GLN D 86 -63.01 -4.23 0.20
N ASP D 87 -64.21 -4.42 -0.33
CA ASP D 87 -64.56 -5.69 -0.97
C ASP D 87 -63.62 -5.95 -2.16
N GLY D 88 -63.20 -7.21 -2.30
CA GLY D 88 -63.65 -8.30 -1.46
C GLY D 88 -62.76 -8.64 -0.28
N LYS D 89 -61.45 -8.70 -0.50
CA LYS D 89 -60.49 -9.11 0.53
C LYS D 89 -59.60 -7.94 0.91
N PRO D 90 -59.99 -7.13 1.88
CA PRO D 90 -59.10 -6.07 2.36
C PRO D 90 -58.05 -6.60 3.31
N GLU D 91 -56.89 -5.94 3.32
CA GLU D 91 -56.55 -4.86 2.41
C GLU D 91 -55.35 -5.35 1.61
N CYS D 92 -55.20 -4.92 0.36
CA CYS D 92 -54.19 -5.56 -0.46
C CYS D 92 -53.18 -4.56 -1.02
N TYR D 93 -52.11 -5.13 -1.57
CA TYR D 93 -51.11 -4.39 -2.31
C TYR D 93 -50.97 -5.06 -3.67
N LEU D 94 -51.06 -4.26 -4.74
CA LEU D 94 -50.82 -4.75 -6.08
C LEU D 94 -49.40 -4.39 -6.49
N ILE D 95 -48.65 -5.40 -6.96
CA ILE D 95 -47.25 -5.21 -7.33
C ILE D 95 -47.05 -5.69 -8.76
N HIS D 96 -46.58 -4.78 -9.61
CA HIS D 96 -46.29 -5.07 -11.01
C HIS D 96 -45.50 -3.92 -11.63
N GLY D 97 -44.37 -4.23 -12.27
CA GLY D 97 -43.86 -5.58 -12.31
C GLY D 97 -42.37 -5.61 -12.02
N GLY D 98 -41.75 -4.43 -12.04
CA GLY D 98 -40.33 -4.30 -11.77
C GLY D 98 -39.45 -5.19 -12.63
N ARG D 99 -38.21 -5.40 -12.21
CA ARG D 99 -37.30 -6.32 -12.89
C ARG D 99 -36.56 -7.16 -11.87
N THR D 100 -36.51 -8.47 -12.12
CA THR D 100 -35.93 -9.47 -11.22
C THR D 100 -34.43 -9.22 -11.02
N PRO D 101 -33.79 -9.89 -10.07
CA PRO D 101 -32.33 -9.71 -9.90
C PRO D 101 -31.51 -10.24 -11.06
N ASN D 102 -32.13 -10.93 -12.01
CA ASN D 102 -31.59 -11.08 -13.35
C ASN D 102 -32.33 -10.09 -14.24
N ASN D 103 -31.59 -9.40 -15.10
CA ASN D 103 -32.17 -8.21 -15.71
C ASN D 103 -33.24 -8.61 -16.71
N GLU D 104 -34.35 -9.11 -16.18
CA GLU D 104 -35.54 -9.46 -16.93
C GLU D 104 -36.73 -8.92 -16.17
N LEU D 105 -37.88 -8.86 -16.83
CA LEU D 105 -39.00 -8.14 -16.27
C LEU D 105 -40.21 -9.06 -16.16
N SER D 106 -41.12 -8.69 -15.26
CA SER D 106 -42.14 -9.62 -14.79
C SER D 106 -43.26 -9.83 -15.80
N SER D 107 -44.00 -8.77 -16.14
CA SER D 107 -45.25 -8.87 -16.89
C SER D 107 -46.22 -9.84 -16.21
N SER D 108 -46.26 -9.80 -14.88
CA SER D 108 -47.12 -10.68 -14.10
C SER D 108 -47.42 -10.00 -12.77
N LEU D 109 -48.62 -9.46 -12.61
CA LEU D 109 -48.99 -8.71 -11.42
C LEU D 109 -49.35 -9.64 -10.28
N TYR D 110 -48.99 -9.25 -9.07
CA TYR D 110 -49.23 -10.03 -7.86
C TYR D 110 -50.09 -9.26 -6.88
N MET D 111 -50.96 -9.98 -6.17
CA MET D 111 -51.80 -9.41 -5.12
C MET D 111 -51.31 -9.93 -3.78
N LEU D 112 -50.88 -9.01 -2.90
CA LEU D 112 -50.34 -9.33 -1.59
C LEU D 112 -51.34 -8.94 -0.52
N SER D 113 -51.62 -9.87 0.40
CA SER D 113 -52.59 -9.63 1.46
C SER D 113 -52.10 -10.30 2.75
N VAL D 114 -52.79 -10.00 3.84
CA VAL D 114 -52.51 -10.58 5.15
C VAL D 114 -53.57 -11.63 5.46
N ASP D 115 -53.19 -12.66 6.22
CA ASP D 115 -54.06 -13.80 6.47
C ASP D 115 -54.42 -13.97 7.95
N SER D 116 -53.43 -14.10 8.84
CA SER D 116 -53.71 -14.45 10.22
C SER D 116 -52.58 -13.97 11.12
N ARG D 117 -52.88 -13.95 12.42
CA ARG D 117 -51.95 -13.42 13.43
C ARG D 117 -52.52 -13.76 14.80
N GLY D 118 -51.66 -13.72 15.82
CA GLY D 118 -50.22 -13.60 15.65
C GLY D 118 -49.47 -14.89 15.37
N CYS D 119 -49.38 -15.78 16.36
CA CYS D 119 -49.85 -15.52 17.72
C CYS D 119 -48.98 -14.52 18.47
N ASN D 120 -47.71 -14.87 18.65
CA ASN D 120 -46.77 -14.06 19.44
C ASN D 120 -45.96 -13.19 18.47
N ARG D 121 -46.47 -11.99 18.20
CA ARG D 121 -45.78 -10.99 17.37
C ARG D 121 -45.40 -11.57 16.01
N LYS D 122 -46.23 -12.45 15.49
CA LYS D 122 -46.00 -13.14 14.23
C LYS D 122 -47.11 -12.79 13.26
N VAL D 123 -46.80 -12.83 11.97
CA VAL D 123 -47.78 -12.50 10.93
C VAL D 123 -47.81 -13.66 9.94
N THR D 124 -48.85 -13.67 9.11
CA THR D 124 -48.94 -14.54 7.95
C THR D 124 -49.40 -13.72 6.76
N LEU D 125 -48.71 -13.88 5.64
CA LEU D 125 -49.04 -13.16 4.41
C LEU D 125 -49.38 -14.17 3.32
N ARG D 126 -49.93 -13.64 2.23
CA ARG D 126 -50.19 -14.44 1.04
C ARG D 126 -49.99 -13.58 -0.20
N CYS D 127 -49.47 -14.21 -1.26
CA CYS D 127 -49.18 -13.54 -2.52
C CYS D 127 -49.81 -14.35 -3.63
N GLU D 128 -51.02 -13.98 -4.03
CA GLU D 128 -51.73 -14.66 -5.10
C GLU D 128 -51.34 -14.02 -6.43
N GLU D 129 -50.73 -14.82 -7.30
CA GLU D 129 -50.50 -14.37 -8.66
C GLU D 129 -51.84 -14.18 -9.35
N LYS D 130 -52.09 -12.98 -9.85
CA LYS D 130 -53.32 -12.66 -10.53
C LYS D 130 -53.03 -12.52 -12.02
N GLU D 131 -53.69 -13.33 -12.83
CA GLU D 131 -53.46 -13.29 -14.27
C GLU D 131 -53.99 -12.00 -14.86
N LEU D 132 -53.32 -11.53 -15.91
CA LEU D 132 -53.74 -10.34 -16.67
C LEU D 132 -54.06 -10.78 -18.09
N VAL D 133 -55.34 -10.73 -18.46
CA VAL D 133 -55.77 -11.04 -19.82
C VAL D 133 -56.04 -9.73 -20.54
N GLY D 134 -56.13 -9.81 -21.86
CA GLY D 134 -56.35 -8.64 -22.68
C GLY D 134 -55.86 -8.84 -24.10
N ASP D 135 -55.09 -7.91 -24.68
CA ASP D 135 -54.66 -6.60 -24.14
C ASP D 135 -53.95 -6.65 -22.78
N VAL D 136 -52.79 -7.30 -22.74
CA VAL D 136 -51.97 -7.29 -21.53
C VAL D 136 -51.04 -6.09 -21.62
N PRO D 137 -50.53 -5.58 -20.50
CA PRO D 137 -49.47 -4.57 -20.56
C PRO D 137 -48.11 -5.23 -20.68
N SER D 138 -47.19 -4.49 -21.30
CA SER D 138 -45.83 -4.97 -21.43
C SER D 138 -45.09 -4.83 -20.11
N ALA D 139 -44.17 -5.75 -19.85
CA ALA D 139 -43.33 -5.63 -18.68
C ALA D 139 -42.45 -4.39 -18.81
N ARG D 140 -42.26 -3.70 -17.70
CA ARG D 140 -41.57 -2.42 -17.68
C ARG D 140 -41.29 -2.10 -16.22
N TYR D 141 -40.46 -1.09 -15.98
CA TYR D 141 -40.12 -0.72 -14.62
C TYR D 141 -40.18 0.79 -14.46
N GLY D 142 -40.53 1.22 -13.26
CA GLY D 142 -40.64 2.63 -12.95
C GLY D 142 -41.98 3.25 -13.23
N HIS D 143 -42.93 2.51 -13.81
CA HIS D 143 -44.25 3.04 -14.08
C HIS D 143 -45.04 3.11 -12.77
N THR D 144 -46.32 3.44 -12.85
CA THR D 144 -47.14 3.60 -11.67
C THR D 144 -48.50 2.96 -11.85
N LEU D 145 -48.98 2.32 -10.79
CA LEU D 145 -50.34 1.81 -10.69
C LEU D 145 -51.06 2.55 -9.56
N SER D 146 -52.36 2.72 -9.73
CA SER D 146 -53.16 3.40 -8.70
C SER D 146 -54.60 2.94 -8.79
N VAL D 147 -55.21 2.71 -7.62
CA VAL D 147 -56.57 2.21 -7.56
C VAL D 147 -57.55 3.37 -7.68
N ILE D 148 -58.71 3.09 -8.28
CA ILE D 148 -59.79 4.06 -8.43
C ILE D 148 -61.10 3.34 -8.24
N ASN D 149 -62.16 4.13 -8.04
CA ASN D 149 -63.48 3.59 -7.74
C ASN D 149 -64.52 4.59 -8.20
N SER D 150 -65.41 4.16 -9.10
CA SER D 150 -66.43 5.06 -9.62
C SER D 150 -67.68 4.27 -9.98
N ARG D 151 -68.76 4.54 -9.25
CA ARG D 151 -70.14 4.19 -9.59
C ARG D 151 -70.27 2.79 -10.21
N GLY D 152 -69.94 1.76 -9.42
CA GLY D 152 -69.26 1.86 -8.14
C GLY D 152 -67.98 1.04 -8.28
N LYS D 153 -67.63 0.77 -9.53
CA LYS D 153 -66.62 -0.24 -9.82
C LYS D 153 -65.22 0.21 -9.40
N THR D 154 -64.47 -0.72 -8.84
CA THR D 154 -63.09 -0.49 -8.42
C THR D 154 -62.15 -1.06 -9.47
N ALA D 155 -61.35 -0.19 -10.08
CA ALA D 155 -60.37 -0.62 -11.08
C ALA D 155 -59.01 -0.06 -10.76
N CYS D 156 -58.03 -0.27 -11.65
CA CYS D 156 -56.69 0.25 -11.46
C CYS D 156 -56.19 0.89 -12.75
N VAL D 157 -55.54 2.04 -12.62
CA VAL D 157 -54.96 2.75 -13.75
C VAL D 157 -53.44 2.58 -13.69
N LEU D 158 -52.84 2.26 -14.85
CA LEU D 158 -51.42 1.97 -14.94
C LEU D 158 -50.82 2.78 -16.08
N PHE D 159 -49.71 3.46 -15.79
CA PHE D 159 -49.14 4.35 -16.80
C PHE D 159 -47.65 4.57 -16.56
N GLY D 160 -46.94 4.83 -17.64
CA GLY D 160 -45.53 5.19 -17.59
C GLY D 160 -44.62 4.00 -17.82
N GLY D 161 -43.34 4.24 -17.57
CA GLY D 161 -42.39 3.15 -17.48
C GLY D 161 -41.45 3.02 -18.67
N ARG D 162 -40.20 2.70 -18.38
CA ARG D 162 -39.21 2.38 -19.40
C ARG D 162 -39.19 0.87 -19.65
N SER D 163 -38.49 0.47 -20.70
CA SER D 163 -38.26 -0.94 -20.97
C SER D 163 -37.00 -1.06 -21.82
N TYR D 164 -36.62 -2.30 -22.08
CA TYR D 164 -35.55 -2.56 -23.03
C TYR D 164 -36.09 -2.44 -24.46
N MET D 165 -35.18 -2.28 -25.40
CA MET D 165 -35.56 -2.18 -26.80
C MET D 165 -36.37 -3.41 -27.21
N PRO D 166 -37.42 -3.23 -28.00
CA PRO D 166 -38.20 -4.38 -28.47
C PRO D 166 -37.30 -5.35 -29.24
N PRO D 167 -37.58 -6.66 -29.15
CA PRO D 167 -36.58 -7.66 -29.55
C PRO D 167 -36.36 -7.81 -31.05
N THR D 168 -36.18 -6.68 -31.74
CA THR D 168 -35.72 -6.68 -33.13
C THR D 168 -34.34 -6.02 -33.24
N GLU D 169 -34.22 -4.79 -32.78
CA GLU D 169 -32.96 -4.07 -32.71
C GLU D 169 -32.27 -4.25 -31.36
N ARG D 170 -32.78 -5.15 -30.52
CA ARG D 170 -32.17 -5.42 -29.23
C ARG D 170 -30.84 -6.11 -29.48
N THR D 171 -29.76 -5.35 -29.45
CA THR D 171 -28.44 -5.80 -29.84
C THR D 171 -27.55 -5.91 -28.61
N THR D 172 -26.57 -6.81 -28.67
CA THR D 172 -25.70 -7.04 -27.54
C THR D 172 -24.62 -5.97 -27.39
N GLN D 173 -24.82 -4.82 -28.03
CA GLN D 173 -24.14 -3.58 -27.65
C GLN D 173 -25.10 -2.55 -27.09
N ASN D 174 -26.41 -2.78 -27.24
CA ASN D 174 -27.45 -1.94 -26.64
C ASN D 174 -28.34 -2.73 -25.68
N TRP D 175 -27.92 -3.94 -25.29
CA TRP D 175 -28.73 -4.86 -24.50
C TRP D 175 -29.05 -4.31 -23.11
N ASN D 176 -28.51 -3.14 -22.77
CA ASN D 176 -28.79 -2.48 -21.51
C ASN D 176 -29.30 -1.05 -21.71
N SER D 177 -29.50 -0.61 -22.95
CA SER D 177 -30.16 0.65 -23.20
C SER D 177 -31.65 0.51 -22.97
N VAL D 178 -32.29 1.63 -22.63
CA VAL D 178 -33.72 1.61 -22.34
C VAL D 178 -34.41 2.72 -23.12
N VAL D 179 -35.72 2.59 -23.23
CA VAL D 179 -36.57 3.56 -23.91
C VAL D 179 -37.94 3.52 -23.25
N ASP D 180 -38.57 4.67 -23.17
CA ASP D 180 -39.86 4.76 -22.50
C ASP D 180 -40.90 3.96 -23.26
N CYS D 181 -41.76 3.26 -22.51
CA CYS D 181 -42.83 2.51 -23.12
C CYS D 181 -43.76 3.46 -23.86
N PRO D 182 -44.51 2.95 -24.84
CA PRO D 182 -45.48 3.79 -25.55
C PRO D 182 -46.59 4.21 -24.60
N PRO D 183 -46.94 5.50 -24.58
CA PRO D 183 -47.95 5.97 -23.61
C PRO D 183 -49.38 5.57 -23.96
N GLN D 184 -49.73 4.32 -23.65
CA GLN D 184 -51.12 3.85 -23.69
C GLN D 184 -51.47 3.41 -22.27
N VAL D 185 -52.18 4.27 -21.53
CA VAL D 185 -52.59 3.91 -20.18
C VAL D 185 -53.38 2.61 -20.22
N TYR D 186 -53.16 1.77 -19.22
CA TYR D 186 -53.88 0.52 -19.09
C TYR D 186 -54.87 0.62 -17.94
N LEU D 187 -55.97 -0.11 -18.07
CA LEU D 187 -56.94 -0.27 -16.99
C LEU D 187 -56.99 -1.74 -16.62
N ILE D 188 -56.76 -2.02 -15.35
CA ILE D 188 -56.69 -3.38 -14.83
C ILE D 188 -57.91 -3.59 -13.93
N ASP D 189 -58.79 -4.50 -14.35
CA ASP D 189 -59.87 -4.97 -13.49
C ASP D 189 -59.33 -6.12 -12.65
N LEU D 190 -59.59 -6.07 -11.34
CA LEU D 190 -59.00 -7.07 -10.44
C LEU D 190 -59.62 -8.44 -10.65
N GLU D 191 -60.88 -8.52 -11.04
CA GLU D 191 -61.52 -9.81 -11.27
C GLU D 191 -62.64 -9.62 -12.28
N PHE D 192 -62.47 -10.18 -13.48
CA PHE D 192 -61.25 -10.90 -13.83
C PHE D 192 -60.20 -9.93 -14.36
N GLY D 193 -59.07 -10.45 -14.79
CA GLY D 193 -58.00 -9.60 -15.29
C GLY D 193 -58.22 -9.10 -16.69
N CYS D 194 -59.44 -8.66 -17.00
CA CYS D 194 -59.77 -8.15 -18.32
C CYS D 194 -59.15 -6.77 -18.53
N CYS D 195 -57.84 -6.73 -18.69
CA CYS D 195 -57.14 -5.46 -18.89
C CYS D 195 -57.59 -4.82 -20.18
N THR D 196 -57.75 -3.50 -20.15
CA THR D 196 -58.18 -2.71 -21.30
C THR D 196 -57.27 -1.52 -21.45
N ALA D 197 -56.54 -1.45 -22.56
CA ALA D 197 -55.66 -0.34 -22.83
C ALA D 197 -56.41 0.78 -23.53
N HIS D 198 -55.99 2.02 -23.25
CA HIS D 198 -56.60 3.19 -23.87
C HIS D 198 -55.51 4.21 -24.13
N THR D 199 -55.80 5.15 -25.03
CA THR D 199 -54.88 6.23 -25.36
C THR D 199 -55.60 7.56 -25.20
N LEU D 200 -54.80 8.63 -25.09
CA LEU D 200 -55.34 9.97 -25.00
C LEU D 200 -54.38 10.94 -25.67
N PRO D 201 -54.88 11.81 -26.57
CA PRO D 201 -53.98 12.73 -27.28
C PRO D 201 -53.31 13.75 -26.38
N GLU D 202 -53.58 13.70 -25.07
CA GLU D 202 -52.85 14.50 -24.11
C GLU D 202 -51.59 13.81 -23.64
N LEU D 203 -51.50 12.49 -23.83
CA LEU D 203 -50.31 11.71 -23.48
C LEU D 203 -49.22 11.97 -24.53
N THR D 204 -48.62 13.16 -24.45
CA THR D 204 -47.59 13.55 -25.39
C THR D 204 -46.46 12.51 -25.42
N ASP D 205 -45.87 12.23 -24.26
CA ASP D 205 -44.79 11.26 -24.18
C ASP D 205 -44.81 10.61 -22.81
N GLY D 206 -44.65 9.28 -22.79
CA GLY D 206 -44.63 8.56 -21.53
C GLY D 206 -43.38 8.89 -20.74
N GLN D 207 -43.56 9.24 -19.48
CA GLN D 207 -42.45 9.57 -18.59
C GLN D 207 -42.19 8.40 -17.64
N SER D 208 -41.24 8.60 -16.72
CA SER D 208 -40.82 7.53 -15.83
C SER D 208 -40.59 8.09 -14.43
N PHE D 209 -40.73 7.23 -13.44
CA PHE D 209 -40.45 7.56 -12.04
C PHE D 209 -41.36 8.68 -11.53
N HIS D 210 -42.57 8.77 -12.06
CA HIS D 210 -43.48 9.88 -11.79
C HIS D 210 -44.49 9.47 -10.73
N VAL D 211 -44.36 10.03 -9.52
CA VAL D 211 -45.28 9.68 -8.45
C VAL D 211 -46.70 10.10 -8.81
N ALA D 212 -47.67 9.23 -8.50
CA ALA D 212 -49.07 9.45 -8.82
C ALA D 212 -49.88 9.61 -7.55
N LEU D 213 -51.11 10.10 -7.71
CA LEU D 213 -52.03 10.26 -6.58
C LEU D 213 -53.46 10.10 -7.09
N ALA D 214 -54.15 9.06 -6.64
CA ALA D 214 -55.51 8.77 -7.08
C ALA D 214 -56.48 9.00 -5.92
N ARG D 215 -57.59 9.67 -6.21
CA ARG D 215 -58.63 9.90 -5.21
C ARG D 215 -59.97 10.06 -5.93
N GLN D 216 -60.98 9.34 -5.46
CA GLN D 216 -62.37 9.53 -5.90
C GLN D 216 -62.45 9.64 -7.42
N ASP D 217 -62.06 8.55 -8.08
CA ASP D 217 -62.05 8.41 -9.54
C ASP D 217 -61.50 9.64 -10.27
N CYS D 218 -60.47 10.26 -9.71
CA CYS D 218 -59.70 11.30 -10.39
C CYS D 218 -58.26 11.17 -9.96
N VAL D 219 -57.33 11.18 -10.92
CA VAL D 219 -55.93 10.90 -10.62
C VAL D 219 -55.08 12.06 -11.10
N TYR D 220 -53.97 12.29 -10.40
CA TYR D 220 -53.04 13.36 -10.68
C TYR D 220 -51.63 12.78 -10.76
N PHE D 221 -50.99 12.97 -11.91
CA PHE D 221 -49.61 12.55 -12.11
C PHE D 221 -48.72 13.79 -12.05
N LEU D 222 -47.69 13.72 -11.21
CA LEU D 222 -46.81 14.85 -11.00
C LEU D 222 -45.61 14.75 -11.95
N GLY D 223 -44.63 15.62 -11.73
CA GLY D 223 -43.47 15.61 -12.60
C GLY D 223 -42.70 14.30 -12.51
N GLY D 224 -42.17 13.88 -13.64
CA GLY D 224 -41.33 12.72 -13.69
C GLY D 224 -40.09 12.98 -14.51
N HIS D 225 -39.58 11.88 -15.20
CA HIS D 225 -38.26 12.03 -15.87
C HIS D 225 -38.72 11.67 -17.30
N ILE D 226 -38.05 12.14 -18.37
CA ILE D 226 -38.20 11.62 -19.75
C ILE D 226 -36.82 11.52 -20.41
N LEU D 227 -36.48 10.35 -20.98
CA LEU D 227 -35.18 10.23 -21.65
C LEU D 227 -35.20 10.79 -23.06
N SER D 228 -36.34 10.66 -23.76
CA SER D 228 -36.43 11.04 -25.17
C SER D 228 -36.05 12.50 -25.38
N SER D 229 -36.84 13.42 -24.82
CA SER D 229 -36.49 14.84 -24.89
C SER D 229 -35.43 15.22 -23.87
N ASP D 230 -35.08 14.32 -22.95
CA ASP D 230 -34.11 14.58 -21.90
C ASP D 230 -34.50 15.79 -21.06
N CYS D 231 -35.80 16.08 -20.99
CA CYS D 231 -36.32 17.11 -20.12
C CYS D 231 -37.28 16.49 -19.11
N ARG D 232 -37.33 17.11 -17.93
CA ARG D 232 -38.25 16.73 -16.86
C ARG D 232 -39.36 17.78 -16.82
N PRO D 233 -40.44 17.60 -17.57
CA PRO D 233 -41.40 18.69 -17.73
C PRO D 233 -42.15 19.00 -16.44
N SER D 234 -42.54 20.26 -16.32
CA SER D 234 -43.30 20.74 -15.17
C SER D 234 -44.81 20.57 -15.35
N ARG D 235 -45.26 20.03 -16.48
CA ARG D 235 -46.69 19.96 -16.77
C ARG D 235 -47.35 18.90 -15.90
N LEU D 236 -47.94 19.32 -14.79
CA LEU D 236 -48.79 18.43 -14.01
C LEU D 236 -49.90 17.88 -14.90
N ILE D 237 -50.26 16.63 -14.66
CA ILE D 237 -51.29 15.97 -15.45
C ILE D 237 -52.42 15.56 -14.52
N ARG D 238 -53.65 15.66 -15.01
CA ARG D 238 -54.79 15.10 -14.32
C ARG D 238 -55.57 14.26 -15.32
N LEU D 239 -56.18 13.18 -14.85
CA LEU D 239 -57.03 12.38 -15.70
C LEU D 239 -58.22 11.84 -14.91
N HIS D 240 -59.34 11.75 -15.60
CA HIS D 240 -60.62 11.39 -14.99
C HIS D 240 -61.21 10.22 -15.75
N VAL D 241 -61.43 9.12 -15.04
CA VAL D 241 -61.91 7.87 -15.62
C VAL D 241 -63.32 7.64 -15.09
N GLU D 242 -64.15 6.97 -15.90
CA GLU D 242 -65.49 6.64 -15.44
C GLU D 242 -65.94 5.37 -16.16
N LEU D 243 -66.35 4.38 -15.37
CA LEU D 243 -66.78 3.09 -15.94
C LEU D 243 -68.27 3.17 -16.24
N LEU D 244 -68.57 3.74 -17.41
CA LEU D 244 -69.94 3.78 -17.92
C LEU D 244 -70.15 2.49 -18.71
N LEU D 245 -70.39 1.41 -17.95
CA LEU D 245 -70.40 0.06 -18.51
C LEU D 245 -71.35 -0.03 -19.71
N GLY D 246 -70.94 -0.78 -20.73
CA GLY D 246 -69.68 -1.50 -20.72
C GLY D 246 -68.48 -0.81 -21.35
N SER D 247 -68.30 0.46 -21.04
CA SER D 247 -67.18 1.24 -21.60
C SER D 247 -66.51 2.04 -20.50
N PRO D 248 -65.21 1.86 -20.28
CA PRO D 248 -64.43 2.73 -19.38
C PRO D 248 -63.96 4.01 -20.07
N VAL D 249 -64.84 5.02 -20.11
CA VAL D 249 -64.52 6.25 -20.83
C VAL D 249 -63.59 7.11 -19.97
N LEU D 250 -62.52 7.60 -20.60
CA LEU D 250 -61.42 8.26 -19.91
C LEU D 250 -61.12 9.58 -20.60
N THR D 251 -60.82 10.61 -19.82
CA THR D 251 -60.37 11.88 -20.37
C THR D 251 -59.22 12.40 -19.54
N CYS D 252 -58.55 13.43 -20.05
CA CYS D 252 -57.36 13.97 -19.40
C CYS D 252 -57.40 15.49 -19.45
N THR D 253 -56.43 16.10 -18.77
CA THR D 253 -56.28 17.55 -18.77
C THR D 253 -54.89 17.92 -18.27
N ILE D 254 -54.18 18.72 -19.07
CA ILE D 254 -52.95 19.34 -18.59
C ILE D 254 -53.32 20.41 -17.58
N LEU D 255 -52.46 20.61 -16.58
CA LEU D 255 -52.68 21.71 -15.65
C LEU D 255 -51.45 22.61 -15.63
N HIS D 256 -51.49 23.62 -14.76
CA HIS D 256 -50.49 24.68 -14.84
C HIS D 256 -49.17 24.28 -14.18
N GLU D 257 -49.20 24.00 -12.88
CA GLU D 257 -47.98 23.78 -12.11
C GLU D 257 -47.89 22.32 -11.70
N GLY D 258 -46.77 21.69 -12.06
CA GLY D 258 -46.40 20.39 -11.56
C GLY D 258 -44.93 20.38 -11.18
N LEU D 259 -44.64 19.97 -9.96
CA LEU D 259 -43.28 20.08 -9.44
C LEU D 259 -42.30 19.26 -10.30
N THR D 260 -41.11 19.82 -10.48
CA THR D 260 -40.08 19.19 -11.32
C THR D 260 -39.17 18.33 -10.46
N ILE D 261 -39.72 17.20 -10.02
CA ILE D 261 -39.02 16.25 -9.16
C ILE D 261 -39.25 14.84 -9.67
N THR D 262 -38.26 13.98 -9.45
CA THR D 262 -38.36 12.56 -9.79
C THR D 262 -37.91 11.74 -8.60
N SER D 263 -38.36 10.48 -8.56
CA SER D 263 -37.98 9.52 -7.53
C SER D 263 -38.30 10.07 -6.14
N ALA D 264 -39.57 10.38 -5.93
CA ALA D 264 -40.03 11.02 -4.71
C ALA D 264 -40.55 9.99 -3.71
N ILE D 265 -40.52 10.37 -2.44
CA ILE D 265 -41.00 9.55 -1.34
C ILE D 265 -42.23 10.23 -0.77
N ALA D 266 -43.40 9.67 -1.04
CA ALA D 266 -44.67 10.27 -0.67
C ALA D 266 -45.18 9.63 0.61
N SER D 267 -45.40 10.46 1.63
CA SER D 267 -45.97 9.97 2.88
C SER D 267 -47.39 10.50 3.03
N PRO D 268 -48.39 9.64 3.18
CA PRO D 268 -49.74 10.10 3.50
C PRO D 268 -49.87 10.37 4.99
N ILE D 269 -50.36 11.57 5.32
CA ILE D 269 -50.63 11.95 6.71
C ILE D 269 -52.13 12.01 6.99
N GLY D 270 -52.84 12.89 6.29
CA GLY D 270 -54.27 13.02 6.43
C GLY D 270 -55.02 12.10 5.49
N TYR D 271 -56.33 12.34 5.39
CA TYR D 271 -57.15 11.58 4.47
C TYR D 271 -56.64 11.73 3.04
N HIS D 272 -56.36 12.97 2.63
CA HIS D 272 -55.78 13.24 1.32
C HIS D 272 -54.72 14.33 1.45
N GLU D 273 -53.87 14.19 2.46
CA GLU D 273 -52.73 15.08 2.67
C GLU D 273 -51.46 14.28 2.48
N TYR D 274 -50.61 14.70 1.54
CA TYR D 274 -49.43 13.94 1.18
C TYR D 274 -48.20 14.85 1.26
N ILE D 275 -47.29 14.52 2.16
CA ILE D 275 -46.02 15.23 2.26
C ILE D 275 -45.03 14.55 1.34
N ILE D 276 -44.39 15.33 0.48
CA ILE D 276 -43.46 14.83 -0.53
C ILE D 276 -42.06 15.26 -0.13
N PHE D 277 -41.20 14.27 0.16
CA PHE D 277 -39.80 14.56 0.37
C PHE D 277 -39.09 14.81 -0.95
N GLY D 278 -39.30 13.92 -1.92
CA GLY D 278 -38.75 14.10 -3.24
C GLY D 278 -37.29 13.72 -3.28
N GLY D 279 -36.89 12.97 -4.31
CA GLY D 279 -35.51 12.56 -4.43
C GLY D 279 -34.62 13.54 -5.19
N TYR D 280 -34.99 13.84 -6.43
CA TYR D 280 -34.10 14.56 -7.35
C TYR D 280 -34.87 15.63 -8.09
N GLN D 281 -34.38 16.86 -8.03
CA GLN D 281 -34.95 17.96 -8.80
C GLN D 281 -34.47 17.92 -10.25
N SER D 282 -33.15 18.01 -10.45
CA SER D 282 -32.52 18.01 -11.76
C SER D 282 -31.76 16.70 -11.98
N GLU D 283 -31.26 16.53 -13.21
CA GLU D 283 -30.54 15.31 -13.55
C GLU D 283 -29.18 15.22 -12.86
N THR D 284 -28.71 16.30 -12.25
CA THR D 284 -27.43 16.31 -11.57
C THR D 284 -27.56 16.55 -10.07
N GLN D 285 -28.20 17.60 -9.59
CA GLN D 285 -28.33 17.97 -8.15
C GLN D 285 -29.66 17.42 -7.77
N LYS D 286 -29.73 16.65 -6.71
CA LYS D 286 -30.97 16.24 -6.09
C LYS D 286 -31.58 17.38 -5.31
N ARG D 287 -32.90 17.33 -5.19
CA ARG D 287 -33.61 18.31 -4.37
C ARG D 287 -33.25 18.12 -2.90
N MET D 288 -33.27 19.24 -2.16
CA MET D 288 -33.05 19.22 -0.73
C MET D 288 -34.26 19.59 0.09
N GLU D 289 -35.25 20.27 -0.50
CA GLU D 289 -36.38 20.81 0.23
C GLU D 289 -37.50 19.77 0.32
N CYS D 290 -38.65 20.19 0.83
CA CYS D 290 -39.83 19.35 0.99
C CYS D 290 -41.01 19.99 0.28
N THR D 291 -42.16 19.31 0.32
CA THR D 291 -43.37 19.84 -0.28
C THR D 291 -44.57 19.20 0.43
N TYR D 292 -45.71 19.86 0.33
CA TYR D 292 -46.97 19.34 0.86
C TYR D 292 -48.04 19.51 -0.20
N VAL D 293 -48.90 18.51 -0.33
CA VAL D 293 -49.94 18.49 -1.35
C VAL D 293 -51.24 18.02 -0.73
N GLY D 294 -52.24 18.90 -0.69
CA GLY D 294 -53.60 18.46 -0.48
C GLY D 294 -54.29 18.21 -1.80
N LEU D 295 -55.47 17.60 -1.73
CA LEU D 295 -56.24 17.39 -2.94
C LEU D 295 -57.69 17.14 -2.59
N ASP D 296 -58.57 17.58 -3.48
CA ASP D 296 -60.00 17.35 -3.39
C ASP D 296 -60.57 17.45 -4.80
N ASP D 297 -61.88 17.57 -4.92
CA ASP D 297 -62.49 17.76 -6.23
C ASP D 297 -62.12 19.10 -6.86
N VAL D 298 -61.48 19.98 -6.10
CA VAL D 298 -60.88 21.19 -6.68
C VAL D 298 -59.61 20.82 -7.42
N GLY D 299 -58.67 20.19 -6.73
CA GLY D 299 -57.41 19.78 -7.32
C GLY D 299 -56.33 19.77 -6.25
N VAL D 300 -55.08 19.78 -6.73
CA VAL D 300 -53.94 19.84 -5.82
C VAL D 300 -53.85 21.23 -5.19
N HIS D 301 -53.70 21.26 -3.88
CA HIS D 301 -53.37 22.48 -3.14
C HIS D 301 -51.93 22.35 -2.71
N MET D 302 -51.06 23.14 -3.33
CA MET D 302 -49.63 23.06 -3.09
C MET D 302 -49.25 23.81 -1.83
N GLU D 303 -48.09 23.47 -1.27
CA GLU D 303 -47.55 24.21 -0.15
C GLU D 303 -46.09 23.80 0.04
N SER D 304 -45.29 24.72 0.58
CA SER D 304 -43.89 24.46 0.92
C SER D 304 -43.78 24.45 2.44
N ARG D 305 -43.78 23.26 3.03
CA ARG D 305 -43.69 23.12 4.49
C ARG D 305 -42.26 23.39 4.93
N GLU D 306 -41.99 23.12 6.21
CA GLU D 306 -40.69 23.41 6.80
C GLU D 306 -39.66 22.40 6.34
N PRO D 307 -38.63 22.80 5.61
CA PRO D 307 -37.55 21.87 5.27
C PRO D 307 -36.59 21.72 6.45
N PRO D 308 -36.60 20.57 7.11
CA PRO D 308 -35.67 20.37 8.22
C PRO D 308 -34.24 20.42 7.71
N GLN D 309 -33.36 21.00 8.52
CA GLN D 309 -31.96 21.09 8.12
C GLN D 309 -31.35 19.70 8.10
N TRP D 310 -30.99 19.23 6.91
CA TRP D 310 -30.29 17.96 6.80
C TRP D 310 -28.85 18.14 7.26
N THR D 311 -28.24 17.04 7.74
CA THR D 311 -26.83 17.05 8.06
C THR D 311 -26.02 17.41 6.82
N SER D 312 -24.76 17.82 7.03
CA SER D 312 -23.90 18.15 5.90
C SER D 312 -23.56 16.90 5.09
N GLU D 313 -23.45 15.74 5.75
CA GLU D 313 -23.08 14.51 5.05
C GLU D 313 -24.11 14.11 4.01
N ILE D 314 -25.39 14.13 4.38
CA ILE D 314 -26.45 13.78 3.43
C ILE D 314 -26.58 14.82 2.33
N SER D 315 -26.45 16.10 2.67
CA SER D 315 -26.62 17.15 1.67
C SER D 315 -25.50 17.13 0.63
N HIS D 316 -24.30 16.73 1.03
CA HIS D 316 -23.15 16.72 0.14
C HIS D 316 -22.98 15.41 -0.61
N SER D 317 -23.91 14.47 -0.46
CA SER D 317 -23.86 13.22 -1.19
C SER D 317 -24.60 13.36 -2.51
N ARG D 318 -24.19 12.58 -3.50
CA ARG D 318 -24.80 12.65 -4.82
C ARG D 318 -26.23 12.12 -4.80
N THR D 319 -26.40 10.88 -4.39
CA THR D 319 -27.68 10.19 -4.48
C THR D 319 -28.19 9.79 -3.11
N TRP D 320 -29.49 9.46 -3.06
CA TRP D 320 -30.13 8.95 -1.87
C TRP D 320 -31.58 8.60 -2.20
N PHE D 321 -32.16 7.77 -1.34
CA PHE D 321 -33.46 7.18 -1.66
C PHE D 321 -34.19 6.87 -0.36
N GLY D 322 -35.24 6.07 -0.46
CA GLY D 322 -35.90 5.56 0.72
C GLY D 322 -37.36 5.25 0.45
N GLY D 323 -38.08 5.00 1.54
CA GLY D 323 -39.49 4.69 1.47
C GLY D 323 -40.26 5.42 2.55
N SER D 324 -41.59 5.30 2.49
CA SER D 324 -42.48 5.96 3.43
C SER D 324 -42.89 4.96 4.50
N LEU D 325 -42.46 5.21 5.74
CA LEU D 325 -42.93 4.42 6.86
C LEU D 325 -44.41 4.56 7.10
N GLY D 326 -45.07 5.51 6.45
CA GLY D 326 -46.48 5.78 6.69
C GLY D 326 -46.70 6.66 7.89
N LYS D 327 -47.81 7.41 7.87
CA LYS D 327 -48.21 8.27 8.98
C LYS D 327 -47.15 9.34 9.28
N GLY D 328 -46.70 10.02 8.23
CA GLY D 328 -45.72 11.09 8.37
C GLY D 328 -44.32 10.63 8.66
N THR D 329 -44.17 9.44 9.22
CA THR D 329 -42.85 8.83 9.38
C THR D 329 -42.39 8.26 8.05
N ALA D 330 -41.10 8.41 7.77
CA ALA D 330 -40.53 7.88 6.55
C ALA D 330 -39.06 7.58 6.79
N LEU D 331 -38.53 6.63 6.02
CA LEU D 331 -37.14 6.23 6.09
C LEU D 331 -36.43 6.70 4.83
N VAL D 332 -35.28 7.35 5.00
CA VAL D 332 -34.43 7.69 3.87
C VAL D 332 -33.04 7.14 4.17
N ALA D 333 -32.24 6.99 3.11
CA ALA D 333 -30.93 6.39 3.24
C ALA D 333 -29.99 6.95 2.18
N ILE D 334 -28.72 7.02 2.56
CA ILE D 334 -27.67 7.59 1.72
C ILE D 334 -26.57 6.55 1.60
N PRO D 335 -25.97 6.34 0.43
CA PRO D 335 -24.78 5.48 0.37
C PRO D 335 -23.61 6.09 1.13
N SER D 336 -23.15 5.38 2.15
CA SER D 336 -22.02 5.84 2.94
C SER D 336 -20.77 5.87 2.07
N GLU D 337 -20.23 7.08 1.86
CA GLU D 337 -19.10 7.27 0.97
C GLU D 337 -17.86 7.54 1.81
N GLY D 338 -17.04 6.52 1.98
CA GLY D 338 -15.82 6.63 2.76
C GLY D 338 -15.31 5.27 3.15
N ASN D 339 -14.11 5.26 3.71
CA ASN D 339 -13.49 4.03 4.17
C ASN D 339 -13.67 3.88 5.67
N PRO D 340 -13.92 2.66 6.17
CA PRO D 340 -14.07 1.46 5.34
C PRO D 340 -15.53 1.17 4.97
N THR D 341 -15.74 0.59 3.80
CA THR D 341 -17.07 0.11 3.43
C THR D 341 -17.50 -0.94 4.46
N PRO D 342 -18.69 -0.78 5.06
CA PRO D 342 -18.99 -1.49 6.32
C PRO D 342 -19.10 -3.00 6.19
N PRO D 343 -19.61 -3.56 5.06
CA PRO D 343 -20.11 -3.14 3.74
C PRO D 343 -21.55 -2.65 3.72
N GLU D 344 -22.19 -2.54 4.89
CA GLU D 344 -23.49 -1.89 4.97
C GLU D 344 -23.26 -0.39 4.77
N ALA D 345 -23.10 -0.01 3.50
CA ALA D 345 -22.73 1.35 3.14
C ALA D 345 -23.93 2.24 2.91
N TYR D 346 -25.05 1.99 3.59
CA TYR D 346 -26.26 2.80 3.49
C TYR D 346 -26.65 3.28 4.89
N HIS D 347 -26.37 4.54 5.18
CA HIS D 347 -26.79 5.12 6.45
C HIS D 347 -28.24 5.55 6.36
N PHE D 348 -29.00 5.29 7.43
CA PHE D 348 -30.43 5.52 7.47
C PHE D 348 -30.77 6.70 8.37
N TYR D 349 -31.74 7.49 7.93
CA TYR D 349 -32.33 8.56 8.73
C TYR D 349 -33.83 8.34 8.76
N GLN D 350 -34.43 8.47 9.95
CA GLN D 350 -35.88 8.53 10.05
C GLN D 350 -36.31 9.98 10.08
N VAL D 351 -37.32 10.32 9.29
CA VAL D 351 -37.77 11.70 9.13
C VAL D 351 -39.28 11.73 9.28
N SER D 352 -39.78 12.68 10.07
CA SER D 352 -41.20 12.72 10.39
C SER D 352 -41.75 14.12 10.25
N PHE D 353 -43.02 14.20 9.86
CA PHE D 353 -43.71 15.49 9.74
C PHE D 353 -44.24 15.93 11.10
N GLN D 354 -44.21 17.24 11.33
CA GLN D 354 -44.58 17.82 12.63
C GLN D 354 -43.76 17.22 13.77
ZN ZN I . 26.53 36.76 5.21
CA CA J . 15.41 16.19 -0.68
CA CA K . 16.42 17.56 2.88
ZN ZN L . -25.48 -37.19 -7.05
CA CA M . -10.55 -18.06 -7.40
CA CA N . -14.02 -19.16 -5.45
#